data_5XMQ
#
_entry.id   5XMQ
#
_cell.length_a   101.319
_cell.length_b   58.362
_cell.length_c   236.453
_cell.angle_alpha   90.000
_cell.angle_beta   90.070
_cell.angle_gamma   90.000
#
_symmetry.space_group_name_H-M   'C 1 2 1'
#
loop_
_entity.id
_entity.type
_entity.pdbx_description
1 polymer 'Serine hydroxymethyltransferase'
2 non-polymer N-GLYCINE-[3-HYDROXY-2-METHYL-5-PHOSPHONOOXYMETHYL-PYRIDIN-4-YL-METHANE]
3 non-polymer 4-[3-[(4~{S})-6-azanyl-5-cyano-3-methyl-4-propan-2-yl-2~{H}-pyrano[2,3-c]pyrazol-4-yl]-5-(trifluoromethyl)phenyl]-~{N}-methyl-~{N}-(phenylmethyl)benzenesulfonamide
4 non-polymer 'CHLORIDE ION'
5 water water
#
_entity_poly.entity_id   1
_entity_poly.type   'polypeptide(L)'
_entity_poly.pdbx_seq_one_letter_code
;MFNNEPLEQIDKELHDILADEEKRQRETINLIASENLTNGAVRECLGNRVSNKYSEGYPKKRYYGGNDFIDKIEELCQKR
ALEAFNVSDEEWGVNVQPLSGSAANVQALYALVGVKGKIMGMHLCSGGHLTHGFFDEKKKVSITSDMFESKLYKCNSQGY
VDLDAVREMALSFKPKVIICGYTSYPRDIDYQQFRQICDEVNAYLFADISHISSFVACNILNNPFLHADVVTTTTHKILR
GPRSALIFFNKKRNPGIEQKINSAVFPSFQGGPHNNKIAAVACQLKEVHSPAFKEYTQQVLLNSKALAKALISKQIDLVT
NGTDNHLIVVDLRKFSITGSKLQETCNAINVSLNKNTIPSDVDAVSPSGVRIGTPAMTTRGAKEKDMEFIADVLARAIKI
TVDLQEQYGKKLVDFKKGLPGNAQLQQLKQEVVTWAGALPFP
;
_entity_poly.pdbx_strand_id   A,B,C
#
loop_
_chem_comp.id
_chem_comp.type
_chem_comp.name
_chem_comp.formula
8A6 non-polymer 4-[3-[(4~{S})-6-azanyl-5-cyano-3-methyl-4-propan-2-yl-2~{H}-pyrano[2,3-c]pyrazol-4-yl]-5-(trifluoromethyl)phenyl]-~{N}-methyl-~{N}-(phenylmethyl)benzenesulfonamide 'C32 H30 F3 N5 O3 S'
CL non-polymer 'CHLORIDE ION' 'Cl -1'
PLG non-polymer N-GLYCINE-[3-HYDROXY-2-METHYL-5-PHOSPHONOOXYMETHYL-PYRIDIN-4-YL-METHANE] 'C10 H15 N2 O7 P'
#
# COMPACT_ATOMS: atom_id res chain seq x y z
N MET A 1 -0.41 -15.01 -17.28
CA MET A 1 -1.68 -15.82 -17.21
C MET A 1 -2.93 -14.98 -17.54
N PHE A 2 -3.02 -14.58 -18.81
CA PHE A 2 -4.13 -13.77 -19.31
C PHE A 2 -4.30 -13.95 -20.82
N ASN A 3 -5.41 -13.42 -21.36
CA ASN A 3 -5.67 -13.40 -22.80
C ASN A 3 -5.32 -12.05 -23.43
N ASN A 4 -4.42 -12.08 -24.41
CA ASN A 4 -3.94 -10.87 -25.07
C ASN A 4 -4.49 -10.64 -26.49
N GLU A 5 -5.33 -11.54 -26.99
CA GLU A 5 -5.81 -11.43 -28.36
C GLU A 5 -6.85 -10.27 -28.49
N PRO A 6 -6.82 -9.50 -29.61
CA PRO A 6 -7.68 -8.32 -29.84
C PRO A 6 -9.17 -8.50 -29.61
N LEU A 7 -9.87 -7.39 -29.46
CA LEU A 7 -11.31 -7.36 -29.19
C LEU A 7 -12.15 -8.10 -30.25
N GLU A 8 -11.76 -7.92 -31.51
CA GLU A 8 -12.41 -8.59 -32.65
C GLU A 8 -12.34 -10.11 -32.54
N GLN A 9 -11.21 -10.62 -32.03
CA GLN A 9 -11.02 -12.06 -31.86
C GLN A 9 -11.53 -12.55 -30.50
N ILE A 10 -11.20 -11.84 -29.42
CA ILE A 10 -11.59 -12.23 -28.04
C ILE A 10 -13.11 -12.26 -27.90
N ASP A 11 -13.79 -11.27 -28.48
CA ASP A 11 -15.25 -11.14 -28.35
C ASP A 11 -15.82 -10.51 -29.61
N LYS A 12 -16.03 -11.36 -30.62
CA LYS A 12 -16.62 -10.95 -31.90
C LYS A 12 -18.04 -10.40 -31.72
N GLU A 13 -18.83 -10.99 -30.84
CA GLU A 13 -20.22 -10.53 -30.64
C GLU A 13 -20.30 -9.04 -30.25
N LEU A 14 -19.47 -8.63 -29.29
CA LEU A 14 -19.43 -7.24 -28.79
C LEU A 14 -18.90 -6.28 -29.83
N HIS A 15 -17.84 -6.70 -30.53
CA HIS A 15 -17.14 -5.86 -31.51
C HIS A 15 -18.04 -5.48 -32.68
N ASP A 16 -18.97 -6.36 -33.03
CA ASP A 16 -19.93 -6.11 -34.10
C ASP A 16 -20.90 -5.02 -33.71
N ILE A 17 -21.36 -5.06 -32.46
CA ILE A 17 -22.35 -4.11 -31.98
C ILE A 17 -21.68 -2.74 -31.86
N LEU A 18 -20.44 -2.74 -31.39
CA LEU A 18 -19.64 -1.50 -31.32
C LEU A 18 -19.40 -0.91 -32.68
N ALA A 19 -19.08 -1.74 -33.67
CA ALA A 19 -18.79 -1.21 -35.02
C ALA A 19 -20.08 -0.67 -35.69
N ASP A 20 -21.22 -1.27 -35.32
CA ASP A 20 -22.53 -0.75 -35.71
C ASP A 20 -22.81 0.61 -35.08
N GLU A 21 -22.58 0.72 -33.75
CA GLU A 21 -22.72 1.99 -33.01
C GLU A 21 -21.94 3.08 -33.72
N GLU A 22 -20.71 2.76 -34.10
CA GLU A 22 -19.83 3.67 -34.82
C GLU A 22 -20.38 4.08 -36.19
N LYS A 23 -20.96 3.11 -36.91
CA LYS A 23 -21.66 3.36 -38.17
C LYS A 23 -22.88 4.31 -37.97
N ARG A 24 -23.68 4.05 -36.95
CA ARG A 24 -24.85 4.89 -36.67
C ARG A 24 -24.43 6.35 -36.34
N GLN A 25 -23.40 6.55 -35.52
CA GLN A 25 -22.90 7.91 -35.21
C GLN A 25 -22.39 8.65 -36.45
N ARG A 26 -21.72 7.91 -37.32
CA ARG A 26 -21.14 8.45 -38.54
C ARG A 26 -22.24 8.92 -39.51
N GLU A 27 -23.40 8.28 -39.44
CA GLU A 27 -24.45 8.49 -40.41
C GLU A 27 -25.68 9.17 -39.80
N THR A 28 -25.44 10.03 -38.80
CA THR A 28 -26.52 10.69 -38.03
C THR A 28 -26.24 12.20 -38.02
N ILE A 29 -27.31 12.98 -38.18
CA ILE A 29 -27.24 14.40 -37.81
C ILE A 29 -27.50 14.43 -36.31
N ASN A 30 -26.44 14.57 -35.53
CA ASN A 30 -26.56 14.58 -34.07
C ASN A 30 -26.82 15.98 -33.56
N LEU A 31 -28.07 16.24 -33.13
CA LEU A 31 -28.41 17.51 -32.51
C LEU A 31 -28.70 17.40 -31.02
N ILE A 32 -28.20 16.38 -30.33
CA ILE A 32 -28.40 16.31 -28.88
C ILE A 32 -27.54 17.41 -28.25
N ALA A 33 -28.15 18.35 -27.53
CA ALA A 33 -27.41 19.54 -27.10
C ALA A 33 -26.21 19.22 -26.18
N SER A 34 -26.35 18.18 -25.37
CA SER A 34 -25.32 17.71 -24.43
C SER A 34 -24.31 16.73 -24.99
N GLU A 35 -24.29 16.47 -26.31
CA GLU A 35 -23.40 15.45 -26.85
C GLU A 35 -22.30 16.06 -27.70
N ASN A 36 -21.23 15.31 -27.87
CA ASN A 36 -20.11 15.73 -28.72
C ASN A 36 -19.35 14.50 -29.19
N LEU A 37 -18.22 14.71 -29.88
CA LEU A 37 -17.39 13.60 -30.33
C LEU A 37 -15.95 13.79 -29.85
N THR A 38 -15.43 12.82 -29.11
CA THR A 38 -14.04 12.87 -28.61
C THR A 38 -13.05 12.56 -29.69
N ASN A 39 -11.90 13.22 -29.65
CA ASN A 39 -10.81 12.88 -30.57
C ASN A 39 -10.09 11.60 -30.12
N GLY A 40 -9.18 11.12 -30.95
CA GLY A 40 -8.48 9.87 -30.68
C GLY A 40 -7.45 9.95 -29.54
N ALA A 41 -7.04 11.16 -29.17
CA ALA A 41 -6.12 11.37 -28.08
C ALA A 41 -6.82 11.23 -26.75
N VAL A 42 -7.98 11.87 -26.61
CA VAL A 42 -8.83 11.67 -25.42
C VAL A 42 -9.13 10.20 -25.19
N ARG A 43 -9.45 9.50 -26.26
CA ARG A 43 -9.77 8.08 -26.20
C ARG A 43 -8.57 7.12 -25.96
N GLU A 44 -7.38 7.47 -26.44
CA GLU A 44 -6.12 6.80 -26.06
C GLU A 44 -5.90 6.88 -24.53
N CYS A 45 -6.10 8.06 -23.94
CA CYS A 45 -6.06 8.21 -22.48
C CYS A 45 -7.06 7.32 -21.77
N LEU A 46 -8.30 7.29 -22.24
CA LEU A 46 -9.34 6.48 -21.58
C LEU A 46 -9.01 5.00 -21.59
N GLY A 47 -8.27 4.53 -22.61
CA GLY A 47 -7.82 3.14 -22.69
C GLY A 47 -6.40 2.90 -22.19
N ASN A 48 -5.90 3.81 -21.36
CA ASN A 48 -4.55 3.73 -20.82
C ASN A 48 -4.48 2.89 -19.54
N ARG A 49 -3.38 2.16 -19.37
CA ARG A 49 -3.15 1.33 -18.17
C ARG A 49 -3.08 2.10 -16.85
N VAL A 50 -3.10 3.43 -16.88
CA VAL A 50 -3.16 4.22 -15.66
C VAL A 50 -4.41 3.93 -14.77
N SER A 51 -5.48 3.38 -15.36
CA SER A 51 -6.66 2.95 -14.59
C SER A 51 -6.48 1.66 -13.73
N ASN A 52 -5.38 0.94 -13.89
CA ASN A 52 -5.00 -0.10 -12.94
C ASN A 52 -4.65 0.44 -11.52
N LYS A 53 -4.33 1.72 -11.38
CA LYS A 53 -3.79 2.22 -10.13
C LYS A 53 -4.87 2.67 -9.19
N TYR A 54 -4.86 2.12 -7.96
CA TYR A 54 -5.63 2.65 -6.83
C TYR A 54 -4.88 3.83 -6.20
N SER A 55 -5.50 4.99 -6.17
CA SER A 55 -4.83 6.17 -5.68
C SER A 55 -5.79 7.05 -4.88
N GLU A 56 -6.42 6.43 -3.88
CA GLU A 56 -7.35 7.13 -2.97
C GLU A 56 -6.71 8.30 -2.24
N GLY A 57 -7.46 9.37 -2.08
CA GLY A 57 -6.94 10.57 -1.43
C GLY A 57 -6.71 11.65 -2.45
N TYR A 58 -5.61 12.39 -2.26
CA TYR A 58 -5.26 13.55 -3.10
C TYR A 58 -3.74 13.63 -3.26
N PRO A 59 -3.24 14.40 -4.24
CA PRO A 59 -1.78 14.41 -4.48
C PRO A 59 -0.96 14.75 -3.23
N LYS A 60 0.13 14.01 -3.00
CA LYS A 60 0.99 14.16 -1.80
C LYS A 60 0.35 13.78 -0.44
N LYS A 61 -0.95 13.46 -0.42
CA LYS A 61 -1.66 13.02 0.79
C LYS A 61 -2.46 11.77 0.42
N ARG A 62 -1.72 10.80 -0.12
CA ARG A 62 -2.28 9.59 -0.71
C ARG A 62 -2.18 8.51 0.34
N TYR A 63 -3.14 7.57 0.34
CA TYR A 63 -3.13 6.44 1.26
C TYR A 63 -2.10 5.43 0.87
N TYR A 64 -1.95 5.20 -0.42
CA TYR A 64 -1.02 4.18 -0.93
C TYR A 64 0.14 4.88 -1.56
N GLY A 65 1.21 4.13 -1.79
CA GLY A 65 2.38 4.62 -2.53
C GLY A 65 2.31 4.17 -3.97
N GLY A 66 3.43 4.33 -4.66
CA GLY A 66 3.52 4.09 -6.08
C GLY A 66 2.80 5.15 -6.93
N ASN A 67 2.45 6.28 -6.33
CA ASN A 67 1.55 7.27 -6.91
C ASN A 67 2.21 8.57 -7.41
N ASP A 68 3.47 8.48 -7.83
CA ASP A 68 4.23 9.68 -8.18
C ASP A 68 3.83 10.19 -9.55
N PHE A 69 3.61 9.26 -10.47
CA PHE A 69 3.22 9.60 -11.82
C PHE A 69 1.73 9.94 -11.89
N ILE A 70 0.90 9.25 -11.10
CA ILE A 70 -0.51 9.68 -10.87
C ILE A 70 -0.61 11.08 -10.27
N ASP A 71 0.23 11.38 -9.29
CA ASP A 71 0.23 12.72 -8.66
C ASP A 71 0.56 13.86 -9.65
N LYS A 72 1.49 13.61 -10.54
CA LYS A 72 1.81 14.55 -11.63
C LYS A 72 0.62 14.72 -12.60
N ILE A 73 -0.07 13.62 -12.90
CA ILE A 73 -1.23 13.67 -13.80
C ILE A 73 -2.37 14.47 -13.20
N GLU A 74 -2.76 14.16 -11.96
CA GLU A 74 -3.82 14.90 -11.28
C GLU A 74 -3.47 16.38 -11.10
N GLU A 75 -2.17 16.68 -10.91
CA GLU A 75 -1.73 18.08 -10.69
C GLU A 75 -1.68 18.85 -12.01
N LEU A 76 -1.26 18.20 -13.08
CA LEU A 76 -1.36 18.75 -14.43
C LEU A 76 -2.81 18.97 -14.89
N CYS A 77 -3.76 18.20 -14.34
CA CYS A 77 -5.19 18.36 -14.65
C CYS A 77 -5.80 19.55 -13.93
N GLN A 78 -5.52 19.70 -12.63
CA GLN A 78 -6.02 20.86 -11.83
C GLN A 78 -5.50 22.20 -12.39
N LYS A 79 -4.21 22.23 -12.73
CA LYS A 79 -3.56 23.45 -13.26
C LYS A 79 -4.19 23.85 -14.60
N ARG A 80 -4.23 22.88 -15.53
CA ARG A 80 -4.84 23.09 -16.83
C ARG A 80 -6.30 23.51 -16.74
N ALA A 81 -6.98 23.10 -15.67
CA ALA A 81 -8.39 23.44 -15.44
C ALA A 81 -8.59 24.88 -14.98
N LEU A 82 -7.80 25.29 -14.01
CA LEU A 82 -7.84 26.66 -13.50
C LEU A 82 -7.40 27.65 -14.60
N GLU A 83 -6.38 27.30 -15.35
CA GLU A 83 -5.94 28.09 -16.49
C GLU A 83 -7.02 28.21 -17.58
N ALA A 84 -7.65 27.09 -17.94
CA ALA A 84 -8.68 27.09 -18.98
C ALA A 84 -9.82 28.02 -18.67
N PHE A 85 -10.21 28.14 -17.40
CA PHE A 85 -11.24 29.07 -16.98
C PHE A 85 -10.70 30.38 -16.38
N ASN A 86 -9.47 30.72 -16.76
CA ASN A 86 -8.86 32.03 -16.47
C ASN A 86 -9.07 32.52 -15.04
N VAL A 87 -8.72 31.65 -14.09
CA VAL A 87 -8.84 31.93 -12.67
C VAL A 87 -7.47 31.71 -12.08
N SER A 88 -7.14 32.47 -11.03
CA SER A 88 -5.85 32.32 -10.37
C SER A 88 -5.91 31.19 -9.38
N ASP A 89 -4.87 30.36 -9.33
CA ASP A 89 -4.78 29.27 -8.34
C ASP A 89 -4.61 29.73 -6.88
N GLU A 90 -4.38 31.03 -6.72
CA GLU A 90 -4.32 31.65 -5.40
C GLU A 90 -5.76 31.91 -4.93
N GLU A 91 -6.65 32.28 -5.86
CA GLU A 91 -8.07 32.58 -5.54
C GLU A 91 -9.01 31.37 -5.69
N TRP A 92 -8.75 30.50 -6.65
CA TRP A 92 -9.66 29.38 -6.96
C TRP A 92 -8.97 28.06 -6.80
N GLY A 93 -9.69 27.09 -6.27
CA GLY A 93 -9.28 25.68 -6.37
C GLY A 93 -10.26 24.86 -7.20
N VAL A 94 -9.81 23.69 -7.63
CA VAL A 94 -10.60 22.74 -8.38
C VAL A 94 -10.38 21.28 -7.92
N ASN A 95 -11.46 20.50 -7.88
CA ASN A 95 -11.38 19.03 -7.69
C ASN A 95 -11.68 18.29 -9.02
N VAL A 96 -10.81 17.39 -9.41
CA VAL A 96 -10.90 16.71 -10.68
C VAL A 96 -11.31 15.22 -10.56
N GLN A 97 -11.76 14.83 -9.37
CA GLN A 97 -12.15 13.46 -9.09
C GLN A 97 -13.63 13.08 -9.35
N PRO A 98 -14.61 14.01 -9.31
CA PRO A 98 -16.01 13.59 -9.58
C PRO A 98 -16.16 12.74 -10.87
N LEU A 99 -16.85 11.60 -10.76
CA LEU A 99 -16.95 10.64 -11.86
C LEU A 99 -17.89 11.10 -12.94
N SER A 100 -18.85 11.93 -12.60
CA SER A 100 -19.75 12.54 -13.57
C SER A 100 -20.42 13.77 -12.96
N GLY A 101 -21.19 14.46 -13.79
CA GLY A 101 -21.83 15.70 -13.41
C GLY A 101 -22.77 15.62 -12.26
N SER A 102 -23.57 14.56 -12.22
CA SER A 102 -24.53 14.36 -11.15
C SER A 102 -23.81 14.11 -9.80
N ALA A 103 -22.80 13.27 -9.80
CA ALA A 103 -21.96 13.05 -8.62
C ALA A 103 -21.36 14.38 -8.09
N ALA A 104 -20.77 15.13 -9.00
CA ALA A 104 -20.11 16.42 -8.74
C ALA A 104 -21.04 17.37 -8.05
N ASN A 105 -22.26 17.48 -8.56
CA ASN A 105 -23.27 18.34 -7.92
C ASN A 105 -23.71 17.86 -6.55
N VAL A 106 -24.01 16.57 -6.40
CA VAL A 106 -24.43 16.02 -5.11
C VAL A 106 -23.33 16.21 -4.05
N GLN A 107 -22.08 15.93 -4.43
CA GLN A 107 -20.93 16.11 -3.55
C GLN A 107 -20.77 17.59 -3.17
N ALA A 108 -20.81 18.47 -4.15
CA ALA A 108 -20.66 19.91 -3.87
C ALA A 108 -21.77 20.46 -2.96
N LEU A 109 -23.02 20.09 -3.23
CA LEU A 109 -24.13 20.53 -2.38
C LEU A 109 -23.92 20.03 -0.96
N TYR A 110 -23.61 18.75 -0.81
CA TYR A 110 -23.37 18.20 0.50
C TYR A 110 -22.31 18.99 1.30
N ALA A 111 -21.16 19.24 0.66
CA ALA A 111 -20.08 20.03 1.26
C ALA A 111 -20.55 21.38 1.81
N LEU A 112 -21.43 22.05 1.08
CA LEU A 112 -21.87 23.40 1.40
C LEU A 112 -22.94 23.42 2.47
N VAL A 113 -23.93 22.57 2.32
CA VAL A 113 -25.11 22.56 3.19
C VAL A 113 -25.27 21.37 4.14
N GLY A 114 -24.67 20.21 3.85
CA GLY A 114 -24.93 18.98 4.62
C GLY A 114 -26.31 18.39 4.43
N VAL A 115 -26.60 17.30 5.15
CA VAL A 115 -27.87 16.58 5.07
C VAL A 115 -28.94 17.43 5.76
N LYS A 116 -30.16 17.39 5.24
CA LYS A 116 -31.26 18.31 5.65
C LYS A 116 -31.07 19.78 5.22
N GLY A 117 -29.93 20.13 4.62
CA GLY A 117 -29.67 21.51 4.19
C GLY A 117 -30.62 21.97 3.10
N LYS A 118 -30.89 23.28 3.08
CA LYS A 118 -31.88 23.87 2.21
C LYS A 118 -31.22 24.33 0.91
N ILE A 119 -31.78 23.94 -0.23
CA ILE A 119 -31.26 24.38 -1.55
C ILE A 119 -32.35 24.95 -2.46
N MET A 120 -31.94 25.77 -3.42
CA MET A 120 -32.86 26.35 -4.41
C MET A 120 -32.29 26.11 -5.80
N GLY A 121 -33.08 25.52 -6.69
CA GLY A 121 -32.66 25.37 -8.10
C GLY A 121 -33.82 25.64 -9.04
N MET A 122 -33.53 25.68 -10.33
CA MET A 122 -34.53 25.79 -11.38
C MET A 122 -35.23 24.46 -11.53
N HIS A 123 -36.54 24.52 -11.63
CA HIS A 123 -37.38 23.37 -11.89
C HIS A 123 -36.97 22.70 -13.20
N LEU A 124 -37.10 21.37 -13.22
CA LEU A 124 -36.75 20.55 -14.39
C LEU A 124 -37.46 21.03 -15.63
N CYS A 125 -38.78 21.06 -15.57
CA CYS A 125 -39.65 21.60 -16.63
C CYS A 125 -39.25 22.96 -17.24
N SER A 126 -38.66 23.85 -16.45
CA SER A 126 -38.18 25.14 -16.93
C SER A 126 -36.74 25.14 -17.43
N GLY A 127 -36.03 24.00 -17.31
CA GLY A 127 -34.69 23.88 -17.83
C GLY A 127 -33.58 23.56 -16.84
N GLY A 128 -33.91 23.35 -15.57
CA GLY A 128 -32.92 22.94 -14.58
C GLY A 128 -32.60 21.45 -14.68
N HIS A 129 -31.53 21.02 -14.00
CA HIS A 129 -31.19 19.63 -13.94
C HIS A 129 -31.88 18.89 -12.80
N LEU A 130 -31.92 17.57 -12.95
CA LEU A 130 -32.41 16.64 -11.90
C LEU A 130 -31.72 16.89 -10.57
N THR A 131 -30.39 17.02 -10.62
CA THR A 131 -29.56 17.31 -9.42
C THR A 131 -29.62 18.72 -8.87
N HIS A 132 -30.57 19.56 -9.33
CA HIS A 132 -30.78 20.90 -8.75
C HIS A 132 -31.99 20.94 -7.81
N GLY A 133 -32.28 19.80 -7.19
CA GLY A 133 -33.33 19.69 -6.23
C GLY A 133 -34.63 19.08 -6.77
N PHE A 134 -34.58 18.38 -7.89
CA PHE A 134 -35.82 17.99 -8.53
C PHE A 134 -36.65 16.99 -7.73
N PHE A 135 -37.95 17.30 -7.56
CA PHE A 135 -38.95 16.37 -7.08
C PHE A 135 -40.28 16.53 -7.82
N ASP A 136 -41.17 15.57 -7.55
CA ASP A 136 -42.57 15.53 -8.03
C ASP A 136 -43.46 15.55 -6.78
N GLU A 137 -44.75 15.80 -6.95
CA GLU A 137 -45.71 15.54 -5.86
C GLU A 137 -45.61 14.08 -5.43
N LYS A 138 -45.52 13.19 -6.42
CA LYS A 138 -45.46 11.73 -6.21
C LYS A 138 -44.18 11.19 -5.54
N LYS A 139 -43.05 11.89 -5.67
CA LYS A 139 -41.78 11.40 -5.11
C LYS A 139 -40.65 12.45 -5.08
N LYS A 140 -39.72 12.23 -4.16
CA LYS A 140 -38.45 12.92 -4.15
C LYS A 140 -37.55 12.20 -5.15
N VAL A 141 -37.58 12.67 -6.37
CA VAL A 141 -37.06 11.98 -7.54
C VAL A 141 -35.52 11.97 -7.56
N SER A 142 -34.92 13.09 -7.15
CA SER A 142 -33.46 13.18 -7.06
C SER A 142 -33.09 13.12 -5.59
N ILE A 143 -31.95 12.47 -5.32
CA ILE A 143 -31.37 12.52 -3.99
C ILE A 143 -31.23 13.98 -3.51
N THR A 144 -31.09 14.93 -4.43
CA THR A 144 -31.00 16.34 -4.05
C THR A 144 -32.28 16.93 -3.45
N SER A 145 -33.40 16.24 -3.62
CA SER A 145 -34.64 16.65 -2.97
C SER A 145 -34.96 15.83 -1.72
N ASP A 146 -34.16 14.81 -1.43
CA ASP A 146 -34.39 13.89 -0.32
C ASP A 146 -33.37 14.05 0.79
N MET A 147 -32.09 14.01 0.41
CA MET A 147 -31.04 14.24 1.38
C MET A 147 -30.93 15.72 1.75
N PHE A 148 -31.40 16.59 0.84
CA PHE A 148 -31.52 18.04 1.07
C PHE A 148 -33.01 18.43 1.02
N GLU A 149 -33.33 19.60 1.55
CA GLU A 149 -34.70 20.18 1.46
C GLU A 149 -34.68 21.19 0.32
N SER A 150 -35.36 20.89 -0.78
CA SER A 150 -35.24 21.72 -1.99
C SER A 150 -36.51 22.49 -2.32
N LYS A 151 -36.35 23.65 -2.95
CA LYS A 151 -37.46 24.41 -3.51
C LYS A 151 -37.10 24.82 -4.92
N LEU A 152 -38.07 24.81 -5.82
CA LEU A 152 -37.80 24.97 -7.26
C LEU A 152 -38.43 26.25 -7.81
N TYR A 153 -37.63 27.07 -8.50
CA TYR A 153 -38.13 28.32 -9.13
C TYR A 153 -38.39 28.08 -10.61
N LYS A 154 -39.50 28.61 -11.12
CA LYS A 154 -39.90 28.45 -12.53
C LYS A 154 -39.52 29.66 -13.37
N CYS A 155 -39.33 29.41 -14.67
CA CYS A 155 -39.17 30.47 -15.67
C CYS A 155 -40.55 31.08 -15.91
N ASN A 156 -40.57 32.23 -16.57
CA ASN A 156 -41.85 32.85 -16.94
C ASN A 156 -42.44 32.23 -18.23
N SER A 157 -43.56 32.76 -18.70
CA SER A 157 -44.24 32.24 -19.87
C SER A 157 -43.45 32.40 -21.18
N GLN A 158 -42.42 33.25 -21.18
CA GLN A 158 -41.53 33.43 -22.30
C GLN A 158 -40.26 32.61 -22.25
N GLY A 159 -40.05 31.85 -21.16
CA GLY A 159 -38.86 30.95 -21.04
C GLY A 159 -37.64 31.52 -20.31
N TYR A 160 -37.74 32.76 -19.85
CA TYR A 160 -36.67 33.43 -19.16
C TYR A 160 -36.77 33.20 -17.66
N VAL A 161 -35.60 33.11 -17.02
CA VAL A 161 -35.47 33.17 -15.56
C VAL A 161 -36.17 34.44 -15.04
N ASP A 162 -37.04 34.28 -14.05
CA ASP A 162 -37.79 35.39 -13.46
C ASP A 162 -37.11 35.76 -12.14
N LEU A 163 -36.17 36.70 -12.16
CA LEU A 163 -35.40 37.08 -10.96
C LEU A 163 -36.22 37.65 -9.80
N ASP A 164 -37.33 38.31 -10.10
CA ASP A 164 -38.24 38.77 -9.04
C ASP A 164 -38.84 37.60 -8.24
N ALA A 165 -39.06 36.46 -8.91
CA ALA A 165 -39.60 35.27 -8.25
C ALA A 165 -38.55 34.54 -7.45
N VAL A 166 -37.33 34.49 -7.99
CA VAL A 166 -36.17 33.89 -7.29
C VAL A 166 -35.98 34.61 -5.95
N ARG A 167 -36.00 35.94 -5.96
CA ARG A 167 -35.98 36.75 -4.73
C ARG A 167 -37.17 36.47 -3.80
N GLU A 168 -38.38 36.48 -4.35
CA GLU A 168 -39.60 36.18 -3.57
C GLU A 168 -39.43 34.85 -2.83
N MET A 169 -38.95 33.84 -3.56
CA MET A 169 -38.67 32.51 -2.99
C MET A 169 -37.50 32.54 -2.00
N ALA A 170 -36.36 33.06 -2.44
CA ALA A 170 -35.18 33.09 -1.60
C ALA A 170 -35.41 33.75 -0.23
N LEU A 171 -36.12 34.89 -0.21
CA LEU A 171 -36.40 35.62 1.03
C LEU A 171 -37.37 34.83 1.94
N SER A 172 -38.35 34.16 1.37
CA SER A 172 -39.29 33.39 2.20
C SER A 172 -38.75 31.99 2.58
N PHE A 173 -38.04 31.33 1.67
CA PHE A 173 -37.53 29.96 1.89
C PHE A 173 -36.21 29.89 2.67
N LYS A 174 -35.37 30.92 2.54
CA LYS A 174 -34.10 31.03 3.28
C LYS A 174 -33.09 29.88 3.00
N PRO A 175 -32.87 29.54 1.73
CA PRO A 175 -31.94 28.47 1.44
C PRO A 175 -30.50 28.88 1.77
N LYS A 176 -29.63 27.89 1.92
CA LYS A 176 -28.19 28.13 2.06
C LYS A 176 -27.48 28.05 0.71
N VAL A 177 -28.12 27.50 -0.33
CA VAL A 177 -27.54 27.46 -1.69
C VAL A 177 -28.61 27.75 -2.74
N ILE A 178 -28.27 28.58 -3.72
CA ILE A 178 -29.15 28.82 -4.87
C ILE A 178 -28.37 28.39 -6.09
N ILE A 179 -28.98 27.53 -6.89
CA ILE A 179 -28.31 26.95 -8.05
C ILE A 179 -28.80 27.65 -9.32
N CYS A 180 -27.86 28.06 -10.16
CA CYS A 180 -28.16 28.56 -11.49
C CYS A 180 -27.20 27.89 -12.46
N GLY A 181 -27.44 28.06 -13.76
CA GLY A 181 -26.75 27.24 -14.79
C GLY A 181 -27.57 25.97 -15.01
N TYR A 182 -27.91 25.67 -16.27
CA TYR A 182 -29.06 24.85 -16.59
C TYR A 182 -28.83 23.82 -17.71
N THR A 183 -29.82 22.97 -17.94
CA THR A 183 -29.66 21.87 -18.90
C THR A 183 -30.29 22.19 -20.23
N SER A 184 -31.42 22.88 -20.24
CA SER A 184 -31.97 23.35 -21.48
C SER A 184 -32.48 24.75 -21.33
N TYR A 185 -31.52 25.68 -21.21
CA TYR A 185 -31.78 27.09 -21.15
C TYR A 185 -31.05 27.74 -22.32
N PRO A 186 -31.79 28.33 -23.28
CA PRO A 186 -31.18 28.87 -24.48
C PRO A 186 -30.58 30.28 -24.33
N ARG A 187 -30.67 30.89 -23.15
CA ARG A 187 -30.09 32.24 -22.99
C ARG A 187 -28.98 32.29 -21.96
N ASP A 188 -28.26 33.41 -21.93
CA ASP A 188 -27.24 33.63 -20.93
C ASP A 188 -27.89 33.95 -19.58
N ILE A 189 -27.09 33.79 -18.52
CA ILE A 189 -27.53 33.91 -17.15
C ILE A 189 -26.99 35.21 -16.52
N ASP A 190 -27.81 35.89 -15.71
CA ASP A 190 -27.35 37.11 -15.00
C ASP A 190 -26.85 36.75 -13.58
N TYR A 191 -25.56 36.40 -13.50
CA TYR A 191 -24.94 35.91 -12.26
C TYR A 191 -24.83 36.99 -11.22
N GLN A 192 -24.55 38.23 -11.65
CA GLN A 192 -24.47 39.36 -10.72
C GLN A 192 -25.77 39.51 -9.95
N GLN A 193 -26.90 39.42 -10.62
CA GLN A 193 -28.18 39.47 -9.92
C GLN A 193 -28.42 38.24 -9.03
N PHE A 194 -27.95 37.06 -9.44
CA PHE A 194 -28.01 35.89 -8.55
C PHE A 194 -27.19 36.13 -7.28
N ARG A 195 -25.97 36.63 -7.46
CA ARG A 195 -25.08 36.99 -6.35
C ARG A 195 -25.71 38.03 -5.41
N GLN A 196 -26.42 39.00 -5.98
CA GLN A 196 -27.13 40.03 -5.22
C GLN A 196 -28.23 39.43 -4.36
N ILE A 197 -28.96 38.45 -4.90
CA ILE A 197 -29.98 37.73 -4.12
C ILE A 197 -29.33 36.85 -3.04
N CYS A 198 -28.26 36.14 -3.41
CA CYS A 198 -27.61 35.24 -2.47
C CYS A 198 -27.07 36.01 -1.23
N ASP A 199 -26.50 37.20 -1.45
CA ASP A 199 -26.08 38.10 -0.36
C ASP A 199 -27.23 38.54 0.55
N GLU A 200 -28.37 38.92 -0.02
CA GLU A 200 -29.54 39.34 0.78
C GLU A 200 -30.00 38.31 1.81
N VAL A 201 -29.78 37.03 1.49
CA VAL A 201 -30.30 35.89 2.23
C VAL A 201 -29.17 35.11 2.95
N ASN A 202 -27.91 35.47 2.68
CA ASN A 202 -26.70 34.79 3.18
C ASN A 202 -26.44 33.38 2.59
N ALA A 203 -26.86 33.19 1.34
CA ALA A 203 -26.73 31.88 0.67
C ALA A 203 -25.49 31.82 -0.19
N TYR A 204 -25.02 30.60 -0.43
CA TYR A 204 -23.96 30.34 -1.40
C TYR A 204 -24.50 30.49 -2.84
N LEU A 205 -23.66 30.92 -3.80
CA LEU A 205 -24.01 30.91 -5.23
C LEU A 205 -23.32 29.80 -5.98
N PHE A 206 -24.11 28.88 -6.50
CA PHE A 206 -23.65 27.67 -7.17
C PHE A 206 -24.05 27.80 -8.63
N ALA A 207 -23.07 27.84 -9.51
CA ALA A 207 -23.29 27.83 -10.93
C ALA A 207 -22.88 26.50 -11.58
N ASP A 208 -23.84 25.79 -12.15
CA ASP A 208 -23.56 24.58 -12.94
C ASP A 208 -23.50 24.96 -14.41
N ILE A 209 -22.30 24.97 -15.00
CA ILE A 209 -22.09 25.51 -16.34
C ILE A 209 -21.76 24.41 -17.37
N SER A 210 -22.16 23.17 -17.08
CA SER A 210 -21.92 22.01 -17.93
C SER A 210 -22.28 22.20 -19.38
N HIS A 211 -23.39 22.85 -19.68
CA HIS A 211 -23.81 23.06 -21.08
C HIS A 211 -23.11 24.21 -21.80
N ILE A 212 -22.62 25.19 -21.04
CA ILE A 212 -22.02 26.41 -21.60
C ILE A 212 -20.54 26.61 -21.24
N SER A 213 -19.87 25.53 -20.85
CA SER A 213 -18.52 25.60 -20.26
C SER A 213 -17.52 26.25 -21.19
N SER A 214 -17.43 25.77 -22.43
CA SER A 214 -16.58 26.38 -23.46
C SER A 214 -16.82 27.87 -23.72
N PHE A 215 -18.05 28.33 -23.55
CA PHE A 215 -18.38 29.77 -23.74
C PHE A 215 -17.84 30.60 -22.57
N VAL A 216 -17.85 30.01 -21.38
CA VAL A 216 -17.35 30.65 -20.19
C VAL A 216 -15.82 30.69 -20.33
N ALA A 217 -15.22 29.55 -20.66
CA ALA A 217 -13.76 29.47 -20.88
C ALA A 217 -13.25 30.48 -21.89
N CYS A 218 -13.89 30.52 -23.07
CA CYS A 218 -13.41 31.33 -24.20
C CYS A 218 -13.80 32.83 -24.15
N ASN A 219 -14.51 33.24 -23.09
CA ASN A 219 -14.93 34.65 -22.87
C ASN A 219 -16.01 35.22 -23.82
N ILE A 220 -16.93 34.34 -24.23
CA ILE A 220 -17.99 34.64 -25.17
C ILE A 220 -19.33 34.87 -24.47
N LEU A 221 -19.52 34.25 -23.30
CA LEU A 221 -20.68 34.51 -22.48
C LEU A 221 -20.24 35.05 -21.13
N ASN A 222 -21.22 35.45 -20.32
CA ASN A 222 -20.99 35.94 -18.98
C ASN A 222 -20.08 34.99 -18.18
N ASN A 223 -19.30 35.58 -17.26
CA ASN A 223 -18.36 34.81 -16.44
C ASN A 223 -18.91 34.55 -15.05
N PRO A 224 -19.33 33.30 -14.76
CA PRO A 224 -19.83 33.01 -13.44
C PRO A 224 -18.74 33.12 -12.35
N PHE A 225 -17.48 32.94 -12.72
CA PHE A 225 -16.36 32.94 -11.77
C PHE A 225 -16.16 34.30 -11.06
N LEU A 226 -16.69 35.37 -11.64
CA LEU A 226 -16.63 36.68 -11.02
C LEU A 226 -17.58 36.79 -9.83
N HIS A 227 -18.60 35.93 -9.81
CA HIS A 227 -19.65 36.01 -8.79
C HIS A 227 -19.91 34.75 -7.96
N ALA A 228 -19.54 33.56 -8.45
CA ALA A 228 -19.92 32.32 -7.74
C ALA A 228 -18.95 31.90 -6.62
N ASP A 229 -19.52 31.28 -5.58
CA ASP A 229 -18.76 30.53 -4.59
C ASP A 229 -18.30 29.18 -5.11
N VAL A 230 -19.20 28.51 -5.87
CA VAL A 230 -18.93 27.21 -6.45
C VAL A 230 -19.39 27.18 -7.92
N VAL A 231 -18.52 26.66 -8.79
CA VAL A 231 -18.87 26.39 -10.17
C VAL A 231 -18.58 24.91 -10.47
N THR A 232 -19.60 24.18 -10.93
CA THR A 232 -19.37 22.81 -11.47
C THR A 232 -19.52 22.74 -12.99
N THR A 233 -18.85 21.78 -13.58
CA THR A 233 -19.07 21.48 -14.98
C THR A 233 -18.71 20.05 -15.34
N THR A 234 -19.50 19.46 -16.22
CA THR A 234 -19.11 18.21 -16.85
C THR A 234 -18.04 18.54 -17.84
N THR A 235 -17.23 17.56 -18.20
CA THR A 235 -16.17 17.69 -19.21
C THR A 235 -16.55 17.15 -20.59
N HIS A 236 -17.75 16.56 -20.75
CA HIS A 236 -18.12 15.78 -21.99
C HIS A 236 -19.08 16.44 -22.99
N LYS A 237 -19.68 17.57 -22.61
CA LYS A 237 -20.62 18.23 -23.50
C LYS A 237 -19.85 19.19 -24.45
N ILE A 238 -20.20 20.46 -24.51
CA ILE A 238 -19.52 21.42 -25.43
C ILE A 238 -17.99 21.46 -25.22
N LEU A 239 -17.53 21.13 -24.00
CA LEU A 239 -16.09 21.04 -23.70
C LEU A 239 -15.32 19.97 -24.44
N ARG A 240 -16.02 18.92 -24.84
CA ARG A 240 -15.52 17.91 -25.76
C ARG A 240 -14.48 17.02 -25.08
N GLY A 241 -14.63 16.82 -23.77
CA GLY A 241 -13.78 15.92 -23.03
C GLY A 241 -14.39 14.56 -22.80
N PRO A 242 -13.82 13.82 -21.84
CA PRO A 242 -14.39 12.55 -21.41
C PRO A 242 -15.59 12.76 -20.52
N ARG A 243 -16.25 11.65 -20.21
CA ARG A 243 -17.31 11.67 -19.23
C ARG A 243 -16.68 11.78 -17.83
N SER A 244 -16.78 12.97 -17.27
CA SER A 244 -16.18 13.33 -15.99
C SER A 244 -16.70 14.71 -15.59
N ALA A 245 -16.32 15.19 -14.42
CA ALA A 245 -16.72 16.52 -14.00
C ALA A 245 -15.68 17.23 -13.13
N LEU A 246 -15.88 18.54 -12.98
CA LEU A 246 -15.02 19.40 -12.17
C LEU A 246 -15.84 20.20 -11.16
N ILE A 247 -15.34 20.33 -9.95
CA ILE A 247 -15.90 21.24 -8.95
C ILE A 247 -14.85 22.34 -8.72
N PHE A 248 -15.23 23.58 -9.01
CA PHE A 248 -14.45 24.78 -8.67
C PHE A 248 -15.04 25.44 -7.41
N PHE A 249 -14.16 25.89 -6.52
CA PHE A 249 -14.56 26.56 -5.28
C PHE A 249 -13.71 27.83 -5.06
N ASN A 250 -14.36 28.87 -4.58
CA ASN A 250 -13.72 30.18 -4.45
C ASN A 250 -13.04 30.24 -3.08
N LYS A 251 -11.72 30.15 -3.05
CA LYS A 251 -11.00 30.17 -1.76
C LYS A 251 -11.12 31.54 -1.04
N LYS A 252 -10.96 32.64 -1.79
CA LYS A 252 -10.98 34.01 -1.21
C LYS A 252 -12.27 34.33 -0.47
N ARG A 253 -13.38 33.98 -1.09
CA ARG A 253 -14.71 34.31 -0.57
C ARG A 253 -15.07 33.40 0.61
N ASN A 254 -14.55 32.17 0.62
CA ASN A 254 -14.82 31.18 1.69
C ASN A 254 -13.60 30.29 2.04
N PRO A 255 -12.63 30.82 2.82
CA PRO A 255 -11.57 29.93 3.33
C PRO A 255 -12.13 28.74 4.12
N GLY A 256 -11.45 27.61 4.05
CA GLY A 256 -11.99 26.34 4.59
C GLY A 256 -12.98 25.59 3.67
N ILE A 257 -13.29 26.17 2.49
CA ILE A 257 -14.12 25.49 1.49
C ILE A 257 -13.33 24.39 0.79
N GLU A 258 -12.02 24.57 0.59
CA GLU A 258 -11.17 23.56 -0.02
C GLU A 258 -11.27 22.21 0.70
N GLN A 259 -11.23 22.26 2.03
CA GLN A 259 -11.35 21.07 2.85
C GLN A 259 -12.75 20.47 2.72
N LYS A 260 -13.80 21.30 2.76
CA LYS A 260 -15.18 20.80 2.67
C LYS A 260 -15.50 20.03 1.37
N ILE A 261 -15.05 20.57 0.24
CA ILE A 261 -15.32 19.99 -1.08
C ILE A 261 -14.48 18.72 -1.28
N ASN A 262 -13.19 18.79 -0.98
CA ASN A 262 -12.33 17.64 -1.11
C ASN A 262 -12.80 16.44 -0.29
N SER A 263 -13.22 16.70 0.95
CA SER A 263 -13.65 15.64 1.84
C SER A 263 -15.03 15.08 1.42
N ALA A 264 -15.90 15.94 0.89
CA ALA A 264 -17.15 15.55 0.29
C ALA A 264 -16.97 14.60 -0.90
N VAL A 265 -15.96 14.86 -1.72
CA VAL A 265 -15.69 13.95 -2.84
C VAL A 265 -15.13 12.62 -2.34
N PHE A 266 -14.06 12.68 -1.55
CA PHE A 266 -13.56 11.52 -0.86
C PHE A 266 -13.18 11.95 0.54
N PRO A 267 -13.50 11.18 1.58
CA PRO A 267 -14.09 9.85 1.48
C PRO A 267 -15.60 9.82 1.67
N SER A 268 -16.24 10.99 1.72
CA SER A 268 -17.67 11.03 1.92
C SER A 268 -18.45 10.21 0.87
N PHE A 269 -18.18 10.45 -0.42
CA PHE A 269 -18.94 9.86 -1.52
C PHE A 269 -18.17 8.85 -2.35
N GLN A 270 -16.96 9.19 -2.79
CA GLN A 270 -16.18 8.30 -3.65
C GLN A 270 -15.09 7.56 -2.88
N GLY A 271 -14.54 6.55 -3.55
CA GLY A 271 -13.34 5.87 -3.15
C GLY A 271 -12.25 6.20 -4.15
N GLY A 272 -11.77 5.18 -4.85
CA GLY A 272 -10.65 5.37 -5.78
C GLY A 272 -11.01 6.22 -6.99
N PRO A 273 -10.12 7.18 -7.38
CA PRO A 273 -10.36 7.95 -8.60
C PRO A 273 -10.14 7.10 -9.81
N HIS A 274 -10.67 7.56 -10.94
CA HIS A 274 -10.47 6.93 -12.22
C HIS A 274 -9.45 7.75 -12.96
N ASN A 275 -8.21 7.27 -12.97
CA ASN A 275 -7.07 8.04 -13.46
C ASN A 275 -7.02 8.12 -14.95
N ASN A 276 -7.59 7.12 -15.64
CA ASN A 276 -7.83 7.24 -17.08
C ASN A 276 -8.72 8.45 -17.40
N LYS A 277 -9.77 8.67 -16.61
CA LYS A 277 -10.59 9.86 -16.79
C LYS A 277 -9.78 11.14 -16.57
N ILE A 278 -8.96 11.15 -15.52
CA ILE A 278 -8.20 12.33 -15.12
C ILE A 278 -7.17 12.67 -16.23
N ALA A 279 -6.43 11.68 -16.69
CA ALA A 279 -5.58 11.83 -17.87
C ALA A 279 -6.35 12.41 -19.09
N ALA A 280 -7.43 11.75 -19.49
CA ALA A 280 -8.26 12.25 -20.58
C ALA A 280 -8.68 13.71 -20.39
N VAL A 281 -9.07 14.08 -19.18
CA VAL A 281 -9.48 15.45 -18.91
C VAL A 281 -8.28 16.38 -19.10
N ALA A 282 -7.09 15.94 -18.67
CA ALA A 282 -5.87 16.76 -18.84
C ALA A 282 -5.64 17.07 -20.32
N CYS A 283 -5.67 16.03 -21.11
CA CYS A 283 -5.52 16.10 -22.56
C CYS A 283 -6.47 17.06 -23.27
N GLN A 284 -7.75 17.02 -22.92
CA GLN A 284 -8.69 17.93 -23.53
C GLN A 284 -8.57 19.35 -22.96
N LEU A 285 -8.27 19.50 -21.67
CA LEU A 285 -8.17 20.84 -21.08
C LEU A 285 -6.99 21.65 -21.72
N LYS A 286 -6.00 20.95 -22.28
CA LYS A 286 -4.93 21.59 -23.02
C LYS A 286 -5.46 22.15 -24.33
N GLU A 287 -6.16 21.31 -25.11
CA GLU A 287 -6.85 21.78 -26.32
C GLU A 287 -7.76 22.96 -26.03
N VAL A 288 -8.45 22.97 -24.90
CA VAL A 288 -9.41 24.05 -24.59
C VAL A 288 -8.74 25.41 -24.60
N HIS A 289 -7.52 25.49 -24.08
CA HIS A 289 -6.82 26.77 -23.90
C HIS A 289 -6.24 27.34 -25.22
N SER A 290 -6.09 26.50 -26.23
CA SER A 290 -5.57 26.91 -27.52
C SER A 290 -6.51 27.85 -28.27
N PRO A 291 -5.96 28.69 -29.18
CA PRO A 291 -6.82 29.56 -29.96
C PRO A 291 -7.74 28.79 -30.95
N ALA A 292 -7.29 27.65 -31.47
CA ALA A 292 -8.12 26.78 -32.31
C ALA A 292 -9.49 26.35 -31.70
N PHE A 293 -9.53 26.17 -30.38
CA PHE A 293 -10.73 25.72 -29.70
C PHE A 293 -11.69 26.88 -29.49
N LYS A 294 -11.13 28.07 -29.32
CA LYS A 294 -11.93 29.28 -29.24
C LYS A 294 -12.66 29.48 -30.56
N GLU A 295 -11.97 29.20 -31.67
CA GLU A 295 -12.57 29.26 -33.00
C GLU A 295 -13.71 28.25 -33.15
N TYR A 296 -13.49 27.03 -32.63
CA TYR A 296 -14.54 26.01 -32.57
C TYR A 296 -15.74 26.54 -31.80
N THR A 297 -15.52 27.02 -30.59
CA THR A 297 -16.62 27.51 -29.73
C THR A 297 -17.39 28.64 -30.41
N GLN A 298 -16.65 29.55 -31.04
CA GLN A 298 -17.22 30.61 -31.87
C GLN A 298 -18.05 30.03 -32.99
N GLN A 299 -17.51 29.03 -33.68
CA GLN A 299 -18.27 28.37 -34.75
C GLN A 299 -19.60 27.73 -34.23
N VAL A 300 -19.57 27.17 -33.00
CA VAL A 300 -20.76 26.62 -32.33
C VAL A 300 -21.84 27.69 -32.17
N LEU A 301 -21.43 28.86 -31.72
CA LEU A 301 -22.40 29.93 -31.55
C LEU A 301 -22.93 30.42 -32.89
N LEU A 302 -22.06 30.52 -33.90
CA LEU A 302 -22.47 31.06 -35.19
C LEU A 302 -23.48 30.11 -35.81
N ASN A 303 -23.21 28.80 -35.73
CA ASN A 303 -24.13 27.80 -36.25
C ASN A 303 -25.46 27.84 -35.54
N SER A 304 -25.41 28.00 -34.23
CA SER A 304 -26.63 28.05 -33.44
C SER A 304 -27.50 29.25 -33.81
N LYS A 305 -26.86 30.39 -34.02
CA LYS A 305 -27.57 31.61 -34.42
C LYS A 305 -28.22 31.44 -35.83
N ALA A 306 -27.44 30.90 -36.76
CA ALA A 306 -27.92 30.66 -38.12
C ALA A 306 -29.07 29.65 -38.18
N LEU A 307 -28.98 28.61 -37.34
CA LEU A 307 -30.02 27.57 -37.24
C LEU A 307 -31.31 28.12 -36.69
N ALA A 308 -31.19 28.98 -35.68
CA ALA A 308 -32.35 29.67 -35.09
C ALA A 308 -33.07 30.49 -36.15
N LYS A 309 -32.24 31.27 -36.85
CA LYS A 309 -32.70 32.17 -37.87
C LYS A 309 -33.36 31.42 -39.03
N ALA A 310 -32.72 30.34 -39.50
CA ALA A 310 -33.30 29.51 -40.57
C ALA A 310 -34.65 28.90 -40.14
N LEU A 311 -34.75 28.46 -38.89
CA LEU A 311 -36.02 27.92 -38.36
C LEU A 311 -37.12 28.97 -38.27
N ILE A 312 -36.79 30.16 -37.78
CA ILE A 312 -37.71 31.28 -37.73
C ILE A 312 -38.18 31.65 -39.15
N SER A 313 -37.25 31.73 -40.10
CA SER A 313 -37.56 31.98 -41.52
C SER A 313 -38.57 30.98 -42.13
N LYS A 314 -38.62 29.75 -41.58
CA LYS A 314 -39.63 28.73 -41.96
C LYS A 314 -40.84 28.67 -40.99
N GLN A 315 -41.11 29.78 -40.31
CA GLN A 315 -42.27 29.94 -39.42
C GLN A 315 -42.32 29.01 -38.21
N ILE A 316 -41.18 28.49 -37.80
CA ILE A 316 -41.08 27.67 -36.60
C ILE A 316 -40.73 28.56 -35.40
N ASP A 317 -41.51 28.41 -34.33
CA ASP A 317 -41.32 29.13 -33.07
C ASP A 317 -40.23 28.53 -32.16
N LEU A 318 -39.51 29.40 -31.44
CA LEU A 318 -38.45 29.02 -30.53
C LEU A 318 -38.71 29.62 -29.14
N VAL A 319 -38.45 28.86 -28.08
CA VAL A 319 -38.64 29.38 -26.73
C VAL A 319 -37.61 30.50 -26.51
N THR A 320 -38.12 31.63 -25.99
CA THR A 320 -37.38 32.90 -25.92
C THR A 320 -37.13 33.58 -27.27
N ASN A 321 -37.70 33.03 -28.35
CA ASN A 321 -37.57 33.55 -29.72
C ASN A 321 -36.16 33.64 -30.28
N GLY A 322 -35.28 32.77 -29.80
CA GLY A 322 -33.88 32.76 -30.23
C GLY A 322 -32.98 32.09 -29.21
N THR A 323 -31.68 32.28 -29.40
CA THR A 323 -30.66 31.75 -28.53
C THR A 323 -29.43 32.69 -28.36
N ASP A 324 -28.80 32.68 -27.18
CA ASP A 324 -27.48 33.30 -26.98
C ASP A 324 -26.39 32.27 -26.87
N ASN A 325 -26.73 30.99 -26.95
CA ASN A 325 -25.74 29.95 -26.78
C ASN A 325 -25.84 28.89 -27.87
N HIS A 326 -25.44 27.67 -27.52
CA HIS A 326 -25.39 26.51 -28.42
C HIS A 326 -26.70 25.75 -28.68
N LEU A 327 -27.77 26.11 -27.97
CA LEU A 327 -28.96 25.32 -27.97
C LEU A 327 -30.23 26.14 -28.25
N ILE A 328 -31.18 25.44 -28.86
CA ILE A 328 -32.45 26.00 -29.25
C ILE A 328 -33.50 25.09 -28.66
N VAL A 329 -34.60 25.64 -28.20
CA VAL A 329 -35.76 24.82 -27.84
C VAL A 329 -36.89 25.26 -28.77
N VAL A 330 -37.38 24.33 -29.58
CA VAL A 330 -38.48 24.56 -30.53
C VAL A 330 -39.83 24.35 -29.85
N ASP A 331 -40.70 25.35 -29.91
CA ASP A 331 -42.09 25.26 -29.43
C ASP A 331 -43.02 24.72 -30.53
N LEU A 332 -43.49 23.48 -30.39
CA LEU A 332 -44.27 22.81 -31.46
C LEU A 332 -45.81 22.95 -31.41
N ARG A 333 -46.34 23.76 -30.49
CA ARG A 333 -47.80 23.89 -30.29
C ARG A 333 -48.60 24.28 -31.52
N LYS A 334 -48.05 25.14 -32.38
CA LYS A 334 -48.77 25.62 -33.57
C LYS A 334 -49.02 24.54 -34.62
N PHE A 335 -48.23 23.46 -34.58
CA PHE A 335 -48.41 22.33 -35.46
C PHE A 335 -49.23 21.23 -34.81
N SER A 336 -49.54 21.40 -33.52
CA SER A 336 -50.38 20.47 -32.77
C SER A 336 -49.81 19.06 -32.77
N ILE A 337 -48.49 18.99 -32.57
CA ILE A 337 -47.81 17.73 -32.34
C ILE A 337 -46.97 17.82 -31.07
N THR A 338 -46.65 16.68 -30.50
CA THR A 338 -45.85 16.62 -29.28
C THR A 338 -44.39 16.44 -29.68
N GLY A 339 -43.49 16.91 -28.83
CA GLY A 339 -42.06 16.64 -28.98
C GLY A 339 -41.79 15.15 -29.01
N SER A 340 -42.52 14.40 -28.17
CA SER A 340 -42.48 12.93 -28.17
C SER A 340 -42.69 12.34 -29.56
N LYS A 341 -43.67 12.87 -30.30
CA LYS A 341 -43.93 12.41 -31.67
C LYS A 341 -42.80 12.79 -32.66
N LEU A 342 -42.28 14.02 -32.54
CA LEU A 342 -41.21 14.51 -33.45
C LEU A 342 -39.86 13.81 -33.24
N GLN A 343 -39.53 13.54 -31.97
CA GLN A 343 -38.37 12.68 -31.65
C GLN A 343 -38.48 11.34 -32.39
N GLU A 344 -39.66 10.71 -32.34
CA GLU A 344 -39.84 9.40 -33.00
C GLU A 344 -39.64 9.54 -34.50
N THR A 345 -40.26 10.55 -35.11
CA THR A 345 -40.04 10.84 -36.51
C THR A 345 -38.57 11.10 -36.86
N CYS A 346 -37.91 11.89 -36.00
CA CYS A 346 -36.51 12.27 -36.26
C CYS A 346 -35.60 11.07 -36.11
N ASN A 347 -35.88 10.21 -35.13
CA ASN A 347 -35.21 8.88 -35.06
C ASN A 347 -35.27 8.11 -36.38
N ALA A 348 -36.47 8.02 -36.96
CA ALA A 348 -36.66 7.25 -38.21
C ALA A 348 -35.77 7.78 -39.34
N ILE A 349 -35.37 9.06 -39.28
CA ILE A 349 -34.50 9.66 -40.28
C ILE A 349 -33.05 9.91 -39.84
N ASN A 350 -32.60 9.24 -38.77
CA ASN A 350 -31.26 9.44 -38.22
C ASN A 350 -30.94 10.90 -37.80
N VAL A 351 -31.92 11.57 -37.17
CA VAL A 351 -31.71 12.88 -36.61
C VAL A 351 -31.96 12.70 -35.12
N SER A 352 -30.91 12.86 -34.33
CA SER A 352 -30.99 12.71 -32.87
C SER A 352 -31.25 14.06 -32.26
N LEU A 353 -32.38 14.16 -31.57
CA LEU A 353 -32.73 15.32 -30.79
C LEU A 353 -33.61 14.80 -29.65
N ASN A 354 -33.89 15.62 -28.63
CA ASN A 354 -34.74 15.13 -27.55
C ASN A 354 -35.92 16.03 -27.31
N LYS A 355 -37.00 15.42 -26.86
CA LYS A 355 -38.17 16.14 -26.44
C LYS A 355 -37.84 16.95 -25.19
N ASN A 356 -38.52 18.09 -25.05
CA ASN A 356 -38.23 19.03 -23.99
C ASN A 356 -39.48 19.81 -23.67
N THR A 357 -39.76 20.00 -22.39
CA THR A 357 -40.89 20.79 -21.96
C THR A 357 -40.75 22.27 -22.34
N ILE A 358 -41.88 22.95 -22.51
CA ILE A 358 -41.94 24.39 -22.73
C ILE A 358 -42.78 24.95 -21.58
N PRO A 359 -42.73 26.29 -21.34
CA PRO A 359 -43.39 26.87 -20.16
C PRO A 359 -44.89 26.60 -19.97
N SER A 360 -45.62 26.42 -21.07
CA SER A 360 -47.06 26.11 -21.04
C SER A 360 -47.40 24.63 -20.73
N ASP A 361 -46.40 23.75 -20.70
CA ASP A 361 -46.63 22.36 -20.28
C ASP A 361 -46.69 22.35 -18.76
N VAL A 362 -47.83 21.96 -18.22
CA VAL A 362 -48.01 21.87 -16.78
C VAL A 362 -47.25 20.67 -16.20
N ASP A 363 -47.31 19.51 -16.89
CA ASP A 363 -46.90 18.23 -16.28
C ASP A 363 -45.52 17.66 -16.61
N ALA A 364 -45.11 17.71 -17.88
CA ALA A 364 -43.94 16.93 -18.40
C ALA A 364 -44.28 15.48 -18.78
N VAL A 365 -45.56 15.14 -18.71
CA VAL A 365 -46.06 13.85 -19.16
C VAL A 365 -45.83 13.78 -20.67
N SER A 366 -46.12 14.89 -21.35
CA SER A 366 -45.87 15.04 -22.78
C SER A 366 -45.33 16.44 -23.05
N PRO A 367 -44.01 16.57 -23.22
CA PRO A 367 -43.48 17.90 -23.53
C PRO A 367 -43.90 18.40 -24.92
N SER A 368 -43.97 19.72 -25.07
CA SER A 368 -44.45 20.28 -26.32
C SER A 368 -43.30 20.87 -27.18
N GLY A 369 -42.05 20.55 -26.83
CA GLY A 369 -40.93 21.01 -27.61
C GLY A 369 -39.91 19.94 -27.88
N VAL A 370 -38.87 20.34 -28.58
CA VAL A 370 -37.66 19.58 -28.68
C VAL A 370 -36.46 20.51 -28.46
N ARG A 371 -35.38 19.94 -27.94
CA ARG A 371 -34.15 20.64 -27.76
C ARG A 371 -33.19 20.16 -28.83
N ILE A 372 -32.54 21.12 -29.50
CA ILE A 372 -31.48 20.87 -30.46
C ILE A 372 -30.25 21.72 -30.07
N GLY A 373 -29.07 21.20 -30.39
CA GLY A 373 -27.84 21.93 -30.16
C GLY A 373 -26.86 21.66 -31.26
N THR A 374 -25.88 22.57 -31.41
CA THR A 374 -24.86 22.51 -32.44
C THR A 374 -23.46 22.02 -32.14
N PRO A 375 -23.08 21.71 -30.87
CA PRO A 375 -21.65 21.35 -30.71
C PRO A 375 -21.18 20.10 -31.47
N ALA A 376 -22.01 19.06 -31.49
CA ALA A 376 -21.66 17.82 -32.18
C ALA A 376 -21.45 18.01 -33.71
N MET A 377 -22.40 18.69 -34.36
CA MET A 377 -22.29 18.94 -35.79
C MET A 377 -21.26 20.00 -36.13
N THR A 378 -20.99 20.92 -35.23
CA THR A 378 -19.86 21.83 -35.42
C THR A 378 -18.54 21.08 -35.37
N THR A 379 -18.40 20.14 -34.42
CA THR A 379 -17.22 19.29 -34.39
C THR A 379 -17.05 18.50 -35.73
N ARG A 380 -18.16 18.09 -36.33
CA ARG A 380 -18.09 17.42 -37.63
C ARG A 380 -17.93 18.32 -38.88
N GLY A 381 -17.64 19.60 -38.68
CA GLY A 381 -17.26 20.51 -39.76
C GLY A 381 -18.40 21.31 -40.37
N ALA A 382 -19.64 21.13 -39.89
CA ALA A 382 -20.75 21.95 -40.39
C ALA A 382 -20.52 23.44 -40.12
N LYS A 383 -20.84 24.25 -41.13
CA LYS A 383 -20.70 25.70 -41.06
C LYS A 383 -22.08 26.34 -41.14
N GLU A 384 -22.12 27.68 -41.05
CA GLU A 384 -23.38 28.43 -41.00
C GLU A 384 -24.33 28.09 -42.14
N LYS A 385 -23.75 27.78 -43.30
CA LYS A 385 -24.48 27.60 -44.54
C LYS A 385 -25.13 26.21 -44.55
N ASP A 386 -24.62 25.28 -43.73
CA ASP A 386 -25.19 23.93 -43.56
C ASP A 386 -26.41 23.90 -42.65
N MET A 387 -26.62 24.97 -41.90
CA MET A 387 -27.73 25.10 -40.98
C MET A 387 -29.07 25.22 -41.70
N GLU A 388 -29.07 25.80 -42.90
CA GLU A 388 -30.30 25.87 -43.70
C GLU A 388 -30.79 24.45 -44.04
N PHE A 389 -29.87 23.55 -44.36
CA PHE A 389 -30.22 22.15 -44.65
C PHE A 389 -30.76 21.46 -43.42
N ILE A 390 -30.11 21.66 -42.29
CA ILE A 390 -30.59 21.08 -41.03
C ILE A 390 -31.98 21.61 -40.69
N ALA A 391 -32.18 22.91 -40.84
CA ALA A 391 -33.50 23.50 -40.67
C ALA A 391 -34.51 22.91 -41.68
N ASP A 392 -34.10 22.79 -42.94
CA ASP A 392 -34.92 22.14 -43.99
C ASP A 392 -35.34 20.74 -43.59
N VAL A 393 -34.41 19.94 -43.09
CA VAL A 393 -34.71 18.57 -42.66
C VAL A 393 -35.69 18.58 -41.49
N LEU A 394 -35.44 19.45 -40.51
CA LEU A 394 -36.31 19.54 -39.34
C LEU A 394 -37.72 19.99 -39.72
N ALA A 395 -37.82 20.94 -40.65
CA ALA A 395 -39.13 21.37 -41.15
C ALA A 395 -39.85 20.26 -41.96
N ARG A 396 -39.11 19.48 -42.73
CA ARG A 396 -39.71 18.36 -43.46
C ARG A 396 -40.21 17.30 -42.49
N ALA A 397 -39.46 17.02 -41.43
CA ALA A 397 -39.90 16.09 -40.37
C ALA A 397 -41.10 16.57 -39.59
N ILE A 398 -41.18 17.86 -39.32
CA ILE A 398 -42.34 18.38 -38.61
C ILE A 398 -43.55 18.16 -39.52
N LYS A 399 -43.40 18.42 -40.81
CA LYS A 399 -44.50 18.24 -41.76
C LYS A 399 -44.95 16.77 -41.89
N ILE A 400 -43.98 15.85 -42.01
CA ILE A 400 -44.30 14.40 -42.04
C ILE A 400 -45.02 13.96 -40.79
N THR A 401 -44.56 14.49 -39.65
CA THR A 401 -45.19 14.18 -38.37
C THR A 401 -46.65 14.59 -38.42
N VAL A 402 -46.92 15.79 -38.94
CA VAL A 402 -48.29 16.29 -39.05
C VAL A 402 -49.14 15.34 -39.95
N ASP A 403 -48.58 14.92 -41.09
CA ASP A 403 -49.23 13.95 -42.02
C ASP A 403 -49.60 12.63 -41.33
N LEU A 404 -48.62 12.03 -40.65
CA LEU A 404 -48.77 10.75 -39.97
C LEU A 404 -49.82 10.80 -38.86
N GLN A 405 -49.85 11.90 -38.13
CA GLN A 405 -50.85 12.11 -37.10
C GLN A 405 -52.30 12.20 -37.65
N GLU A 406 -52.45 12.79 -38.83
CA GLU A 406 -53.76 12.87 -39.49
C GLU A 406 -54.20 11.45 -39.87
N GLN A 407 -53.29 10.68 -40.46
CA GLN A 407 -53.59 9.35 -40.94
C GLN A 407 -53.79 8.30 -39.84
N TYR A 408 -53.01 8.37 -38.76
CA TYR A 408 -52.99 7.31 -37.75
C TYR A 408 -53.54 7.67 -36.38
N GLY A 409 -53.79 8.96 -36.11
CA GLY A 409 -54.28 9.41 -34.80
C GLY A 409 -53.22 10.02 -33.89
N LYS A 410 -53.70 10.60 -32.79
CA LYS A 410 -52.89 11.34 -31.80
C LYS A 410 -52.30 10.50 -30.65
N LYS A 411 -52.66 9.22 -30.58
CA LYS A 411 -52.14 8.32 -29.55
C LYS A 411 -50.80 7.80 -30.08
N LEU A 412 -49.79 7.81 -29.21
CA LEU A 412 -48.41 7.48 -29.62
C LEU A 412 -48.27 6.04 -30.12
N VAL A 413 -49.00 5.11 -29.51
CA VAL A 413 -49.06 3.69 -29.96
C VAL A 413 -49.39 3.62 -31.45
N ASP A 414 -50.47 4.33 -31.81
CA ASP A 414 -51.00 4.37 -33.18
C ASP A 414 -50.04 5.11 -34.14
N PHE A 415 -49.60 6.30 -33.73
CA PHE A 415 -48.68 7.13 -34.53
C PHE A 415 -47.47 6.36 -35.03
N LYS A 416 -46.79 5.68 -34.11
CA LYS A 416 -45.56 4.95 -34.42
C LYS A 416 -45.79 3.87 -35.47
N LYS A 417 -47.00 3.33 -35.53
CA LYS A 417 -47.36 2.34 -36.55
C LYS A 417 -47.19 2.89 -37.95
N GLY A 418 -47.41 4.20 -38.13
CA GLY A 418 -47.21 4.86 -39.43
C GLY A 418 -45.76 5.04 -39.85
N LEU A 419 -44.85 4.99 -38.86
CA LEU A 419 -43.44 5.36 -39.06
C LEU A 419 -42.67 4.37 -39.93
N PRO A 420 -42.80 3.05 -39.66
CA PRO A 420 -42.14 2.09 -40.55
C PRO A 420 -42.77 2.07 -41.94
N GLY A 421 -41.93 2.10 -42.98
CA GLY A 421 -42.41 2.04 -44.35
C GLY A 421 -42.95 3.31 -45.00
N ASN A 422 -42.98 4.43 -44.28
CA ASN A 422 -43.30 5.73 -44.91
C ASN A 422 -42.24 6.09 -45.94
N ALA A 423 -42.67 6.29 -47.18
CA ALA A 423 -41.79 6.62 -48.30
C ALA A 423 -41.03 7.95 -48.12
N GLN A 424 -41.68 8.94 -47.53
CA GLN A 424 -41.07 10.26 -47.34
C GLN A 424 -39.90 10.20 -46.34
N LEU A 425 -40.10 9.44 -45.27
CA LEU A 425 -39.06 9.26 -44.26
C LEU A 425 -37.87 8.51 -44.82
N GLN A 426 -38.12 7.50 -45.65
CA GLN A 426 -37.03 6.74 -46.31
C GLN A 426 -36.25 7.61 -47.27
N GLN A 427 -36.94 8.45 -48.03
CA GLN A 427 -36.29 9.45 -48.88
C GLN A 427 -35.41 10.41 -48.03
N LEU A 428 -35.99 10.92 -46.95
CA LEU A 428 -35.33 11.92 -46.09
C LEU A 428 -34.16 11.28 -45.33
N LYS A 429 -34.41 10.10 -44.76
CA LYS A 429 -33.36 9.30 -44.12
C LYS A 429 -32.15 9.15 -45.03
N GLN A 430 -32.42 8.81 -46.29
CA GLN A 430 -31.39 8.63 -47.28
C GLN A 430 -30.57 9.89 -47.45
N GLU A 431 -31.25 11.04 -47.56
CA GLU A 431 -30.57 12.34 -47.73
C GLU A 431 -29.68 12.66 -46.53
N VAL A 432 -30.21 12.47 -45.33
CA VAL A 432 -29.46 12.65 -44.07
C VAL A 432 -28.19 11.80 -44.07
N VAL A 433 -28.34 10.51 -44.36
CA VAL A 433 -27.23 9.54 -44.33
C VAL A 433 -26.12 9.93 -45.29
N THR A 434 -26.46 10.42 -46.49
CA THR A 434 -25.47 10.82 -47.48
C THR A 434 -24.70 12.06 -47.04
N TRP A 435 -25.39 13.05 -46.50
CA TRP A 435 -24.74 14.26 -46.03
C TRP A 435 -23.92 13.99 -44.75
N ALA A 436 -24.57 13.39 -43.74
CA ALA A 436 -23.92 13.03 -42.44
C ALA A 436 -22.70 12.14 -42.63
N GLY A 437 -22.91 11.07 -43.39
CA GLY A 437 -21.90 10.04 -43.65
C GLY A 437 -20.59 10.51 -44.23
N ALA A 438 -20.59 11.62 -44.96
CA ALA A 438 -19.39 12.16 -45.62
C ALA A 438 -18.65 13.21 -44.81
N LEU A 439 -19.26 13.70 -43.73
CA LEU A 439 -18.67 14.74 -42.91
C LEU A 439 -17.49 14.17 -42.16
N PRO A 440 -16.48 15.02 -41.83
CA PRO A 440 -15.37 14.56 -40.98
C PRO A 440 -15.88 13.91 -39.70
N PHE A 441 -15.17 12.88 -39.25
CA PHE A 441 -15.54 12.09 -38.09
C PHE A 441 -14.22 11.82 -37.36
N PRO A 442 -14.07 12.33 -36.12
CA PRO A 442 -12.87 11.98 -35.35
C PRO A 442 -12.84 10.50 -34.97
N MET B 1 -13.85 19.93 -37.53
CA MET B 1 -13.19 21.05 -36.77
C MET B 1 -12.54 20.55 -35.45
N PHE B 2 -11.70 19.52 -35.59
CA PHE B 2 -11.03 18.86 -34.45
C PHE B 2 -9.58 18.50 -34.82
N ASN B 3 -8.78 18.23 -33.79
CA ASN B 3 -7.39 17.77 -33.95
C ASN B 3 -7.26 16.26 -33.79
N ASN B 4 -6.90 15.56 -34.85
CA ASN B 4 -6.73 14.11 -34.79
C ASN B 4 -5.26 13.64 -34.77
N GLU B 5 -4.33 14.56 -34.44
CA GLU B 5 -2.95 14.19 -34.13
C GLU B 5 -2.94 13.21 -32.94
N PRO B 6 -2.19 12.09 -33.03
CA PRO B 6 -2.02 11.14 -31.90
C PRO B 6 -1.56 11.79 -30.59
N LEU B 7 -1.67 11.05 -29.50
CA LEU B 7 -1.42 11.59 -28.16
C LEU B 7 0.02 12.07 -27.97
N GLU B 8 0.97 11.28 -28.49
CA GLU B 8 2.38 11.62 -28.42
C GLU B 8 2.64 13.01 -29.01
N GLN B 9 2.06 13.27 -30.18
CA GLN B 9 2.21 14.58 -30.84
C GLN B 9 1.31 15.64 -30.21
N ILE B 10 0.02 15.34 -30.08
CA ILE B 10 -0.96 16.30 -29.54
C ILE B 10 -0.56 16.80 -28.15
N ASP B 11 -0.03 15.91 -27.31
CA ASP B 11 0.33 16.26 -25.94
C ASP B 11 1.48 15.40 -25.46
N LYS B 12 2.69 15.85 -25.82
CA LYS B 12 3.93 15.17 -25.46
C LYS B 12 4.16 15.16 -23.94
N GLU B 13 3.82 16.22 -23.24
CA GLU B 13 4.00 16.27 -21.79
C GLU B 13 3.26 15.12 -21.08
N LEU B 14 1.97 14.97 -21.37
CA LEU B 14 1.14 13.94 -20.75
C LEU B 14 1.63 12.56 -21.12
N HIS B 15 1.96 12.37 -22.39
CA HIS B 15 2.39 11.06 -22.89
C HIS B 15 3.67 10.54 -22.25
N ASP B 16 4.57 11.46 -21.85
CA ASP B 16 5.81 11.11 -21.16
C ASP B 16 5.50 10.48 -19.81
N ILE B 17 4.58 11.10 -19.08
CA ILE B 17 4.25 10.67 -17.72
C ILE B 17 3.53 9.33 -17.76
N LEU B 18 2.66 9.17 -18.75
CA LEU B 18 1.93 7.91 -18.94
C LEU B 18 2.87 6.77 -19.23
N ALA B 19 3.86 7.00 -20.11
CA ALA B 19 4.81 5.91 -20.45
C ALA B 19 5.70 5.58 -19.25
N ASP B 20 5.97 6.59 -18.42
CA ASP B 20 6.66 6.38 -17.14
C ASP B 20 5.83 5.54 -16.18
N GLU B 21 4.54 5.87 -16.09
CA GLU B 21 3.59 5.12 -15.25
C GLU B 21 3.59 3.67 -15.69
N GLU B 22 3.53 3.46 -17.01
CA GLU B 22 3.60 2.13 -17.61
C GLU B 22 4.86 1.35 -17.20
N LYS B 23 6.02 2.02 -17.27
CA LYS B 23 7.30 1.41 -16.89
C LYS B 23 7.32 1.04 -15.38
N ARG B 24 6.83 1.93 -14.52
CA ARG B 24 6.76 1.66 -13.11
C ARG B 24 5.87 0.42 -12.80
N GLN B 25 4.72 0.30 -13.47
CA GLN B 25 3.86 -0.89 -13.30
C GLN B 25 4.59 -2.19 -13.69
N ARG B 26 5.34 -2.10 -14.78
CA ARG B 26 6.09 -3.23 -15.33
C ARG B 26 7.26 -3.62 -14.43
N GLU B 27 7.71 -2.70 -13.58
CA GLU B 27 8.89 -2.91 -12.76
C GLU B 27 8.58 -3.01 -11.27
N THR B 28 7.34 -3.37 -10.93
CA THR B 28 6.86 -3.37 -9.55
C THR B 28 6.33 -4.76 -9.21
N ILE B 29 6.69 -5.25 -8.03
CA ILE B 29 5.98 -6.39 -7.45
C ILE B 29 4.74 -5.79 -6.79
N ASN B 30 3.59 -5.95 -7.46
CA ASN B 30 2.34 -5.33 -7.02
C ASN B 30 1.51 -6.27 -6.12
N LEU B 31 1.55 -6.00 -4.83
CA LEU B 31 0.75 -6.76 -3.86
C LEU B 31 -0.43 -5.99 -3.28
N ILE B 32 -0.94 -4.95 -3.94
CA ILE B 32 -2.14 -4.27 -3.45
C ILE B 32 -3.31 -5.21 -3.70
N ALA B 33 -3.99 -5.64 -2.65
CA ALA B 33 -4.97 -6.74 -2.79
C ALA B 33 -6.10 -6.41 -3.78
N SER B 34 -6.44 -5.13 -3.85
CA SER B 34 -7.53 -4.60 -4.69
C SER B 34 -7.12 -4.24 -6.12
N GLU B 35 -5.88 -4.54 -6.53
CA GLU B 35 -5.43 -4.13 -7.85
C GLU B 35 -5.29 -5.32 -8.76
N ASN B 36 -5.34 -5.04 -10.06
CA ASN B 36 -5.09 -6.05 -11.09
C ASN B 36 -4.61 -5.38 -12.37
N LEU B 37 -4.48 -6.13 -13.46
CA LEU B 37 -4.07 -5.57 -14.74
C LEU B 37 -5.07 -5.96 -15.81
N THR B 38 -5.71 -4.96 -16.41
CA THR B 38 -6.69 -5.18 -17.48
C THR B 38 -6.00 -5.63 -18.76
N ASN B 39 -6.64 -6.50 -19.52
CA ASN B 39 -6.11 -6.90 -20.85
C ASN B 39 -6.40 -5.82 -21.90
N GLY B 40 -5.85 -6.01 -23.09
CA GLY B 40 -5.97 -5.04 -24.16
C GLY B 40 -7.41 -4.91 -24.65
N ALA B 41 -8.18 -5.99 -24.60
CA ALA B 41 -9.56 -5.98 -25.01
C ALA B 41 -10.46 -5.11 -24.14
N VAL B 42 -10.31 -5.24 -22.82
CA VAL B 42 -11.00 -4.35 -21.88
C VAL B 42 -10.65 -2.90 -22.15
N ARG B 43 -9.38 -2.62 -22.38
CA ARG B 43 -8.92 -1.27 -22.66
C ARG B 43 -9.31 -0.68 -24.04
N GLU B 44 -9.49 -1.51 -25.05
CA GLU B 44 -10.10 -1.08 -26.33
C GLU B 44 -11.55 -0.61 -26.14
N CYS B 45 -12.31 -1.36 -25.33
CA CYS B 45 -13.66 -0.98 -24.97
C CYS B 45 -13.73 0.37 -24.28
N LEU B 46 -12.85 0.59 -23.31
CA LEU B 46 -12.81 1.85 -22.57
C LEU B 46 -12.50 3.05 -23.45
N GLY B 47 -11.72 2.83 -24.52
CA GLY B 47 -11.39 3.88 -25.49
C GLY B 47 -12.33 3.96 -26.70
N ASN B 48 -13.50 3.33 -26.59
CA ASN B 48 -14.42 3.22 -27.71
C ASN B 48 -15.33 4.43 -27.78
N ARG B 49 -15.68 4.82 -29.00
CA ARG B 49 -16.61 5.95 -29.25
C ARG B 49 -18.02 5.80 -28.67
N VAL B 50 -18.35 4.64 -28.12
CA VAL B 50 -19.64 4.45 -27.46
C VAL B 50 -19.90 5.41 -26.27
N SER B 51 -18.83 5.97 -25.69
CA SER B 51 -18.96 6.97 -24.61
C SER B 51 -19.42 8.36 -25.08
N ASN B 52 -19.50 8.59 -26.39
CA ASN B 52 -20.18 9.76 -26.95
C ASN B 52 -21.72 9.78 -26.72
N LYS B 53 -22.32 8.65 -26.37
CA LYS B 53 -23.76 8.53 -26.33
C LYS B 53 -24.35 8.80 -24.98
N TYR B 54 -25.33 9.71 -24.95
CA TYR B 54 -26.14 9.97 -23.75
C TYR B 54 -27.31 8.99 -23.80
N SER B 55 -27.46 8.18 -22.76
CA SER B 55 -28.44 7.11 -22.78
C SER B 55 -29.09 6.93 -21.41
N GLU B 56 -29.57 8.03 -20.85
CA GLU B 56 -30.26 8.04 -19.56
C GLU B 56 -31.48 7.10 -19.50
N GLY B 57 -31.62 6.41 -18.39
CA GLY B 57 -32.66 5.40 -18.26
C GLY B 57 -32.09 4.00 -18.40
N TYR B 58 -32.92 3.09 -18.90
CA TYR B 58 -32.62 1.66 -18.95
C TYR B 58 -33.05 1.13 -20.31
N PRO B 59 -32.55 -0.04 -20.72
CA PRO B 59 -32.87 -0.54 -22.07
C PRO B 59 -34.37 -0.60 -22.36
N LYS B 60 -34.75 -0.29 -23.60
CA LYS B 60 -36.17 -0.21 -24.01
C LYS B 60 -37.02 0.88 -23.30
N LYS B 61 -36.42 1.61 -22.36
CA LYS B 61 -37.09 2.65 -21.60
C LYS B 61 -36.17 3.89 -21.50
N ARG B 62 -35.54 4.25 -22.61
CA ARG B 62 -34.58 5.36 -22.65
C ARG B 62 -35.35 6.65 -22.84
N TYR B 63 -34.76 7.74 -22.34
CA TYR B 63 -35.28 9.07 -22.53
C TYR B 63 -35.04 9.57 -23.94
N TYR B 64 -33.88 9.22 -24.51
CA TYR B 64 -33.52 9.64 -25.87
C TYR B 64 -33.55 8.44 -26.79
N GLY B 65 -33.47 8.71 -28.09
CA GLY B 65 -33.38 7.67 -29.11
C GLY B 65 -31.97 7.49 -29.61
N GLY B 66 -31.86 6.70 -30.67
CA GLY B 66 -30.57 6.30 -31.19
C GLY B 66 -29.84 5.32 -30.27
N ASN B 67 -30.58 4.64 -29.39
CA ASN B 67 -30.01 3.84 -28.32
C ASN B 67 -30.16 2.34 -28.50
N ASP B 68 -30.15 1.91 -29.76
CA ASP B 68 -30.47 0.54 -30.12
C ASP B 68 -29.26 -0.36 -29.85
N PHE B 69 -28.09 0.12 -30.26
CA PHE B 69 -26.85 -0.65 -30.06
C PHE B 69 -26.36 -0.55 -28.62
N ILE B 70 -26.59 0.60 -27.98
CA ILE B 70 -26.38 0.75 -26.51
C ILE B 70 -27.27 -0.20 -25.70
N ASP B 71 -28.52 -0.34 -26.14
CA ASP B 71 -29.46 -1.29 -25.49
C ASP B 71 -29.02 -2.75 -25.58
N LYS B 72 -28.49 -3.13 -26.73
CA LYS B 72 -27.93 -4.46 -26.90
C LYS B 72 -26.73 -4.65 -25.97
N ILE B 73 -25.83 -3.67 -25.90
CA ILE B 73 -24.64 -3.74 -25.04
C ILE B 73 -25.02 -3.86 -23.57
N GLU B 74 -25.91 -2.99 -23.09
CA GLU B 74 -26.33 -3.05 -21.69
C GLU B 74 -27.05 -4.36 -21.38
N GLU B 75 -27.83 -4.89 -22.34
CA GLU B 75 -28.59 -6.16 -22.12
C GLU B 75 -27.63 -7.38 -22.09
N LEU B 76 -26.69 -7.43 -23.02
CA LEU B 76 -25.58 -8.39 -23.00
C LEU B 76 -24.73 -8.33 -21.72
N CYS B 77 -24.53 -7.13 -21.15
CA CYS B 77 -23.77 -6.98 -19.92
C CYS B 77 -24.51 -7.59 -18.73
N GLN B 78 -25.79 -7.27 -18.58
CA GLN B 78 -26.66 -7.85 -17.53
C GLN B 78 -26.71 -9.39 -17.64
N LYS B 79 -26.96 -9.87 -18.85
CA LYS B 79 -27.06 -11.34 -19.11
C LYS B 79 -25.75 -12.03 -18.71
N ARG B 80 -24.63 -11.54 -19.24
CA ARG B 80 -23.30 -12.09 -18.91
C ARG B 80 -22.97 -12.02 -17.43
N ALA B 81 -23.51 -11.03 -16.73
CA ALA B 81 -23.30 -10.85 -15.27
C ALA B 81 -24.04 -11.87 -14.41
N LEU B 82 -25.31 -12.08 -14.75
CA LEU B 82 -26.14 -13.06 -14.06
C LEU B 82 -25.61 -14.49 -14.26
N GLU B 83 -25.20 -14.78 -15.49
CA GLU B 83 -24.59 -16.04 -15.84
C GLU B 83 -23.28 -16.29 -15.07
N ALA B 84 -22.42 -15.28 -15.03
CA ALA B 84 -21.11 -15.40 -14.36
C ALA B 84 -21.24 -15.76 -12.88
N PHE B 85 -22.26 -15.22 -12.21
CA PHE B 85 -22.54 -15.54 -10.83
C PHE B 85 -23.65 -16.60 -10.65
N ASN B 86 -23.85 -17.42 -11.69
CA ASN B 86 -24.66 -18.65 -11.62
C ASN B 86 -25.99 -18.44 -10.93
N VAL B 87 -26.72 -17.41 -11.38
CA VAL B 87 -28.02 -17.07 -10.83
C VAL B 87 -28.98 -17.00 -12.02
N SER B 88 -30.23 -17.39 -11.79
CA SER B 88 -31.23 -17.39 -12.87
C SER B 88 -31.79 -15.98 -13.03
N ASP B 89 -31.99 -15.54 -14.27
CA ASP B 89 -32.60 -14.21 -14.52
C ASP B 89 -34.07 -14.10 -14.09
N GLU B 90 -34.68 -15.25 -13.80
CA GLU B 90 -36.05 -15.32 -13.28
C GLU B 90 -36.03 -14.86 -11.82
N GLU B 91 -34.98 -15.22 -11.07
CA GLU B 91 -34.88 -14.95 -9.62
C GLU B 91 -34.01 -13.73 -9.25
N TRP B 92 -32.98 -13.45 -10.05
CA TRP B 92 -32.06 -12.32 -9.79
C TRP B 92 -32.09 -11.31 -10.92
N GLY B 93 -32.04 -10.05 -10.56
CA GLY B 93 -31.69 -8.99 -11.51
C GLY B 93 -30.39 -8.28 -11.14
N VAL B 94 -29.84 -7.55 -12.11
CA VAL B 94 -28.60 -6.82 -11.93
C VAL B 94 -28.70 -5.42 -12.55
N ASN B 95 -28.14 -4.43 -11.85
CA ASN B 95 -27.94 -3.08 -12.44
C ASN B 95 -26.45 -2.89 -12.76
N VAL B 96 -26.15 -2.53 -14.00
CA VAL B 96 -24.77 -2.43 -14.47
C VAL B 96 -24.29 -0.98 -14.65
N GLN B 97 -25.08 -0.03 -14.18
CA GLN B 97 -24.78 1.38 -14.35
C GLN B 97 -23.87 2.01 -13.30
N PRO B 98 -23.83 1.53 -12.03
CA PRO B 98 -22.96 2.23 -11.02
C PRO B 98 -21.54 2.50 -11.52
N LEU B 99 -21.10 3.74 -11.37
CA LEU B 99 -19.79 4.15 -11.84
C LEU B 99 -18.65 3.52 -11.06
N SER B 100 -18.86 3.19 -9.80
CA SER B 100 -17.85 2.50 -9.00
C SER B 100 -18.45 1.93 -7.73
N GLY B 101 -17.61 1.23 -6.98
CA GLY B 101 -18.03 0.48 -5.82
C GLY B 101 -18.72 1.29 -4.77
N SER B 102 -18.14 2.44 -4.44
CA SER B 102 -18.71 3.30 -3.42
C SER B 102 -20.09 3.85 -3.87
N ALA B 103 -20.21 4.26 -5.12
CA ALA B 103 -21.52 4.66 -5.65
C ALA B 103 -22.57 3.50 -5.56
N ALA B 104 -22.17 2.32 -6.01
CA ALA B 104 -22.99 1.11 -5.99
C ALA B 104 -23.58 0.88 -4.64
N ASN B 105 -22.72 0.94 -3.61
CA ASN B 105 -23.15 0.74 -2.23
C ASN B 105 -24.05 1.85 -1.69
N VAL B 106 -23.69 3.12 -1.86
CA VAL B 106 -24.56 4.21 -1.37
C VAL B 106 -25.95 4.13 -2.04
N GLN B 107 -25.98 3.81 -3.34
CA GLN B 107 -27.21 3.70 -4.10
C GLN B 107 -28.04 2.53 -3.58
N ALA B 108 -27.44 1.35 -3.49
CA ALA B 108 -28.13 0.16 -2.98
C ALA B 108 -28.67 0.34 -1.55
N LEU B 109 -27.85 0.89 -0.65
CA LEU B 109 -28.29 1.19 0.71
C LEU B 109 -29.49 2.11 0.71
N TYR B 110 -29.40 3.20 -0.05
CA TYR B 110 -30.50 4.14 -0.13
C TYR B 110 -31.81 3.46 -0.62
N ALA B 111 -31.73 2.63 -1.66
CA ALA B 111 -32.91 1.95 -2.19
C ALA B 111 -33.66 1.11 -1.13
N LEU B 112 -32.90 0.42 -0.28
CA LEU B 112 -33.43 -0.47 0.74
C LEU B 112 -34.01 0.25 1.93
N VAL B 113 -33.24 1.20 2.48
CA VAL B 113 -33.58 1.86 3.74
C VAL B 113 -34.02 3.33 3.66
N GLY B 114 -33.56 4.08 2.66
CA GLY B 114 -33.84 5.52 2.57
C GLY B 114 -33.06 6.39 3.54
N VAL B 115 -33.38 7.68 3.57
CA VAL B 115 -32.66 8.68 4.38
C VAL B 115 -33.08 8.52 5.82
N LYS B 116 -32.14 8.69 6.75
CA LYS B 116 -32.31 8.30 8.17
C LYS B 116 -32.43 6.78 8.41
N GLY B 117 -32.24 5.94 7.38
CA GLY B 117 -32.34 4.48 7.54
C GLY B 117 -31.21 3.94 8.40
N LYS B 118 -31.48 2.84 9.12
CA LYS B 118 -30.51 2.24 10.04
C LYS B 118 -29.76 1.12 9.34
N ILE B 119 -28.43 1.16 9.42
CA ILE B 119 -27.59 0.11 8.83
C ILE B 119 -26.51 -0.39 9.79
N MET B 120 -26.03 -1.60 9.52
CA MET B 120 -24.99 -2.24 10.33
C MET B 120 -23.91 -2.77 9.39
N GLY B 121 -22.66 -2.38 9.63
CA GLY B 121 -21.53 -2.92 8.84
C GLY B 121 -20.32 -3.16 9.69
N MET B 122 -19.30 -3.80 9.11
CA MET B 122 -18.04 -4.03 9.81
C MET B 122 -17.28 -2.71 9.91
N HIS B 123 -16.80 -2.41 11.11
CA HIS B 123 -15.92 -1.30 11.36
C HIS B 123 -14.71 -1.31 10.40
N LEU B 124 -14.30 -0.11 10.00
CA LEU B 124 -13.16 0.07 9.07
C LEU B 124 -11.90 -0.65 9.56
N CYS B 125 -11.46 -0.31 10.77
CA CYS B 125 -10.34 -0.95 11.46
C CYS B 125 -10.32 -2.49 11.56
N SER B 126 -11.49 -3.12 11.55
CA SER B 126 -11.63 -4.56 11.55
C SER B 126 -11.72 -5.18 10.14
N GLY B 127 -11.76 -4.34 9.10
CA GLY B 127 -11.74 -4.84 7.71
C GLY B 127 -12.92 -4.47 6.84
N GLY B 128 -13.89 -3.71 7.36
CA GLY B 128 -14.99 -3.23 6.55
C GLY B 128 -14.59 -2.06 5.64
N HIS B 129 -15.50 -1.70 4.72
CA HIS B 129 -15.27 -0.53 3.87
C HIS B 129 -15.83 0.75 4.46
N LEU B 130 -15.30 1.87 3.96
CA LEU B 130 -15.78 3.22 4.29
C LEU B 130 -17.29 3.33 4.10
N THR B 131 -17.77 2.80 2.97
CA THR B 131 -19.21 2.81 2.63
C THR B 131 -20.11 1.87 3.41
N HIS B 132 -19.59 1.20 4.45
CA HIS B 132 -20.38 0.29 5.27
C HIS B 132 -20.83 0.96 6.56
N GLY B 133 -20.89 2.29 6.54
CA GLY B 133 -21.32 3.07 7.67
C GLY B 133 -20.19 3.73 8.46
N PHE B 134 -19.02 3.88 7.86
CA PHE B 134 -17.88 4.33 8.63
C PHE B 134 -17.99 5.77 9.16
N PHE B 135 -17.80 5.90 10.47
CA PHE B 135 -17.65 7.19 11.14
C PHE B 135 -16.59 7.16 12.24
N ASP B 136 -16.29 8.35 12.73
CA ASP B 136 -15.44 8.59 13.89
C ASP B 136 -16.28 9.33 14.93
N GLU B 137 -15.87 9.27 16.20
CA GLU B 137 -16.50 10.10 17.23
C GLU B 137 -16.46 11.57 16.80
N LYS B 138 -15.33 11.95 16.21
CA LYS B 138 -15.09 13.28 15.61
C LYS B 138 -16.07 13.62 14.47
N LYS B 139 -16.19 12.74 13.48
CA LYS B 139 -16.85 13.06 12.21
C LYS B 139 -17.58 11.87 11.57
N LYS B 140 -18.65 12.17 10.86
CA LYS B 140 -19.34 11.21 10.01
C LYS B 140 -18.62 11.16 8.67
N VAL B 141 -17.64 10.28 8.60
CA VAL B 141 -16.62 10.27 7.56
C VAL B 141 -17.20 9.85 6.18
N SER B 142 -18.07 8.84 6.18
CA SER B 142 -18.68 8.36 4.95
C SER B 142 -20.07 8.96 4.92
N ILE B 143 -20.56 9.26 3.72
CA ILE B 143 -21.98 9.59 3.55
C ILE B 143 -22.88 8.49 4.13
N THR B 144 -22.39 7.25 4.18
CA THR B 144 -23.15 6.14 4.74
C THR B 144 -23.35 6.22 6.25
N SER B 145 -22.61 7.07 6.95
CA SER B 145 -22.87 7.32 8.37
C SER B 145 -23.63 8.63 8.66
N ASP B 146 -23.98 9.38 7.59
CA ASP B 146 -24.61 10.69 7.72
C ASP B 146 -25.99 10.73 7.11
N MET B 147 -26.13 10.22 5.90
CA MET B 147 -27.45 10.06 5.31
C MET B 147 -28.19 8.85 5.90
N PHE B 148 -27.45 7.93 6.51
CA PHE B 148 -28.01 6.81 7.26
C PHE B 148 -27.54 6.92 8.72
N GLU B 149 -28.19 6.14 9.59
CA GLU B 149 -27.77 5.98 10.99
C GLU B 149 -27.07 4.63 11.04
N SER B 150 -25.76 4.62 11.25
CA SER B 150 -24.98 3.39 11.12
C SER B 150 -24.43 2.93 12.45
N LYS B 151 -24.29 1.61 12.57
CA LYS B 151 -23.69 0.98 13.74
C LYS B 151 -22.62 0.02 13.23
N LEU B 152 -21.48 -0.03 13.91
CA LEU B 152 -20.32 -0.79 13.43
C LEU B 152 -19.96 -1.91 14.40
N TYR B 153 -19.88 -3.13 13.87
CA TYR B 153 -19.46 -4.33 14.64
C TYR B 153 -17.98 -4.64 14.36
N LYS B 154 -17.24 -5.01 15.42
CA LYS B 154 -15.81 -5.29 15.33
C LYS B 154 -15.54 -6.79 15.22
N CYS B 155 -14.34 -7.14 14.75
CA CYS B 155 -13.85 -8.52 14.78
C CYS B 155 -13.29 -8.76 16.18
N ASN B 156 -13.08 -10.02 16.51
CA ASN B 156 -12.49 -10.38 17.82
C ASN B 156 -10.96 -10.16 17.83
N SER B 157 -10.27 -10.55 18.91
CA SER B 157 -8.82 -10.32 19.01
C SER B 157 -8.00 -11.18 18.06
N GLN B 158 -8.61 -12.20 17.46
CA GLN B 158 -7.96 -13.05 16.47
C GLN B 158 -8.22 -12.65 15.02
N GLY B 159 -9.00 -11.58 14.80
CA GLY B 159 -9.30 -11.08 13.45
C GLY B 159 -10.55 -11.66 12.79
N TYR B 160 -11.32 -12.45 13.52
CA TYR B 160 -12.49 -13.12 12.96
C TYR B 160 -13.74 -12.31 13.28
N VAL B 161 -14.68 -12.34 12.34
CA VAL B 161 -16.06 -11.86 12.57
C VAL B 161 -16.63 -12.61 13.78
N ASP B 162 -17.07 -11.87 14.81
CA ASP B 162 -17.71 -12.47 15.99
C ASP B 162 -19.23 -12.40 15.83
N LEU B 163 -19.85 -13.48 15.37
CA LEU B 163 -21.31 -13.50 15.10
C LEU B 163 -22.19 -13.25 16.32
N ASP B 164 -21.74 -13.67 17.49
CA ASP B 164 -22.44 -13.40 18.75
C ASP B 164 -22.56 -11.89 19.00
N ALA B 165 -21.54 -11.14 18.59
CA ALA B 165 -21.55 -9.68 18.71
C ALA B 165 -22.51 -9.05 17.73
N VAL B 166 -22.51 -9.58 16.50
CA VAL B 166 -23.43 -9.11 15.44
C VAL B 166 -24.90 -9.27 15.88
N ARG B 167 -25.24 -10.39 16.52
CA ARG B 167 -26.59 -10.64 17.04
C ARG B 167 -26.93 -9.72 18.23
N GLU B 168 -26.04 -9.66 19.21
CA GLU B 168 -26.18 -8.74 20.35
C GLU B 168 -26.53 -7.33 19.84
N MET B 169 -25.76 -6.88 18.85
CA MET B 169 -25.92 -5.53 18.31
C MET B 169 -27.15 -5.40 17.43
N ALA B 170 -27.37 -6.36 16.54
CA ALA B 170 -28.56 -6.37 15.69
C ALA B 170 -29.91 -6.42 16.45
N LEU B 171 -29.97 -7.16 17.55
CA LEU B 171 -31.21 -7.29 18.31
C LEU B 171 -31.55 -6.00 19.06
N SER B 172 -30.53 -5.27 19.52
CA SER B 172 -30.74 -4.04 20.27
C SER B 172 -30.84 -2.81 19.36
N PHE B 173 -29.98 -2.75 18.35
CA PHE B 173 -29.96 -1.63 17.39
C PHE B 173 -31.12 -1.67 16.40
N LYS B 174 -31.54 -2.87 16.01
CA LYS B 174 -32.65 -3.06 15.08
C LYS B 174 -32.44 -2.35 13.73
N PRO B 175 -31.35 -2.70 13.01
CA PRO B 175 -31.14 -2.14 11.70
C PRO B 175 -32.07 -2.75 10.66
N LYS B 176 -32.25 -2.06 9.54
CA LYS B 176 -32.96 -2.64 8.39
C LYS B 176 -32.02 -3.24 7.36
N VAL B 177 -30.71 -2.98 7.47
CA VAL B 177 -29.70 -3.64 6.61
C VAL B 177 -28.48 -4.02 7.43
N ILE B 178 -27.96 -5.22 7.21
CA ILE B 178 -26.68 -5.62 7.82
C ILE B 178 -25.74 -5.95 6.67
N ILE B 179 -24.55 -5.36 6.71
CA ILE B 179 -23.63 -5.48 5.58
C ILE B 179 -22.55 -6.47 5.96
N CYS B 180 -22.25 -7.39 5.07
CA CYS B 180 -21.10 -8.29 5.22
C CYS B 180 -20.40 -8.35 3.88
N GLY B 181 -19.19 -8.92 3.86
CA GLY B 181 -18.27 -8.77 2.72
C GLY B 181 -17.41 -7.52 2.93
N TYR B 182 -16.10 -7.65 2.80
CA TYR B 182 -15.17 -6.75 3.46
C TYR B 182 -13.99 -6.32 2.60
N THR B 183 -13.19 -5.39 3.11
CA THR B 183 -12.05 -4.86 2.30
C THR B 183 -10.72 -5.49 2.68
N SER B 184 -10.50 -5.78 3.95
CA SER B 184 -9.29 -6.50 4.30
C SER B 184 -9.63 -7.59 5.30
N TYR B 185 -10.40 -8.57 4.83
CA TYR B 185 -10.76 -9.72 5.61
C TYR B 185 -10.16 -10.96 4.97
N PRO B 186 -9.22 -11.64 5.65
CA PRO B 186 -8.54 -12.76 5.03
C PRO B 186 -9.30 -14.09 5.09
N ARG B 187 -10.50 -14.13 5.70
CA ARG B 187 -11.23 -15.41 5.80
C ARG B 187 -12.57 -15.37 5.09
N ASP B 188 -13.09 -16.55 4.76
CA ASP B 188 -14.43 -16.64 4.16
C ASP B 188 -15.50 -16.24 5.19
N ILE B 189 -16.70 -15.96 4.68
CA ILE B 189 -17.80 -15.39 5.46
C ILE B 189 -18.93 -16.43 5.68
N ASP B 190 -19.52 -16.45 6.85
CA ASP B 190 -20.65 -17.35 7.13
C ASP B 190 -21.95 -16.62 6.84
N TYR B 191 -22.34 -16.60 5.57
CA TYR B 191 -23.52 -15.88 5.09
C TYR B 191 -24.80 -16.44 5.67
N GLN B 192 -24.87 -17.76 5.80
CA GLN B 192 -26.04 -18.41 6.42
C GLN B 192 -26.29 -17.87 7.82
N GLN B 193 -25.25 -17.72 8.64
CA GLN B 193 -25.46 -17.16 9.98
C GLN B 193 -25.82 -15.68 9.93
N PHE B 194 -25.32 -14.95 8.93
CA PHE B 194 -25.75 -13.54 8.77
C PHE B 194 -27.24 -13.48 8.44
N ARG B 195 -27.65 -14.29 7.46
CA ARG B 195 -29.06 -14.43 7.05
C ARG B 195 -30.00 -14.83 8.20
N GLN B 196 -29.53 -15.72 9.08
CA GLN B 196 -30.26 -16.11 10.29
C GLN B 196 -30.46 -14.90 11.23
N ILE B 197 -29.40 -14.12 11.44
CA ILE B 197 -29.49 -12.90 12.24
C ILE B 197 -30.41 -11.85 11.60
N CYS B 198 -30.32 -11.76 10.28
CA CYS B 198 -31.11 -10.79 9.52
C CYS B 198 -32.61 -11.12 9.63
N ASP B 199 -32.99 -12.38 9.41
CA ASP B 199 -34.38 -12.87 9.62
C ASP B 199 -34.88 -12.61 11.05
N GLU B 200 -34.00 -12.78 12.03
CA GLU B 200 -34.32 -12.65 13.47
C GLU B 200 -34.74 -11.23 13.87
N VAL B 201 -34.37 -10.25 13.03
CA VAL B 201 -34.56 -8.82 13.28
C VAL B 201 -35.39 -8.14 12.17
N ASN B 202 -35.77 -8.91 11.15
CA ASN B 202 -36.42 -8.43 9.91
C ASN B 202 -35.56 -7.56 8.96
N ALA B 203 -34.24 -7.63 9.10
CA ALA B 203 -33.31 -6.79 8.31
C ALA B 203 -32.95 -7.45 6.97
N TYR B 204 -32.61 -6.62 5.99
CA TYR B 204 -32.07 -7.09 4.69
C TYR B 204 -30.61 -7.62 4.85
N LEU B 205 -30.20 -8.57 4.01
CA LEU B 205 -28.79 -9.02 3.96
C LEU B 205 -28.06 -8.52 2.73
N PHE B 206 -27.05 -7.69 2.98
CA PHE B 206 -26.28 -7.03 1.93
C PHE B 206 -24.89 -7.64 2.00
N ALA B 207 -24.47 -8.28 0.92
CA ALA B 207 -23.11 -8.83 0.80
C ALA B 207 -22.29 -8.00 -0.21
N ASP B 208 -21.24 -7.32 0.25
CA ASP B 208 -20.29 -6.66 -0.68
C ASP B 208 -19.15 -7.62 -0.97
N ILE B 209 -19.09 -8.17 -2.17
CA ILE B 209 -18.10 -9.22 -2.51
C ILE B 209 -17.01 -8.73 -3.47
N SER B 210 -16.79 -7.41 -3.52
CA SER B 210 -15.80 -6.77 -4.40
C SER B 210 -14.43 -7.43 -4.38
N HIS B 211 -13.97 -7.80 -3.19
CA HIS B 211 -12.64 -8.41 -3.04
C HIS B 211 -12.57 -9.89 -3.37
N ILE B 212 -13.71 -10.59 -3.30
CA ILE B 212 -13.72 -12.05 -3.50
C ILE B 212 -14.59 -12.50 -4.67
N SER B 213 -15.00 -11.54 -5.50
CA SER B 213 -16.04 -11.77 -6.48
C SER B 213 -15.78 -13.00 -7.34
N SER B 214 -14.58 -13.11 -7.91
CA SER B 214 -14.15 -14.28 -8.69
C SER B 214 -14.25 -15.61 -7.93
N PHE B 215 -13.95 -15.61 -6.64
CA PHE B 215 -14.09 -16.82 -5.83
C PHE B 215 -15.56 -17.24 -5.73
N VAL B 216 -16.45 -16.26 -5.59
CA VAL B 216 -17.88 -16.53 -5.54
C VAL B 216 -18.32 -17.08 -6.90
N ALA B 217 -17.90 -16.41 -7.97
CA ALA B 217 -18.25 -16.81 -9.33
C ALA B 217 -17.77 -18.18 -9.72
N CYS B 218 -16.54 -18.52 -9.33
CA CYS B 218 -15.93 -19.77 -9.77
C CYS B 218 -16.27 -20.95 -8.83
N ASN B 219 -17.04 -20.68 -7.78
CA ASN B 219 -17.47 -21.67 -6.77
C ASN B 219 -16.37 -22.19 -5.83
N ILE B 220 -15.35 -21.36 -5.61
CA ILE B 220 -14.24 -21.68 -4.72
C ILE B 220 -14.54 -21.30 -3.29
N LEU B 221 -15.27 -20.21 -3.07
CA LEU B 221 -15.69 -19.83 -1.73
C LEU B 221 -17.20 -19.90 -1.56
N ASN B 222 -17.65 -19.66 -0.33
CA ASN B 222 -19.07 -19.62 0.01
C ASN B 222 -19.88 -18.72 -0.95
N ASN B 223 -21.12 -19.14 -1.26
CA ASN B 223 -21.94 -18.39 -2.22
C ASN B 223 -22.93 -17.49 -1.50
N PRO B 224 -22.71 -16.14 -1.53
CA PRO B 224 -23.66 -15.30 -0.86
C PRO B 224 -25.03 -15.24 -1.56
N PHE B 225 -25.06 -15.55 -2.85
CA PHE B 225 -26.31 -15.49 -3.60
C PHE B 225 -27.40 -16.47 -3.05
N LEU B 226 -26.99 -17.50 -2.31
CA LEU B 226 -27.94 -18.43 -1.70
C LEU B 226 -28.70 -17.79 -0.53
N HIS B 227 -28.11 -16.74 0.07
CA HIS B 227 -28.69 -16.11 1.26
C HIS B 227 -28.94 -14.60 1.21
N ALA B 228 -28.33 -13.86 0.27
CA ALA B 228 -28.46 -12.39 0.32
C ALA B 228 -29.69 -11.84 -0.43
N ASP B 229 -30.20 -10.73 0.07
CA ASP B 229 -31.15 -9.88 -0.67
C ASP B 229 -30.47 -9.03 -1.75
N VAL B 230 -29.31 -8.47 -1.40
CA VAL B 230 -28.51 -7.64 -2.30
C VAL B 230 -27.05 -8.09 -2.29
N VAL B 231 -26.46 -8.24 -3.47
CA VAL B 231 -25.03 -8.46 -3.58
C VAL B 231 -24.46 -7.32 -4.42
N THR B 232 -23.44 -6.64 -3.91
CA THR B 232 -22.67 -5.68 -4.74
C THR B 232 -21.24 -6.12 -4.98
N THR B 233 -20.71 -5.70 -6.11
CA THR B 233 -19.31 -5.96 -6.41
C THR B 233 -18.75 -4.93 -7.38
N THR B 234 -17.51 -4.53 -7.11
CA THR B 234 -16.74 -3.83 -8.10
C THR B 234 -16.34 -4.83 -9.13
N THR B 235 -16.04 -4.33 -10.32
CA THR B 235 -15.59 -5.16 -11.44
C THR B 235 -14.08 -5.11 -11.68
N HIS B 236 -13.32 -4.31 -10.90
CA HIS B 236 -11.88 -4.03 -11.18
C HIS B 236 -10.84 -4.71 -10.30
N LYS B 237 -11.25 -5.42 -9.26
CA LYS B 237 -10.27 -6.05 -8.41
C LYS B 237 -9.95 -7.48 -8.93
N ILE B 238 -10.19 -8.49 -8.11
CA ILE B 238 -9.90 -9.87 -8.50
C ILE B 238 -10.64 -10.28 -9.80
N LEU B 239 -11.78 -9.64 -10.08
CA LEU B 239 -12.55 -9.87 -11.31
C LEU B 239 -11.84 -9.46 -12.58
N ARG B 240 -10.94 -8.48 -12.47
CA ARG B 240 -10.01 -8.08 -13.52
C ARG B 240 -10.72 -7.27 -14.63
N GLY B 241 -11.75 -6.53 -14.25
CA GLY B 241 -12.47 -5.72 -15.19
C GLY B 241 -12.06 -4.25 -15.17
N PRO B 242 -12.94 -3.42 -15.72
CA PRO B 242 -12.78 -1.99 -15.65
C PRO B 242 -13.17 -1.51 -14.29
N ARG B 243 -12.91 -0.22 -14.05
CA ARG B 243 -13.44 0.42 -12.88
C ARG B 243 -14.95 0.69 -13.03
N SER B 244 -15.73 -0.19 -12.42
CA SER B 244 -17.18 -0.11 -12.46
C SER B 244 -17.72 -0.98 -11.33
N ALA B 245 -19.03 -1.01 -11.18
CA ALA B 245 -19.64 -1.84 -10.18
C ALA B 245 -21.00 -2.39 -10.62
N LEU B 246 -21.45 -3.42 -9.87
CA LEU B 246 -22.67 -4.15 -10.14
C LEU B 246 -23.49 -4.22 -8.86
N ILE B 247 -24.79 -4.02 -8.99
CA ILE B 247 -25.71 -4.28 -7.90
C ILE B 247 -26.58 -5.45 -8.39
N PHE B 248 -26.52 -6.55 -7.65
CA PHE B 248 -27.46 -7.67 -7.78
C PHE B 248 -28.55 -7.59 -6.71
N PHE B 249 -29.78 -7.93 -7.08
CA PHE B 249 -30.93 -7.91 -6.16
C PHE B 249 -31.83 -9.16 -6.33
N ASN B 250 -32.27 -9.72 -5.22
CA ASN B 250 -33.04 -10.97 -5.23
C ASN B 250 -34.52 -10.63 -5.43
N LYS B 251 -35.05 -10.86 -6.63
CA LYS B 251 -36.48 -10.59 -6.89
C LYS B 251 -37.39 -11.52 -6.07
N LYS B 252 -37.12 -12.82 -6.11
CA LYS B 252 -38.02 -13.80 -5.46
C LYS B 252 -38.23 -13.53 -3.99
N ARG B 253 -37.15 -13.25 -3.29
CA ARG B 253 -37.22 -12.92 -1.88
C ARG B 253 -37.90 -11.55 -1.67
N ASN B 254 -37.69 -10.61 -2.60
CA ASN B 254 -38.24 -9.24 -2.49
C ASN B 254 -38.85 -8.71 -3.81
N PRO B 255 -40.10 -9.11 -4.14
CA PRO B 255 -40.79 -8.41 -5.25
C PRO B 255 -40.89 -6.90 -4.96
N GLY B 256 -40.67 -6.09 -5.99
CA GLY B 256 -40.62 -4.63 -5.83
C GLY B 256 -39.23 -4.04 -5.56
N ILE B 257 -38.23 -4.89 -5.33
CA ILE B 257 -36.85 -4.44 -5.13
C ILE B 257 -36.24 -3.89 -6.42
N GLU B 258 -36.55 -4.51 -7.54
CA GLU B 258 -36.02 -4.13 -8.85
C GLU B 258 -36.26 -2.66 -9.16
N GLN B 259 -37.49 -2.18 -8.94
CA GLN B 259 -37.79 -0.78 -9.17
C GLN B 259 -36.99 0.12 -8.22
N LYS B 260 -36.88 -0.27 -6.94
CA LYS B 260 -36.16 0.54 -5.94
C LYS B 260 -34.66 0.77 -6.26
N ILE B 261 -33.99 -0.29 -6.71
CA ILE B 261 -32.58 -0.24 -7.03
C ILE B 261 -32.35 0.51 -8.34
N ASN B 262 -33.17 0.21 -9.34
CA ASN B 262 -33.05 0.87 -10.62
C ASN B 262 -33.28 2.37 -10.49
N SER B 263 -34.26 2.77 -9.70
CA SER B 263 -34.58 4.18 -9.54
C SER B 263 -33.58 4.88 -8.61
N ALA B 264 -33.00 4.15 -7.68
CA ALA B 264 -31.94 4.64 -6.83
C ALA B 264 -30.69 5.01 -7.62
N VAL B 265 -30.33 4.20 -8.59
CA VAL B 265 -29.16 4.47 -9.43
C VAL B 265 -29.43 5.65 -10.37
N PHE B 266 -30.55 5.60 -11.07
CA PHE B 266 -31.00 6.72 -11.89
C PHE B 266 -32.50 6.78 -11.80
N PRO B 267 -33.11 7.93 -11.53
CA PRO B 267 -32.47 9.24 -11.50
C PRO B 267 -32.12 9.76 -10.11
N SER B 268 -32.16 8.92 -9.08
CA SER B 268 -31.86 9.43 -7.73
C SER B 268 -30.40 9.94 -7.63
N PHE B 269 -29.42 9.16 -8.07
CA PHE B 269 -28.01 9.45 -7.88
C PHE B 269 -27.26 9.82 -9.15
N GLN B 270 -27.39 9.01 -10.19
CA GLN B 270 -26.66 9.20 -11.44
C GLN B 270 -27.48 9.86 -12.55
N GLY B 271 -26.79 10.31 -13.59
CA GLY B 271 -27.38 10.72 -14.84
C GLY B 271 -27.06 9.69 -15.90
N GLY B 272 -26.38 10.14 -16.97
CA GLY B 272 -26.03 9.24 -18.07
C GLY B 272 -25.10 8.11 -17.65
N PRO B 273 -25.34 6.86 -18.14
CA PRO B 273 -24.35 5.82 -17.86
C PRO B 273 -23.12 6.03 -18.68
N HIS B 274 -22.04 5.37 -18.30
CA HIS B 274 -20.82 5.40 -19.08
C HIS B 274 -20.72 4.14 -19.90
N ASN B 275 -21.00 4.24 -21.19
CA ASN B 275 -21.20 3.06 -22.03
C ASN B 275 -19.93 2.37 -22.40
N ASN B 276 -18.83 3.11 -22.45
CA ASN B 276 -17.51 2.51 -22.55
C ASN B 276 -17.22 1.58 -21.37
N LYS B 277 -17.61 1.98 -20.16
CA LYS B 277 -17.55 1.09 -18.99
C LYS B 277 -18.39 -0.18 -19.16
N ILE B 278 -19.64 0.00 -19.56
CA ILE B 278 -20.59 -1.11 -19.66
C ILE B 278 -20.09 -2.13 -20.71
N ALA B 279 -19.67 -1.64 -21.87
CA ALA B 279 -18.93 -2.42 -22.87
C ALA B 279 -17.71 -3.18 -22.31
N ALA B 280 -16.85 -2.47 -21.58
CA ALA B 280 -15.69 -3.09 -20.99
C ALA B 280 -16.10 -4.23 -20.04
N VAL B 281 -17.14 -4.00 -19.25
CA VAL B 281 -17.58 -5.00 -18.30
C VAL B 281 -18.10 -6.21 -19.05
N ALA B 282 -18.86 -6.00 -20.14
CA ALA B 282 -19.35 -7.11 -20.98
C ALA B 282 -18.21 -7.98 -21.42
N CYS B 283 -17.19 -7.32 -21.94
CA CYS B 283 -15.99 -7.97 -22.41
C CYS B 283 -15.32 -8.81 -21.34
N GLN B 284 -15.24 -8.32 -20.11
CA GLN B 284 -14.59 -9.10 -19.06
C GLN B 284 -15.49 -10.19 -18.50
N LEU B 285 -16.79 -9.95 -18.41
CA LEU B 285 -17.69 -10.93 -17.80
C LEU B 285 -17.76 -12.21 -18.66
N LYS B 286 -17.42 -12.11 -19.95
CA LYS B 286 -17.32 -13.27 -20.81
C LYS B 286 -16.09 -14.09 -20.46
N GLU B 287 -14.93 -13.43 -20.34
CA GLU B 287 -13.73 -14.09 -19.81
C GLU B 287 -14.00 -14.76 -18.47
N VAL B 288 -14.74 -14.12 -17.56
CA VAL B 288 -15.03 -14.67 -16.24
C VAL B 288 -15.67 -16.05 -16.31
N HIS B 289 -16.61 -16.23 -17.22
CA HIS B 289 -17.39 -17.49 -17.29
C HIS B 289 -16.61 -18.71 -17.82
N SER B 290 -15.49 -18.46 -18.50
CA SER B 290 -14.69 -19.50 -19.11
C SER B 290 -13.91 -20.30 -18.07
N PRO B 291 -13.51 -21.56 -18.42
CA PRO B 291 -12.72 -22.35 -17.48
C PRO B 291 -11.28 -21.81 -17.26
N ALA B 292 -10.68 -21.19 -18.28
CA ALA B 292 -9.38 -20.53 -18.14
C ALA B 292 -9.32 -19.52 -16.98
N PHE B 293 -10.39 -18.75 -16.80
CA PHE B 293 -10.45 -17.76 -15.72
C PHE B 293 -10.62 -18.43 -14.37
N LYS B 294 -11.29 -19.59 -14.35
CA LYS B 294 -11.34 -20.40 -13.13
C LYS B 294 -9.91 -20.87 -12.77
N GLU B 295 -9.13 -21.29 -13.76
CA GLU B 295 -7.72 -21.64 -13.55
C GLU B 295 -6.92 -20.46 -12.97
N TYR B 296 -7.18 -19.24 -13.46
CA TYR B 296 -6.58 -18.04 -12.92
C TYR B 296 -6.96 -17.90 -11.46
N THR B 297 -8.27 -17.91 -11.17
CA THR B 297 -8.78 -17.71 -9.80
C THR B 297 -8.24 -18.74 -8.81
N GLN B 298 -8.17 -19.99 -9.25
CA GLN B 298 -7.55 -21.07 -8.45
C GLN B 298 -6.10 -20.81 -8.21
N GLN B 299 -5.40 -20.34 -9.25
CA GLN B 299 -4.01 -20.00 -9.09
C GLN B 299 -3.81 -18.85 -8.06
N VAL B 300 -4.76 -17.92 -7.98
CA VAL B 300 -4.75 -16.80 -7.00
C VAL B 300 -4.79 -17.37 -5.58
N LEU B 301 -5.69 -18.32 -5.38
CA LEU B 301 -5.79 -18.96 -4.07
C LEU B 301 -4.52 -19.76 -3.73
N LEU B 302 -3.99 -20.51 -4.68
CA LEU B 302 -2.83 -21.36 -4.44
C LEU B 302 -1.62 -20.49 -4.09
N ASN B 303 -1.44 -19.38 -4.80
CA ASN B 303 -0.36 -18.41 -4.50
C ASN B 303 -0.51 -17.77 -3.14
N SER B 304 -1.74 -17.42 -2.80
CA SER B 304 -2.02 -16.81 -1.51
C SER B 304 -1.71 -17.76 -0.35
N LYS B 305 -2.04 -19.03 -0.51
CA LYS B 305 -1.75 -20.04 0.52
C LYS B 305 -0.24 -20.24 0.65
N ALA B 306 0.45 -20.37 -0.49
CA ALA B 306 1.90 -20.53 -0.49
C ALA B 306 2.63 -19.32 0.10
N LEU B 307 2.13 -18.14 -0.20
CA LEU B 307 2.71 -16.90 0.35
C LEU B 307 2.54 -16.86 1.85
N ALA B 308 1.34 -17.21 2.33
CA ALA B 308 1.08 -17.25 3.78
C ALA B 308 2.01 -18.23 4.48
N LYS B 309 2.12 -19.43 3.90
CA LYS B 309 2.98 -20.49 4.41
C LYS B 309 4.47 -20.12 4.42
N ALA B 310 4.94 -19.47 3.36
CA ALA B 310 6.35 -19.03 3.29
C ALA B 310 6.63 -17.93 4.34
N LEU B 311 5.66 -17.05 4.56
CA LEU B 311 5.82 -15.99 5.59
C LEU B 311 5.87 -16.57 6.99
N ILE B 312 4.98 -17.53 7.27
CA ILE B 312 4.98 -18.27 8.55
C ILE B 312 6.30 -19.03 8.76
N SER B 313 6.77 -19.73 7.75
CA SER B 313 8.08 -20.41 7.76
C SER B 313 9.27 -19.49 8.11
N LYS B 314 9.15 -18.19 7.81
CA LYS B 314 10.11 -17.14 8.21
C LYS B 314 9.72 -16.40 9.49
N GLN B 315 8.82 -16.99 10.29
CA GLN B 315 8.46 -16.49 11.63
C GLN B 315 7.70 -15.16 11.62
N ILE B 316 7.14 -14.76 10.48
CA ILE B 316 6.21 -13.62 10.40
C ILE B 316 4.77 -14.07 10.72
N ASP B 317 4.11 -13.32 11.61
CA ASP B 317 2.72 -13.54 12.02
C ASP B 317 1.68 -12.92 11.07
N LEU B 318 0.57 -13.66 10.85
CA LEU B 318 -0.52 -13.23 9.99
C LEU B 318 -1.79 -13.11 10.83
N VAL B 319 -2.62 -12.10 10.57
CA VAL B 319 -3.92 -12.01 11.25
C VAL B 319 -4.81 -13.19 10.80
N THR B 320 -5.44 -13.82 11.80
CA THR B 320 -6.13 -15.11 11.68
C THR B 320 -5.23 -16.31 11.41
N ASN B 321 -3.91 -16.10 11.46
CA ASN B 321 -2.91 -17.14 11.21
C ASN B 321 -2.90 -17.84 9.86
N GLY B 322 -3.41 -17.17 8.83
CA GLY B 322 -3.53 -17.78 7.50
C GLY B 322 -4.55 -17.02 6.69
N THR B 323 -4.95 -17.63 5.57
CA THR B 323 -5.89 -17.05 4.62
C THR B 323 -6.80 -18.11 3.95
N ASP B 324 -8.07 -17.78 3.71
CA ASP B 324 -8.96 -18.59 2.86
C ASP B 324 -9.12 -18.02 1.47
N ASN B 325 -8.54 -16.85 1.23
CA ASN B 325 -8.78 -16.15 0.01
C ASN B 325 -7.47 -15.59 -0.55
N HIS B 326 -7.60 -14.55 -1.37
CA HIS B 326 -6.52 -13.85 -2.08
C HIS B 326 -5.60 -12.92 -1.27
N LEU B 327 -5.93 -12.67 0.00
CA LEU B 327 -5.21 -11.68 0.76
C LEU B 327 -4.72 -12.16 2.09
N ILE B 328 -3.64 -11.52 2.53
CA ILE B 328 -3.00 -11.81 3.80
C ILE B 328 -2.94 -10.48 4.52
N VAL B 329 -3.08 -10.47 5.83
CA VAL B 329 -2.75 -9.28 6.62
C VAL B 329 -1.64 -9.70 7.58
N VAL B 330 -0.48 -9.08 7.45
CA VAL B 330 0.71 -9.34 8.28
C VAL B 330 0.64 -8.48 9.51
N ASP B 331 0.84 -9.12 10.68
CA ASP B 331 0.91 -8.46 12.00
C ASP B 331 2.38 -8.20 12.33
N LEU B 332 2.75 -6.92 12.44
CA LEU B 332 4.18 -6.52 12.57
C LEU B 332 4.65 -6.18 13.98
N ARG B 333 3.85 -6.48 15.01
CA ARG B 333 4.13 -6.09 16.39
C ARG B 333 5.43 -6.69 16.93
N LYS B 334 5.73 -7.93 16.58
CA LYS B 334 6.92 -8.61 17.10
C LYS B 334 8.24 -7.98 16.64
N PHE B 335 8.20 -7.17 15.59
CA PHE B 335 9.37 -6.49 15.08
C PHE B 335 9.43 -5.05 15.55
N SER B 336 8.39 -4.60 16.25
CA SER B 336 8.31 -3.26 16.81
C SER B 336 8.44 -2.20 15.72
N ILE B 337 7.73 -2.44 14.62
CA ILE B 337 7.61 -1.46 13.54
C ILE B 337 6.16 -1.30 13.10
N THR B 338 5.83 -0.11 12.59
CA THR B 338 4.49 0.18 12.08
C THR B 338 4.40 -0.22 10.61
N GLY B 339 3.18 -0.49 10.16
CA GLY B 339 2.88 -0.74 8.73
C GLY B 339 3.23 0.46 7.89
N SER B 340 2.94 1.64 8.42
CA SER B 340 3.33 2.92 7.80
C SER B 340 4.80 2.94 7.42
N LYS B 341 5.67 2.53 8.35
CA LYS B 341 7.12 2.43 8.06
C LYS B 341 7.46 1.39 6.97
N LEU B 342 6.81 0.23 7.02
CA LEU B 342 7.10 -0.87 6.06
C LEU B 342 6.60 -0.54 4.64
N GLN B 343 5.47 0.12 4.54
CA GLN B 343 5.00 0.67 3.25
C GLN B 343 6.07 1.57 2.62
N GLU B 344 6.66 2.47 3.43
CA GLU B 344 7.69 3.38 2.88
C GLU B 344 8.88 2.60 2.38
N THR B 345 9.36 1.66 3.20
CA THR B 345 10.45 0.80 2.79
C THR B 345 10.14 0.01 1.53
N CYS B 346 8.92 -0.51 1.45
CA CYS B 346 8.53 -1.35 0.31
C CYS B 346 8.43 -0.53 -0.94
N ASN B 347 7.90 0.69 -0.81
CA ASN B 347 7.95 1.69 -1.89
C ASN B 347 9.33 1.90 -2.49
N ALA B 348 10.33 2.04 -1.61
CA ALA B 348 11.72 2.22 -2.03
C ALA B 348 12.28 1.04 -2.87
N ILE B 349 11.64 -0.13 -2.78
CA ILE B 349 12.10 -1.29 -3.49
C ILE B 349 11.16 -1.77 -4.61
N ASN B 350 10.22 -0.90 -4.99
CA ASN B 350 9.19 -1.22 -5.99
C ASN B 350 8.28 -2.40 -5.58
N VAL B 351 7.90 -2.41 -4.32
CA VAL B 351 6.96 -3.38 -3.77
C VAL B 351 5.79 -2.53 -3.31
N SER B 352 4.65 -2.65 -4.00
CA SER B 352 3.40 -1.97 -3.61
C SER B 352 2.59 -2.84 -2.68
N LEU B 353 2.35 -2.32 -1.48
CA LEU B 353 1.45 -2.92 -0.53
C LEU B 353 0.89 -1.78 0.33
N ASN B 354 -0.11 -2.04 1.16
CA ASN B 354 -0.67 -0.96 1.97
C ASN B 354 -0.73 -1.31 3.42
N LYS B 355 -0.54 -0.29 4.24
CA LYS B 355 -0.67 -0.44 5.67
C LYS B 355 -2.09 -0.77 6.02
N ASN B 356 -2.27 -1.49 7.11
CA ASN B 356 -3.57 -2.02 7.49
C ASN B 356 -3.63 -2.21 9.02
N THR B 357 -4.74 -1.82 9.61
CA THR B 357 -4.97 -2.04 11.03
C THR B 357 -5.08 -3.54 11.40
N ILE B 358 -4.78 -3.84 12.67
CA ILE B 358 -4.94 -5.16 13.24
C ILE B 358 -5.81 -4.97 14.50
N PRO B 359 -6.39 -6.06 15.05
CA PRO B 359 -7.34 -5.92 16.18
C PRO B 359 -6.81 -5.13 17.40
N SER B 360 -5.54 -5.30 17.72
CA SER B 360 -4.88 -4.59 18.83
C SER B 360 -4.69 -3.07 18.59
N ASP B 361 -4.78 -2.61 17.33
CA ASP B 361 -4.79 -1.17 17.06
C ASP B 361 -6.08 -0.57 17.56
N VAL B 362 -5.97 0.55 18.27
CA VAL B 362 -7.13 1.31 18.73
C VAL B 362 -7.33 2.56 17.87
N ASP B 363 -6.29 3.40 17.80
CA ASP B 363 -6.40 4.76 17.26
C ASP B 363 -6.62 4.84 15.75
N ALA B 364 -6.08 3.87 15.00
CA ALA B 364 -6.08 3.90 13.52
C ALA B 364 -5.16 4.98 12.90
N VAL B 365 -4.41 5.69 13.73
CA VAL B 365 -3.51 6.75 13.27
C VAL B 365 -2.28 6.05 12.73
N SER B 366 -1.77 5.09 13.49
CA SER B 366 -0.63 4.27 13.09
C SER B 366 -1.01 2.80 13.20
N PRO B 367 -1.33 2.15 12.07
CA PRO B 367 -1.68 0.74 12.05
C PRO B 367 -0.47 -0.20 12.12
N SER B 368 -0.71 -1.39 12.66
CA SER B 368 0.39 -2.27 12.99
C SER B 368 0.53 -3.41 11.96
N GLY B 369 -0.11 -3.28 10.80
CA GLY B 369 0.00 -4.30 9.78
C GLY B 369 0.20 -3.76 8.39
N VAL B 370 0.38 -4.67 7.46
CA VAL B 370 0.23 -4.40 6.06
C VAL B 370 -0.65 -5.49 5.42
N ARG B 371 -1.40 -5.10 4.41
CA ARG B 371 -2.22 -6.00 3.65
C ARG B 371 -1.52 -6.29 2.34
N ILE B 372 -1.47 -7.57 1.98
CA ILE B 372 -0.96 -7.98 0.70
C ILE B 372 -2.00 -8.90 0.04
N GLY B 373 -1.94 -8.96 -1.29
CA GLY B 373 -2.75 -9.88 -2.06
C GLY B 373 -2.05 -10.29 -3.33
N THR B 374 -2.54 -11.39 -3.91
CA THR B 374 -1.96 -12.03 -5.08
C THR B 374 -2.62 -11.90 -6.45
N PRO B 375 -3.78 -11.22 -6.59
CA PRO B 375 -4.35 -11.25 -7.96
C PRO B 375 -3.47 -10.64 -9.05
N ALA B 376 -2.88 -9.48 -8.76
CA ALA B 376 -2.06 -8.79 -9.72
C ALA B 376 -0.85 -9.64 -10.17
N MET B 377 -0.11 -10.18 -9.21
CA MET B 377 1.07 -10.96 -9.55
C MET B 377 0.72 -12.32 -10.17
N THR B 378 -0.43 -12.89 -9.78
CA THR B 378 -0.94 -14.08 -10.48
C THR B 378 -1.30 -13.80 -11.92
N THR B 379 -1.90 -12.63 -12.19
CA THR B 379 -2.13 -12.20 -13.59
C THR B 379 -0.80 -12.09 -14.40
N ARG B 380 0.27 -11.63 -13.75
CA ARG B 380 1.60 -11.56 -14.38
C ARG B 380 2.37 -12.91 -14.47
N GLY B 381 1.75 -14.02 -14.04
CA GLY B 381 2.26 -15.37 -14.31
C GLY B 381 3.04 -16.03 -13.19
N ALA B 382 3.12 -15.39 -12.02
CA ALA B 382 3.76 -16.01 -10.86
C ALA B 382 3.00 -17.26 -10.40
N LYS B 383 3.77 -18.26 -10.02
CA LYS B 383 3.25 -19.52 -9.56
C LYS B 383 3.65 -19.71 -8.09
N GLU B 384 3.28 -20.83 -7.51
CA GLU B 384 3.49 -21.06 -6.06
C GLU B 384 4.94 -20.93 -5.63
N LYS B 385 5.83 -21.52 -6.42
CA LYS B 385 7.27 -21.44 -6.18
C LYS B 385 7.83 -20.02 -6.17
N ASP B 386 7.19 -19.10 -6.89
CA ASP B 386 7.58 -17.68 -6.90
C ASP B 386 7.26 -16.92 -5.61
N MET B 387 6.38 -17.48 -4.77
CA MET B 387 5.95 -16.81 -3.55
C MET B 387 7.04 -16.85 -2.48
N GLU B 388 7.91 -17.86 -2.50
CA GLU B 388 9.08 -17.87 -1.62
C GLU B 388 9.95 -16.61 -1.85
N PHE B 389 10.20 -16.29 -3.10
CA PHE B 389 10.93 -15.07 -3.42
C PHE B 389 10.22 -13.83 -2.92
N ILE B 390 8.90 -13.76 -3.08
CA ILE B 390 8.14 -12.59 -2.59
C ILE B 390 8.23 -12.49 -1.07
N ALA B 391 7.98 -13.60 -0.40
CA ALA B 391 8.15 -13.70 1.05
C ALA B 391 9.57 -13.30 1.49
N ASP B 392 10.59 -13.79 0.77
CA ASP B 392 11.99 -13.39 1.06
C ASP B 392 12.25 -11.88 0.88
N VAL B 393 11.68 -11.28 -0.15
CA VAL B 393 11.79 -9.83 -0.34
C VAL B 393 11.10 -9.12 0.83
N LEU B 394 9.89 -9.55 1.19
CA LEU B 394 9.16 -8.93 2.30
C LEU B 394 9.87 -9.09 3.65
N ALA B 395 10.41 -10.27 3.92
CA ALA B 395 11.21 -10.47 5.16
C ALA B 395 12.48 -9.57 5.19
N ARG B 396 13.13 -9.40 4.03
CA ARG B 396 14.31 -8.52 3.93
C ARG B 396 13.93 -7.05 4.17
N ALA B 397 12.76 -6.64 3.69
CA ALA B 397 12.27 -5.29 3.89
C ALA B 397 11.92 -5.02 5.32
N ILE B 398 11.37 -6.04 5.97
CA ILE B 398 11.05 -5.95 7.37
C ILE B 398 12.35 -5.76 8.14
N LYS B 399 13.36 -6.56 7.82
CA LYS B 399 14.66 -6.44 8.50
C LYS B 399 15.35 -5.08 8.26
N ILE B 400 15.37 -4.63 7.00
CA ILE B 400 15.94 -3.31 6.68
C ILE B 400 15.17 -2.22 7.41
N THR B 401 13.86 -2.36 7.46
CA THR B 401 13.03 -1.41 8.19
C THR B 401 13.44 -1.36 9.66
N VAL B 402 13.64 -2.53 10.25
CA VAL B 402 14.11 -2.65 11.64
C VAL B 402 15.47 -1.94 11.84
N ASP B 403 16.41 -2.13 10.90
CA ASP B 403 17.75 -1.49 10.92
C ASP B 403 17.69 0.04 10.81
N LEU B 404 16.89 0.53 9.87
CA LEU B 404 16.67 1.96 9.69
C LEU B 404 16.04 2.62 10.92
N GLN B 405 15.10 1.95 11.56
CA GLN B 405 14.48 2.51 12.76
C GLN B 405 15.47 2.71 13.92
N GLU B 406 16.44 1.81 14.02
CA GLU B 406 17.46 1.85 15.07
C GLU B 406 18.44 2.99 14.82
N GLN B 407 18.83 3.17 13.56
CA GLN B 407 19.75 4.22 13.18
C GLN B 407 19.15 5.63 13.26
N TYR B 408 17.91 5.77 12.78
CA TYR B 408 17.31 7.08 12.57
C TYR B 408 16.18 7.43 13.55
N GLY B 409 15.75 6.49 14.40
CA GLY B 409 14.63 6.72 15.33
C GLY B 409 13.26 6.22 14.87
N LYS B 410 12.29 6.31 15.77
CA LYS B 410 10.92 5.79 15.59
C LYS B 410 9.90 6.81 15.06
N LYS B 411 10.36 8.02 14.74
CA LYS B 411 9.48 9.07 14.21
C LYS B 411 9.53 8.96 12.69
N LEU B 412 8.37 9.05 12.05
CA LEU B 412 8.27 8.82 10.59
C LEU B 412 9.06 9.84 9.78
N VAL B 413 9.03 11.10 10.20
CA VAL B 413 9.86 12.17 9.58
C VAL B 413 11.33 11.72 9.49
N ASP B 414 11.85 11.27 10.64
CA ASP B 414 13.24 10.83 10.79
C ASP B 414 13.52 9.54 10.03
N PHE B 415 12.61 8.56 10.14
CA PHE B 415 12.76 7.26 9.47
C PHE B 415 13.02 7.42 7.99
N LYS B 416 12.12 8.15 7.32
CA LYS B 416 12.22 8.40 5.88
C LYS B 416 13.61 8.86 5.47
N LYS B 417 14.22 9.73 6.30
CA LYS B 417 15.55 10.27 6.02
C LYS B 417 16.58 9.20 5.72
N GLY B 418 16.47 8.03 6.37
CA GLY B 418 17.36 6.89 6.10
C GLY B 418 17.18 6.17 4.77
N LEU B 419 16.02 6.39 4.14
CA LEU B 419 15.56 5.53 3.04
C LEU B 419 16.34 5.75 1.73
N PRO B 420 16.45 7.02 1.26
CA PRO B 420 17.21 7.20 0.01
C PRO B 420 18.70 6.93 0.22
N GLY B 421 19.31 6.28 -0.76
CA GLY B 421 20.74 5.98 -0.71
C GLY B 421 21.19 4.75 0.07
N ASN B 422 20.30 4.18 0.91
CA ASN B 422 20.61 2.92 1.62
C ASN B 422 20.98 1.86 0.59
N ALA B 423 22.23 1.36 0.69
CA ALA B 423 22.75 0.38 -0.25
C ALA B 423 21.91 -0.91 -0.34
N GLN B 424 21.35 -1.36 0.79
CA GLN B 424 20.57 -2.61 0.80
C GLN B 424 19.26 -2.46 0.03
N LEU B 425 18.57 -1.35 0.24
CA LEU B 425 17.37 -1.04 -0.51
C LEU B 425 17.64 -0.93 -1.99
N GLN B 426 18.74 -0.27 -2.35
CA GLN B 426 19.13 -0.16 -3.78
C GLN B 426 19.44 -1.52 -4.37
N GLN B 427 20.11 -2.37 -3.61
CA GLN B 427 20.38 -3.74 -4.05
C GLN B 427 19.07 -4.57 -4.17
N LEU B 428 18.15 -4.38 -3.23
CA LEU B 428 16.89 -5.12 -3.22
C LEU B 428 15.95 -4.61 -4.30
N LYS B 429 15.82 -3.28 -4.41
CA LYS B 429 15.10 -2.69 -5.54
C LYS B 429 15.55 -3.26 -6.87
N GLN B 430 16.87 -3.32 -7.05
CA GLN B 430 17.49 -3.85 -8.27
C GLN B 430 16.99 -5.26 -8.58
N GLU B 431 17.04 -6.13 -7.57
CA GLU B 431 16.56 -7.53 -7.68
C GLU B 431 15.09 -7.61 -8.07
N VAL B 432 14.27 -6.78 -7.44
CA VAL B 432 12.84 -6.71 -7.69
C VAL B 432 12.57 -6.28 -9.13
N VAL B 433 13.21 -5.19 -9.53
CA VAL B 433 13.03 -4.63 -10.88
C VAL B 433 13.34 -5.69 -11.93
N THR B 434 14.43 -6.44 -11.74
CA THR B 434 14.85 -7.47 -12.68
C THR B 434 13.85 -8.60 -12.77
N TRP B 435 13.37 -9.06 -11.62
CA TRP B 435 12.40 -10.16 -11.62
C TRP B 435 11.05 -9.70 -12.18
N ALA B 436 10.58 -8.54 -11.71
CA ALA B 436 9.27 -7.96 -12.13
C ALA B 436 9.21 -7.57 -13.61
N GLY B 437 10.22 -6.83 -14.04
CA GLY B 437 10.36 -6.42 -15.44
C GLY B 437 10.21 -7.52 -16.46
N ALA B 438 10.71 -8.72 -16.13
CA ALA B 438 10.70 -9.88 -17.04
C ALA B 438 9.37 -10.64 -17.11
N LEU B 439 8.49 -10.39 -16.15
CA LEU B 439 7.21 -11.10 -16.08
C LEU B 439 6.30 -10.64 -17.20
N PRO B 440 5.43 -11.53 -17.73
CA PRO B 440 4.41 -11.13 -18.70
C PRO B 440 3.64 -9.91 -18.22
N PHE B 441 3.25 -9.04 -19.16
CA PHE B 441 2.55 -7.81 -18.85
C PHE B 441 1.44 -7.64 -19.89
N PRO B 442 0.16 -7.62 -19.44
CA PRO B 442 -0.90 -7.17 -20.34
C PRO B 442 -0.90 -5.65 -20.44
N MET C 1 67.39 -21.39 51.44
CA MET C 1 68.28 -21.53 50.22
C MET C 1 67.63 -21.01 48.92
N PHE C 2 67.15 -19.76 48.99
CA PHE C 2 66.51 -19.07 47.86
C PHE C 2 66.94 -17.59 47.77
N ASN C 3 66.60 -17.00 46.63
CA ASN C 3 66.84 -15.59 46.36
C ASN C 3 65.54 -14.79 46.47
N ASN C 4 65.43 -13.98 47.52
CA ASN C 4 64.24 -13.16 47.74
C ASN C 4 64.35 -11.69 47.27
N GLU C 5 65.39 -11.35 46.51
CA GLU C 5 65.50 -10.03 45.86
C GLU C 5 64.26 -9.76 44.97
N PRO C 6 63.69 -8.53 45.01
CA PRO C 6 62.59 -8.15 44.10
C PRO C 6 62.90 -8.31 42.60
N LEU C 7 61.85 -8.39 41.80
CA LEU C 7 61.92 -8.66 40.34
C LEU C 7 62.83 -7.70 39.58
N GLU C 8 62.71 -6.40 39.90
CA GLU C 8 63.58 -5.39 39.28
C GLU C 8 65.08 -5.72 39.50
N GLN C 9 65.45 -6.18 40.69
CA GLN C 9 66.85 -6.52 40.96
C GLN C 9 67.25 -7.88 40.41
N ILE C 10 66.53 -8.93 40.81
CA ILE C 10 66.81 -10.32 40.35
C ILE C 10 66.87 -10.45 38.84
N ASP C 11 66.00 -9.75 38.11
CA ASP C 11 65.93 -9.90 36.66
C ASP C 11 65.52 -8.59 36.00
N LYS C 12 66.48 -7.66 35.92
CA LYS C 12 66.26 -6.34 35.31
C LYS C 12 65.86 -6.46 33.83
N GLU C 13 66.45 -7.37 33.08
CA GLU C 13 66.09 -7.52 31.66
C GLU C 13 64.57 -7.74 31.47
N LEU C 14 64.04 -8.73 32.19
CA LEU C 14 62.62 -9.09 32.11
C LEU C 14 61.72 -7.96 32.59
N HIS C 15 62.10 -7.33 33.69
CA HIS C 15 61.32 -6.24 34.28
C HIS C 15 61.14 -5.05 33.34
N ASP C 16 62.12 -4.81 32.47
CA ASP C 16 62.07 -3.70 31.53
C ASP C 16 61.01 -3.95 30.48
N ILE C 17 60.96 -5.18 29.98
CA ILE C 17 60.01 -5.53 28.93
C ILE C 17 58.61 -5.45 29.51
N LEU C 18 58.46 -5.96 30.73
CA LEU C 18 57.16 -5.95 31.41
C LEU C 18 56.67 -4.54 31.66
N ALA C 19 57.56 -3.63 32.05
CA ALA C 19 57.15 -2.23 32.29
C ALA C 19 56.76 -1.58 30.96
N ASP C 20 57.45 -2.01 29.90
CA ASP C 20 57.14 -1.59 28.53
C ASP C 20 55.79 -2.08 28.07
N GLU C 21 55.49 -3.35 28.39
CA GLU C 21 54.20 -3.94 28.08
C GLU C 21 53.10 -3.13 28.75
N GLU C 22 53.32 -2.76 30.00
CA GLU C 22 52.36 -1.98 30.77
C GLU C 22 52.08 -0.61 30.13
N LYS C 23 53.14 0.09 29.75
CA LYS C 23 53.05 1.39 29.08
C LYS C 23 52.24 1.29 27.76
N ARG C 24 52.51 0.26 26.95
CA ARG C 24 51.77 0.04 25.72
C ARG C 24 50.25 -0.17 25.98
N GLN C 25 49.91 -0.94 27.02
CA GLN C 25 48.49 -1.15 27.39
C GLN C 25 47.83 0.15 27.81
N ARG C 26 48.60 0.98 28.50
CA ARG C 26 48.15 2.26 28.99
C ARG C 26 47.90 3.25 27.84
N GLU C 27 48.59 3.05 26.72
CA GLU C 27 48.60 4.02 25.63
C GLU C 27 47.94 3.48 24.37
N THR C 28 47.02 2.53 24.54
CA THR C 28 46.36 1.86 23.42
C THR C 28 44.86 2.05 23.57
N ILE C 29 44.18 2.28 22.44
CA ILE C 29 42.75 2.06 22.38
C ILE C 29 42.59 0.57 22.04
N ASN C 30 42.25 -0.21 23.07
CA ASN C 30 42.13 -1.67 22.94
C ASN C 30 40.70 -2.06 22.61
N LEU C 31 40.50 -2.46 21.36
CA LEU C 31 39.21 -2.91 20.87
C LEU C 31 39.19 -4.41 20.57
N ILE C 32 40.08 -5.19 21.16
CA ILE C 32 40.04 -6.66 20.97
C ILE C 32 38.84 -7.18 21.77
N ALA C 33 37.86 -7.77 21.11
CA ALA C 33 36.56 -8.05 21.76
C ALA C 33 36.70 -8.99 22.96
N SER C 34 37.68 -9.88 22.90
CA SER C 34 37.99 -10.88 23.93
C SER C 34 38.92 -10.42 25.05
N GLU C 35 39.32 -9.16 25.08
CA GLU C 35 40.29 -8.73 26.09
C GLU C 35 39.65 -7.84 27.12
N ASN C 36 40.30 -7.72 28.27
CA ASN C 36 39.86 -6.81 29.31
C ASN C 36 41.06 -6.43 30.21
N LEU C 37 40.81 -5.77 31.33
CA LEU C 37 41.88 -5.43 32.28
C LEU C 37 41.49 -5.89 33.68
N THR C 38 42.31 -6.77 34.25
CA THR C 38 42.07 -7.29 35.61
C THR C 38 42.42 -6.24 36.61
N ASN C 39 41.69 -6.23 37.74
CA ASN C 39 41.99 -5.32 38.84
C ASN C 39 43.10 -5.88 39.73
N GLY C 40 43.55 -5.08 40.68
CA GLY C 40 44.67 -5.43 41.55
C GLY C 40 44.42 -6.64 42.45
N ALA C 41 43.15 -6.88 42.80
CA ALA C 41 42.77 -7.97 43.67
C ALA C 41 42.87 -9.31 42.96
N VAL C 42 42.27 -9.40 41.78
CA VAL C 42 42.45 -10.57 40.91
C VAL C 42 43.93 -10.88 40.76
N ARG C 43 44.74 -9.87 40.50
CA ARG C 43 46.17 -10.08 40.32
C ARG C 43 46.97 -10.43 41.60
N GLU C 44 46.53 -9.96 42.77
CA GLU C 44 47.07 -10.41 44.07
C GLU C 44 46.83 -11.90 44.29
N CYS C 45 45.65 -12.39 43.92
CA CYS C 45 45.37 -13.83 43.95
C CYS C 45 46.29 -14.63 43.05
N LEU C 46 46.42 -14.20 41.79
CA LEU C 46 47.28 -14.90 40.85
C LEU C 46 48.74 -15.04 41.32
N GLY C 47 49.21 -14.08 42.14
CA GLY C 47 50.56 -14.09 42.70
C GLY C 47 50.68 -14.65 44.12
N ASN C 48 49.63 -15.35 44.57
CA ASN C 48 49.53 -15.87 45.90
C ASN C 48 50.19 -17.24 46.04
N ARG C 49 50.77 -17.50 47.21
CA ARG C 49 51.45 -18.78 47.51
C ARG C 49 50.57 -20.03 47.49
N VAL C 50 49.27 -19.86 47.34
CA VAL C 50 48.37 -21.01 47.22
C VAL C 50 48.69 -21.92 45.98
N SER C 51 49.39 -21.38 44.99
CA SER C 51 49.84 -22.21 43.84
C SER C 51 51.05 -23.12 44.12
N ASN C 52 51.62 -23.05 45.33
CA ASN C 52 52.55 -24.08 45.78
C ASN C 52 51.86 -25.44 46.03
N LYS C 53 50.54 -25.45 46.24
CA LYS C 53 49.86 -26.66 46.68
C LYS C 53 49.41 -27.56 45.56
N TYR C 54 49.80 -28.84 45.64
CA TYR C 54 49.27 -29.91 44.78
C TYR C 54 47.98 -30.42 45.41
N SER C 55 46.88 -30.39 44.68
CA SER C 55 45.61 -30.81 45.23
C SER C 55 44.75 -31.52 44.21
N GLU C 56 45.31 -32.55 43.60
CA GLU C 56 44.61 -33.39 42.62
C GLU C 56 43.31 -33.98 43.16
N GLY C 57 42.28 -34.01 42.32
CA GLY C 57 40.96 -34.49 42.75
C GLY C 57 40.03 -33.33 43.03
N TYR C 58 39.05 -33.54 43.90
CA TYR C 58 38.01 -32.55 44.17
C TYR C 58 37.90 -32.36 45.66
N PRO C 59 37.22 -31.30 46.12
CA PRO C 59 37.15 -31.08 47.57
C PRO C 59 36.56 -32.26 48.35
N LYS C 60 37.11 -32.53 49.54
CA LYS C 60 36.76 -33.71 50.38
C LYS C 60 37.05 -35.09 49.71
N LYS C 61 37.68 -35.08 48.54
CA LYS C 61 38.03 -36.30 47.80
C LYS C 61 39.42 -36.07 47.14
N ARG C 62 40.34 -35.50 47.92
CA ARG C 62 41.70 -35.21 47.45
C ARG C 62 42.53 -36.46 47.59
N TYR C 63 43.57 -36.57 46.78
CA TYR C 63 44.55 -37.64 46.90
C TYR C 63 45.51 -37.34 48.03
N TYR C 64 45.89 -36.09 48.18
CA TYR C 64 46.83 -35.67 49.23
C TYR C 64 46.06 -34.95 50.33
N GLY C 65 46.74 -34.69 51.43
CA GLY C 65 46.18 -33.95 52.55
C GLY C 65 46.74 -32.56 52.61
N GLY C 66 46.44 -31.89 53.71
CA GLY C 66 46.78 -30.50 53.89
C GLY C 66 45.95 -29.58 53.01
N ASN C 67 44.82 -30.09 52.51
CA ASN C 67 44.00 -29.41 51.51
C ASN C 67 42.71 -28.77 52.03
N ASP C 68 42.68 -28.44 53.32
CA ASP C 68 41.47 -27.92 53.93
C ASP C 68 41.20 -26.50 53.48
N PHE C 69 42.22 -25.66 53.47
CA PHE C 69 42.06 -24.28 53.05
C PHE C 69 41.84 -24.17 51.55
N ILE C 70 42.50 -25.05 50.79
CA ILE C 70 42.26 -25.22 49.35
C ILE C 70 40.82 -25.66 49.05
N ASP C 71 40.30 -26.58 49.85
CA ASP C 71 38.90 -27.03 49.73
C ASP C 71 37.89 -25.88 49.98
N LYS C 72 38.13 -25.06 50.98
CA LYS C 72 37.29 -23.88 51.22
C LYS C 72 37.32 -22.92 50.03
N ILE C 73 38.50 -22.73 49.44
CA ILE C 73 38.67 -21.89 48.26
C ILE C 73 37.90 -22.42 47.06
N GLU C 74 38.08 -23.69 46.72
CA GLU C 74 37.38 -24.29 45.57
C GLU C 74 35.86 -24.36 45.76
N GLU C 75 35.41 -24.58 46.99
CA GLU C 75 33.96 -24.65 47.31
C GLU C 75 33.32 -23.26 47.29
N LEU C 76 34.03 -22.26 47.79
CA LEU C 76 33.64 -20.85 47.64
C LEU C 76 33.59 -20.39 46.17
N CYS C 77 34.48 -20.93 45.32
CA CYS C 77 34.47 -20.61 43.88
C CYS C 77 33.25 -21.18 43.15
N GLN C 78 32.99 -22.46 43.35
CA GLN C 78 31.79 -23.12 42.81
C GLN C 78 30.51 -22.40 43.26
N LYS C 79 30.45 -22.06 44.55
CA LYS C 79 29.28 -21.40 45.11
C LYS C 79 29.02 -20.08 44.40
N ARG C 80 30.05 -19.23 44.35
CA ARG C 80 29.93 -17.92 43.72
C ARG C 80 29.61 -18.00 42.22
N ALA C 81 30.07 -19.07 41.58
CA ALA C 81 29.81 -19.30 40.16
C ALA C 81 28.37 -19.61 39.85
N LEU C 82 27.77 -20.45 40.70
CA LEU C 82 26.36 -20.82 40.56
C LEU C 82 25.42 -19.64 40.89
N GLU C 83 25.75 -18.92 41.93
CA GLU C 83 25.06 -17.66 42.30
C GLU C 83 25.15 -16.61 41.18
N ALA C 84 26.36 -16.43 40.62
CA ALA C 84 26.60 -15.44 39.56
C ALA C 84 25.73 -15.69 38.35
N PHE C 85 25.57 -16.94 37.97
CA PHE C 85 24.72 -17.30 36.83
C PHE C 85 23.30 -17.69 37.24
N ASN C 86 22.88 -17.25 38.42
CA ASN C 86 21.49 -17.37 38.91
C ASN C 86 20.89 -18.77 38.73
N VAL C 87 21.66 -19.78 39.13
CA VAL C 87 21.25 -21.17 39.04
C VAL C 87 21.32 -21.80 40.43
N SER C 88 20.39 -22.72 40.69
CA SER C 88 20.34 -23.41 42.00
C SER C 88 21.37 -24.53 41.98
N ASP C 89 22.11 -24.67 43.08
CA ASP C 89 23.07 -25.78 43.21
C ASP C 89 22.44 -27.18 43.25
N GLU C 90 21.11 -27.21 43.40
CA GLU C 90 20.36 -28.46 43.36
C GLU C 90 20.18 -28.88 41.89
N GLU C 91 19.97 -27.93 40.99
CA GLU C 91 19.80 -28.23 39.54
C GLU C 91 21.10 -28.20 38.70
N TRP C 92 22.05 -27.36 39.11
CA TRP C 92 23.26 -27.14 38.29
C TRP C 92 24.49 -27.47 39.08
N GLY C 93 25.46 -28.07 38.42
CA GLY C 93 26.81 -28.15 38.98
C GLY C 93 27.80 -27.39 38.13
N VAL C 94 28.94 -27.05 38.74
CA VAL C 94 30.03 -26.36 38.07
C VAL C 94 31.39 -27.01 38.36
N ASN C 95 32.24 -27.16 37.33
CA ASN C 95 33.68 -27.50 37.54
C ASN C 95 34.57 -26.24 37.34
N VAL C 96 35.39 -25.92 38.33
CA VAL C 96 36.20 -24.71 38.30
C VAL C 96 37.70 -24.97 38.01
N GLN C 97 38.01 -26.20 37.64
CA GLN C 97 39.39 -26.58 37.40
C GLN C 97 39.96 -26.35 35.99
N PRO C 98 39.14 -26.30 34.91
CA PRO C 98 39.73 -26.08 33.56
C PRO C 98 40.70 -24.89 33.49
N LEU C 99 41.87 -25.09 32.89
CA LEU C 99 42.92 -24.07 32.89
C LEU C 99 42.68 -22.95 31.93
N SER C 100 41.93 -23.21 30.87
CA SER C 100 41.50 -22.18 29.93
C SER C 100 40.29 -22.69 29.14
N GLY C 101 39.75 -21.85 28.29
CA GLY C 101 38.54 -22.14 27.55
C GLY C 101 38.59 -23.30 26.59
N SER C 102 39.74 -23.44 25.93
CA SER C 102 39.92 -24.51 24.96
C SER C 102 39.93 -25.86 25.70
N ALA C 103 40.68 -25.94 26.77
CA ALA C 103 40.69 -27.09 27.63
C ALA C 103 39.25 -27.46 28.12
N ALA C 104 38.55 -26.45 28.61
CA ALA C 104 37.19 -26.59 29.14
C ALA C 104 36.29 -27.22 28.13
N ASN C 105 36.35 -26.75 26.88
CA ASN C 105 35.52 -27.27 25.79
C ASN C 105 35.85 -28.70 25.31
N VAL C 106 37.13 -29.01 25.11
CA VAL C 106 37.54 -30.38 24.75
C VAL C 106 37.18 -31.38 25.86
N GLN C 107 37.39 -30.99 27.12
CA GLN C 107 37.04 -31.81 28.26
C GLN C 107 35.52 -32.06 28.27
N ALA C 108 34.73 -30.98 28.20
CA ALA C 108 33.26 -31.13 28.26
C ALA C 108 32.70 -31.95 27.08
N LEU C 109 33.24 -31.74 25.88
CA LEU C 109 32.81 -32.50 24.72
C LEU C 109 33.10 -33.97 24.95
N TYR C 110 34.36 -34.29 25.23
CA TYR C 110 34.76 -35.65 25.52
C TYR C 110 33.84 -36.38 26.53
N ALA C 111 33.52 -35.71 27.63
CA ALA C 111 32.60 -36.25 28.66
C ALA C 111 31.24 -36.66 28.10
N LEU C 112 30.70 -35.86 27.19
CA LEU C 112 29.37 -36.07 26.64
C LEU C 112 29.34 -37.17 25.60
N VAL C 113 30.32 -37.13 24.69
CA VAL C 113 30.34 -38.00 23.52
C VAL C 113 31.49 -39.00 23.42
N GLY C 114 32.58 -38.81 24.16
CA GLY C 114 33.78 -39.66 24.02
C GLY C 114 34.49 -39.59 22.66
N VAL C 115 35.50 -40.43 22.49
CA VAL C 115 36.34 -40.46 21.29
C VAL C 115 35.54 -41.03 20.12
N LYS C 116 35.76 -40.48 18.93
CA LYS C 116 34.95 -40.75 17.70
C LYS C 116 33.51 -40.19 17.72
N GLY C 117 33.05 -39.65 18.84
CA GLY C 117 31.70 -39.08 18.95
C GLY C 117 31.45 -37.92 17.98
N LYS C 118 30.17 -37.75 17.62
CA LYS C 118 29.77 -36.79 16.60
C LYS C 118 29.38 -35.45 17.25
N ILE C 119 29.97 -34.36 16.76
CA ILE C 119 29.61 -33.01 17.22
C ILE C 119 29.27 -32.06 16.06
N MET C 120 28.50 -31.05 16.36
CA MET C 120 28.12 -30.01 15.39
C MET C 120 28.40 -28.68 16.07
N GLY C 121 29.04 -27.76 15.35
CA GLY C 121 29.28 -26.41 15.85
C GLY C 121 29.32 -25.41 14.69
N MET C 122 29.42 -24.11 15.01
CA MET C 122 29.49 -23.08 13.97
C MET C 122 30.87 -23.05 13.36
N HIS C 123 30.92 -22.92 12.04
CA HIS C 123 32.16 -22.79 11.31
C HIS C 123 32.93 -21.55 11.77
N LEU C 124 34.26 -21.67 11.73
CA LEU C 124 35.17 -20.61 12.18
C LEU C 124 34.95 -19.29 11.44
N CYS C 125 34.96 -19.37 10.12
CA CYS C 125 34.60 -18.28 9.21
C CYS C 125 33.27 -17.54 9.43
N SER C 126 32.26 -18.22 10.00
CA SER C 126 30.97 -17.61 10.37
C SER C 126 30.92 -17.07 11.80
N GLY C 127 31.98 -17.30 12.59
CA GLY C 127 32.00 -16.83 13.98
C GLY C 127 32.16 -17.89 15.05
N GLY C 128 32.27 -19.15 14.67
CA GLY C 128 32.55 -20.21 15.64
C GLY C 128 33.99 -20.20 16.18
N HIS C 129 34.22 -20.95 17.26
CA HIS C 129 35.57 -21.16 17.77
C HIS C 129 36.23 -22.40 17.18
N LEU C 130 37.56 -22.41 17.23
CA LEU C 130 38.41 -23.54 16.86
C LEU C 130 37.97 -24.83 17.55
N THR C 131 37.66 -24.73 18.83
CA THR C 131 37.20 -25.88 19.63
C THR C 131 35.75 -26.30 19.42
N HIS C 132 35.07 -25.80 18.38
CA HIS C 132 33.71 -26.21 18.08
C HIS C 132 33.69 -27.15 16.89
N GLY C 133 34.79 -27.86 16.70
CA GLY C 133 34.91 -28.85 15.65
C GLY C 133 35.63 -28.38 14.42
N PHE C 134 36.45 -27.33 14.53
CA PHE C 134 37.03 -26.74 13.33
C PHE C 134 38.03 -27.64 12.61
N PHE C 135 37.80 -27.81 11.30
CA PHE C 135 38.79 -28.35 10.37
C PHE C 135 38.82 -27.56 9.05
N ASP C 136 39.90 -27.78 8.29
CA ASP C 136 40.12 -27.21 6.95
C ASP C 136 40.10 -28.39 5.95
N GLU C 137 40.02 -28.08 4.66
CA GLU C 137 40.12 -29.12 3.62
C GLU C 137 41.46 -29.88 3.78
N LYS C 138 42.53 -29.13 4.07
CA LYS C 138 43.90 -29.66 4.21
C LYS C 138 44.26 -30.36 5.54
N LYS C 139 43.56 -30.05 6.64
CA LYS C 139 43.89 -30.64 7.94
C LYS C 139 42.75 -30.58 8.97
N LYS C 140 42.84 -31.46 9.96
CA LYS C 140 41.98 -31.44 11.13
C LYS C 140 42.66 -30.56 12.15
N VAL C 141 42.32 -29.27 12.09
CA VAL C 141 43.07 -28.20 12.74
C VAL C 141 42.90 -28.24 14.27
N SER C 142 41.68 -28.46 14.72
CA SER C 142 41.40 -28.57 16.14
C SER C 142 41.36 -30.05 16.48
N ILE C 143 41.85 -30.37 17.67
CA ILE C 143 41.61 -31.69 18.25
C ILE C 143 40.11 -32.03 18.25
N THR C 144 39.23 -31.01 18.25
CA THR C 144 37.79 -31.23 18.21
C THR C 144 37.27 -31.80 16.90
N SER C 145 38.04 -31.73 15.83
CA SER C 145 37.67 -32.36 14.58
C SER C 145 38.39 -33.69 14.32
N ASP C 146 39.29 -34.08 15.22
CA ASP C 146 40.14 -35.26 15.04
C ASP C 146 39.80 -36.36 16.04
N MET C 147 39.70 -36.00 17.33
CA MET C 147 39.24 -36.95 18.34
C MET C 147 37.72 -37.15 18.30
N PHE C 148 37.03 -36.20 17.69
CA PHE C 148 35.60 -36.27 17.43
C PHE C 148 35.40 -36.21 15.90
N GLU C 149 34.27 -36.71 15.44
CA GLU C 149 33.80 -36.50 14.05
C GLU C 149 32.92 -35.24 14.11
N SER C 150 33.36 -34.15 13.48
CA SER C 150 32.66 -32.86 13.57
C SER C 150 32.01 -32.45 12.26
N LYS C 151 30.95 -31.65 12.34
CA LYS C 151 30.33 -31.06 11.16
C LYS C 151 30.04 -29.60 11.44
N LEU C 152 30.17 -28.76 10.43
CA LEU C 152 30.16 -27.31 10.63
C LEU C 152 29.03 -26.63 9.88
N TYR C 153 28.20 -25.92 10.61
CA TYR C 153 27.07 -25.15 10.03
C TYR C 153 27.46 -23.69 9.88
N LYS C 154 27.09 -23.11 8.73
CA LYS C 154 27.42 -21.72 8.40
C LYS C 154 26.27 -20.76 8.63
N CYS C 155 26.62 -19.49 8.83
CA CYS C 155 25.66 -18.39 8.90
C CYS C 155 25.23 -18.04 7.50
N ASN C 156 24.13 -17.31 7.36
CA ASN C 156 23.66 -16.89 6.02
C ASN C 156 24.47 -15.70 5.47
N SER C 157 24.11 -15.22 4.30
CA SER C 157 24.80 -14.08 3.69
C SER C 157 24.70 -12.77 4.47
N GLN C 158 23.77 -12.68 5.43
CA GLN C 158 23.65 -11.53 6.32
C GLN C 158 24.40 -11.67 7.64
N GLY C 159 25.03 -12.82 7.90
CA GLY C 159 25.79 -13.03 9.15
C GLY C 159 25.01 -13.64 10.31
N TYR C 160 23.80 -14.11 10.05
CA TYR C 160 22.92 -14.63 11.08
C TYR C 160 22.98 -16.14 10.97
N VAL C 161 22.85 -16.79 12.13
CA VAL C 161 22.66 -18.24 12.20
C VAL C 161 21.39 -18.59 11.44
N ASP C 162 21.50 -19.55 10.53
CA ASP C 162 20.37 -20.06 9.77
C ASP C 162 19.89 -21.36 10.43
N LEU C 163 18.93 -21.24 11.35
CA LEU C 163 18.39 -22.40 12.07
C LEU C 163 17.86 -23.51 11.17
N ASP C 164 17.26 -23.15 10.04
CA ASP C 164 16.82 -24.15 9.05
C ASP C 164 17.97 -25.02 8.53
N ALA C 165 19.16 -24.44 8.42
CA ALA C 165 20.37 -25.15 8.02
C ALA C 165 20.88 -26.04 9.14
N VAL C 166 20.80 -25.54 10.38
CA VAL C 166 21.15 -26.30 11.57
C VAL C 166 20.31 -27.58 11.68
N ARG C 167 19.00 -27.46 11.39
CA ARG C 167 18.08 -28.62 11.39
C ARG C 167 18.38 -29.60 10.25
N GLU C 168 18.48 -29.12 9.01
CA GLU C 168 18.72 -30.01 7.86
C GLU C 168 20.03 -30.81 8.06
N MET C 169 21.01 -30.18 8.71
CA MET C 169 22.30 -30.81 8.98
C MET C 169 22.22 -31.75 10.19
N ALA C 170 21.61 -31.28 11.28
CA ALA C 170 21.40 -32.13 12.44
C ALA C 170 20.64 -33.43 12.14
N LEU C 171 19.59 -33.34 11.32
CA LEU C 171 18.76 -34.50 10.96
C LEU C 171 19.52 -35.52 10.10
N SER C 172 20.36 -35.05 9.18
CA SER C 172 21.13 -35.95 8.34
C SER C 172 22.42 -36.45 9.03
N PHE C 173 23.15 -35.54 9.68
CA PHE C 173 24.40 -35.88 10.38
C PHE C 173 24.18 -36.67 11.68
N LYS C 174 23.14 -36.32 12.44
CA LYS C 174 22.77 -37.02 13.68
C LYS C 174 23.87 -36.95 14.77
N PRO C 175 24.26 -35.72 15.16
CA PRO C 175 25.26 -35.57 16.21
C PRO C 175 24.72 -35.91 17.59
N LYS C 176 25.61 -36.14 18.54
CA LYS C 176 25.25 -36.23 19.98
C LYS C 176 25.38 -34.90 20.71
N VAL C 177 26.10 -33.93 20.15
CA VAL C 177 26.22 -32.58 20.74
C VAL C 177 26.12 -31.51 19.65
N ILE C 178 25.35 -30.46 19.92
CA ILE C 178 25.33 -29.30 19.03
C ILE C 178 25.80 -28.11 19.86
N ILE C 179 26.77 -27.37 19.31
CA ILE C 179 27.40 -26.28 20.03
C ILE C 179 26.89 -24.96 19.48
N CYS C 180 26.44 -24.08 20.37
CA CYS C 180 26.14 -22.70 20.02
C CYS C 180 26.84 -21.80 21.01
N GLY C 181 26.85 -20.50 20.74
CA GLY C 181 27.68 -19.53 21.50
C GLY C 181 29.03 -19.44 20.80
N TYR C 182 29.46 -18.23 20.49
CA TYR C 182 30.41 -17.98 19.41
C TYR C 182 31.53 -17.01 19.76
N THR C 183 32.47 -16.86 18.83
CA THR C 183 33.65 -15.98 19.07
C THR C 183 33.51 -14.61 18.44
N SER C 184 32.88 -14.51 17.27
CA SER C 184 32.64 -13.19 16.70
C SER C 184 31.28 -13.10 16.07
N TYR C 185 30.27 -13.35 16.89
CA TYR C 185 28.90 -13.25 16.52
C TYR C 185 28.28 -12.05 17.23
N PRO C 186 27.86 -11.01 16.45
CA PRO C 186 27.37 -9.76 17.02
C PRO C 186 25.92 -9.76 17.51
N ARG C 187 25.20 -10.88 17.36
CA ARG C 187 23.79 -10.92 17.78
C ARG C 187 23.54 -11.95 18.88
N ASP C 188 22.39 -11.85 19.55
CA ASP C 188 21.99 -12.83 20.54
C ASP C 188 21.58 -14.16 19.87
N ILE C 189 21.51 -15.22 20.67
CA ILE C 189 21.32 -16.60 20.21
C ILE C 189 19.95 -17.17 20.64
N ASP C 190 19.23 -17.79 19.71
CA ASP C 190 17.91 -18.38 20.03
C ASP C 190 18.12 -19.81 20.57
N TYR C 191 18.38 -19.90 21.87
CA TYR C 191 18.71 -21.17 22.51
C TYR C 191 17.51 -22.10 22.54
N GLN C 192 16.32 -21.54 22.74
CA GLN C 192 15.08 -22.31 22.70
C GLN C 192 14.99 -23.10 21.41
N GLN C 193 15.30 -22.48 20.29
CA GLN C 193 15.20 -23.17 19.01
C GLN C 193 16.33 -24.17 18.84
N PHE C 194 17.50 -23.90 19.43
CA PHE C 194 18.57 -24.91 19.45
C PHE C 194 18.14 -26.15 20.23
N ARG C 195 17.59 -25.94 21.43
CA ARG C 195 17.06 -26.99 22.31
C ARG C 195 16.00 -27.86 21.66
N GLN C 196 15.15 -27.23 20.84
CA GLN C 196 14.13 -27.91 20.04
C GLN C 196 14.76 -28.82 19.01
N ILE C 197 15.81 -28.34 18.35
CA ILE C 197 16.54 -29.14 17.34
C ILE C 197 17.31 -30.28 18.02
N CYS C 198 17.85 -30.01 19.20
CA CYS C 198 18.61 -31.01 19.95
C CYS C 198 17.70 -32.15 20.43
N ASP C 199 16.52 -31.80 20.97
CA ASP C 199 15.46 -32.78 21.31
C ASP C 199 15.02 -33.63 20.10
N GLU C 200 14.96 -33.02 18.93
CA GLU C 200 14.49 -33.70 17.72
C GLU C 200 15.39 -34.83 17.26
N VAL C 201 16.67 -34.74 17.60
CA VAL C 201 17.71 -35.69 17.16
C VAL C 201 18.35 -36.45 18.35
N ASN C 202 17.88 -36.16 19.56
CA ASN C 202 18.43 -36.69 20.81
C ASN C 202 19.90 -36.28 21.10
N ALA C 203 20.23 -35.04 20.73
CA ALA C 203 21.57 -34.48 20.99
C ALA C 203 21.57 -33.63 22.26
N TYR C 204 22.74 -33.55 22.89
CA TYR C 204 22.97 -32.57 23.96
C TYR C 204 23.05 -31.11 23.43
N LEU C 205 22.66 -30.12 24.23
CA LEU C 205 22.84 -28.69 23.87
C LEU C 205 23.96 -28.05 24.67
N PHE C 206 24.99 -27.60 23.97
CA PHE C 206 26.20 -27.06 24.56
C PHE C 206 26.25 -25.59 24.15
N ALA C 207 26.20 -24.71 25.13
CA ALA C 207 26.33 -23.29 24.91
C ALA C 207 27.70 -22.79 25.40
N ASP C 208 28.53 -22.27 24.50
CA ASP C 208 29.80 -21.63 24.91
C ASP C 208 29.56 -20.14 24.95
N ILE C 209 29.51 -19.55 26.15
CA ILE C 209 29.12 -18.16 26.33
C ILE C 209 30.30 -17.27 26.82
N SER C 210 31.54 -17.73 26.59
CA SER C 210 32.76 -16.98 26.90
C SER C 210 32.75 -15.50 26.54
N HIS C 211 32.24 -15.18 25.35
CA HIS C 211 32.20 -13.79 24.91
C HIS C 211 31.08 -12.95 25.53
N ILE C 212 29.98 -13.60 25.90
CA ILE C 212 28.81 -12.88 26.40
C ILE C 212 28.42 -13.21 27.85
N SER C 213 29.33 -13.83 28.60
CA SER C 213 28.99 -14.38 29.90
C SER C 213 28.40 -13.35 30.86
N SER C 214 28.99 -12.15 30.91
CA SER C 214 28.47 -11.06 31.72
C SER C 214 27.04 -10.68 31.34
N PHE C 215 26.70 -10.76 30.07
CA PHE C 215 25.36 -10.45 29.62
C PHE C 215 24.36 -11.49 30.12
N VAL C 216 24.80 -12.74 30.18
CA VAL C 216 23.97 -13.83 30.64
C VAL C 216 23.76 -13.69 32.15
N ALA C 217 24.85 -13.52 32.88
CA ALA C 217 24.83 -13.32 34.32
C ALA C 217 23.99 -12.16 34.77
N CYS C 218 24.09 -11.04 34.07
CA CYS C 218 23.37 -9.82 34.46
C CYS C 218 21.92 -9.77 33.93
N ASN C 219 21.50 -10.81 33.20
CA ASN C 219 20.16 -10.96 32.62
C ASN C 219 19.76 -9.91 31.55
N ILE C 220 20.76 -9.52 30.74
CA ILE C 220 20.60 -8.54 29.67
C ILE C 220 20.35 -9.26 28.35
N LEU C 221 20.98 -10.40 28.15
CA LEU C 221 20.71 -11.23 26.99
C LEU C 221 19.99 -12.51 27.39
N ASN C 222 19.58 -13.28 26.38
CA ASN C 222 18.93 -14.57 26.58
C ASN C 222 19.74 -15.47 27.49
N ASN C 223 19.03 -16.29 28.24
CA ASN C 223 19.63 -17.13 29.25
C ASN C 223 19.76 -18.54 28.70
N PRO C 224 20.99 -19.00 28.43
CA PRO C 224 21.13 -20.35 27.95
C PRO C 224 20.84 -21.39 29.05
N PHE C 225 20.98 -21.01 30.31
CA PHE C 225 20.78 -21.95 31.43
C PHE C 225 19.32 -22.52 31.50
N LEU C 226 18.35 -21.81 30.90
CA LEU C 226 16.98 -22.32 30.83
C LEU C 226 16.86 -23.48 29.83
N HIS C 227 17.78 -23.57 28.86
CA HIS C 227 17.70 -24.59 27.82
C HIS C 227 18.90 -25.53 27.65
N ALA C 228 20.09 -25.18 28.15
CA ALA C 228 21.29 -25.99 27.82
C ALA C 228 21.57 -27.16 28.79
N ASP C 229 22.10 -28.24 28.24
CA ASP C 229 22.72 -29.31 29.06
C ASP C 229 24.06 -28.90 29.68
N VAL C 230 24.90 -28.25 28.88
CA VAL C 230 26.23 -27.82 29.30
C VAL C 230 26.44 -26.38 28.89
N VAL C 231 26.96 -25.58 29.80
CA VAL C 231 27.39 -24.24 29.47
C VAL C 231 28.86 -24.13 29.86
N THR C 232 29.71 -23.74 28.91
CA THR C 232 31.11 -23.38 29.23
C THR C 232 31.35 -21.88 29.10
N THR C 233 32.26 -21.37 29.90
CA THR C 233 32.69 -19.99 29.77
C THR C 233 34.11 -19.77 30.27
N THR C 234 34.87 -18.98 29.52
CA THR C 234 36.13 -18.45 30.04
C THR C 234 35.77 -17.38 31.06
N THR C 235 36.70 -17.14 31.97
CA THR C 235 36.58 -16.12 33.00
C THR C 235 37.31 -14.80 32.67
N HIS C 236 38.04 -14.74 31.55
CA HIS C 236 38.98 -13.61 31.24
C HIS C 236 38.50 -12.54 30.26
N LYS C 237 37.36 -12.74 29.62
CA LYS C 237 36.89 -11.77 28.66
C LYS C 237 35.97 -10.73 29.34
N ILE C 238 34.75 -10.58 28.86
CA ILE C 238 33.80 -9.58 29.40
C ILE C 238 33.57 -9.80 30.91
N LEU C 239 33.72 -11.06 31.36
CA LEU C 239 33.65 -11.38 32.80
C LEU C 239 34.73 -10.71 33.64
N ARG C 240 35.87 -10.42 33.01
CA ARG C 240 36.91 -9.60 33.61
C ARG C 240 37.69 -10.34 34.70
N GLY C 241 37.76 -11.67 34.58
CA GLY C 241 38.49 -12.47 35.53
C GLY C 241 39.88 -12.86 35.06
N PRO C 242 40.44 -13.86 35.70
CA PRO C 242 41.72 -14.40 35.26
C PRO C 242 41.53 -15.29 34.06
N ARG C 243 42.67 -15.74 33.55
CA ARG C 243 42.65 -16.67 32.46
C ARG C 243 42.33 -18.05 33.04
N SER C 244 41.09 -18.43 32.92
CA SER C 244 40.62 -19.71 33.39
C SER C 244 39.27 -19.98 32.76
N ALA C 245 38.64 -21.07 33.16
CA ALA C 245 37.37 -21.45 32.59
C ALA C 245 36.47 -22.26 33.53
N LEU C 246 35.18 -22.28 33.18
CA LEU C 246 34.16 -23.00 33.95
C LEU C 246 33.36 -23.93 33.07
N ILE C 247 33.02 -25.09 33.58
CA ILE C 247 32.06 -25.97 32.91
C ILE C 247 30.83 -26.10 33.85
N PHE C 248 29.68 -25.66 33.36
CA PHE C 248 28.40 -25.88 34.04
C PHE C 248 27.70 -27.06 33.40
N PHE C 249 27.02 -27.87 34.22
CA PHE C 249 26.27 -29.03 33.73
C PHE C 249 24.93 -29.18 34.45
N ASN C 250 23.90 -29.50 33.67
CA ASN C 250 22.53 -29.56 34.19
C ASN C 250 22.27 -30.95 34.82
N LYS C 251 22.30 -31.03 36.15
CA LYS C 251 22.03 -32.30 36.86
C LYS C 251 20.61 -32.85 36.61
N LYS C 252 19.60 -31.97 36.64
CA LYS C 252 18.18 -32.40 36.49
C LYS C 252 17.91 -33.08 35.18
N ARG C 253 18.35 -32.47 34.09
CA ARG C 253 18.13 -33.00 32.75
C ARG C 253 18.96 -34.27 32.54
N ASN C 254 20.13 -34.33 33.18
CA ASN C 254 21.10 -35.43 33.01
C ASN C 254 21.72 -35.90 34.33
N PRO C 255 21.01 -36.74 35.11
CA PRO C 255 21.70 -37.42 36.21
C PRO C 255 22.88 -38.27 35.68
N GLY C 256 23.96 -38.33 36.44
CA GLY C 256 25.18 -39.02 36.00
C GLY C 256 26.14 -38.20 35.10
N ILE C 257 25.79 -36.94 34.82
CA ILE C 257 26.66 -36.00 34.12
C ILE C 257 27.73 -35.40 35.05
N GLU C 258 27.40 -35.22 36.32
CA GLU C 258 28.36 -34.68 37.26
C GLU C 258 29.66 -35.50 37.26
N GLN C 259 29.51 -36.82 37.33
CA GLN C 259 30.67 -37.72 37.31
C GLN C 259 31.40 -37.69 35.95
N LYS C 260 30.66 -37.63 34.86
CA LYS C 260 31.26 -37.61 33.52
C LYS C 260 32.18 -36.38 33.28
N ILE C 261 31.72 -35.20 33.70
CA ILE C 261 32.48 -33.97 33.54
C ILE C 261 33.65 -33.86 34.52
N ASN C 262 33.43 -34.21 35.78
CA ASN C 262 34.48 -34.18 36.75
C ASN C 262 35.64 -35.10 36.42
N SER C 263 35.33 -36.29 35.93
CA SER C 263 36.34 -37.26 35.58
C SER C 263 37.02 -36.88 34.26
N ALA C 264 36.28 -36.26 33.34
CA ALA C 264 36.85 -35.75 32.11
C ALA C 264 37.89 -34.64 32.35
N VAL C 265 37.67 -33.79 33.34
CA VAL C 265 38.64 -32.77 33.67
C VAL C 265 39.85 -33.39 34.38
N PHE C 266 39.60 -34.21 35.40
CA PHE C 266 40.65 -34.97 36.04
C PHE C 266 40.11 -36.30 36.50
N PRO C 267 40.79 -37.41 36.23
CA PRO C 267 42.15 -37.46 35.70
C PRO C 267 42.28 -37.61 34.19
N SER C 268 41.18 -37.53 33.45
CA SER C 268 41.25 -37.75 32.01
C SER C 268 42.21 -36.78 31.29
N PHE C 269 42.10 -35.49 31.58
CA PHE C 269 42.83 -34.45 30.85
C PHE C 269 43.85 -33.67 31.67
N GLN C 270 43.51 -33.26 32.88
CA GLN C 270 44.42 -32.45 33.70
C GLN C 270 45.01 -33.25 34.86
N GLY C 271 46.04 -32.67 35.47
CA GLY C 271 46.62 -33.13 36.73
C GLY C 271 46.17 -32.18 37.83
N GLY C 272 47.14 -31.65 38.59
CA GLY C 272 46.84 -30.69 39.65
C GLY C 272 46.15 -29.42 39.17
N PRO C 273 45.18 -28.89 39.94
CA PRO C 273 44.61 -27.59 39.57
C PRO C 273 45.54 -26.47 39.93
N HIS C 274 45.31 -25.32 39.33
CA HIS C 274 46.08 -24.13 39.63
C HIS C 274 45.25 -23.30 40.58
N ASN C 275 45.61 -23.33 41.86
CA ASN C 275 44.79 -22.74 42.93
C ASN C 275 44.83 -21.26 43.01
N ASN C 276 45.91 -20.66 42.50
CA ASN C 276 45.95 -19.21 42.31
C ASN C 276 44.88 -18.75 41.30
N LYS C 277 44.68 -19.53 40.24
CA LYS C 277 43.59 -19.25 39.30
C LYS C 277 42.23 -19.35 39.97
N ILE C 278 42.05 -20.41 40.74
CA ILE C 278 40.77 -20.72 41.39
C ILE C 278 40.40 -19.58 42.39
N ALA C 279 41.35 -19.21 43.23
CA ALA C 279 41.29 -18.02 44.07
C ALA C 279 40.90 -16.77 43.29
N ALA C 280 41.65 -16.48 42.22
CA ALA C 280 41.38 -15.31 41.41
C ALA C 280 39.96 -15.33 40.86
N VAL C 281 39.48 -16.50 40.46
CA VAL C 281 38.13 -16.62 39.93
C VAL C 281 37.12 -16.33 41.05
N ALA C 282 37.41 -16.81 42.27
CA ALA C 282 36.56 -16.51 43.43
C ALA C 282 36.43 -15.02 43.65
N CYS C 283 37.56 -14.35 43.63
CA CYS C 283 37.63 -12.93 43.79
C CYS C 283 36.84 -12.16 42.76
N GLN C 284 36.94 -12.56 41.49
CA GLN C 284 36.17 -11.86 40.47
C GLN C 284 34.68 -12.25 40.50
N LEU C 285 34.35 -13.50 40.84
CA LEU C 285 32.94 -13.91 40.80
C LEU C 285 32.09 -13.18 41.87
N LYS C 286 32.74 -12.63 42.91
CA LYS C 286 32.05 -11.84 43.91
C LYS C 286 31.68 -10.50 43.30
N GLU C 287 32.65 -9.82 42.67
CA GLU C 287 32.38 -8.58 41.94
C GLU C 287 31.25 -8.75 40.92
N VAL C 288 31.24 -9.86 40.19
CA VAL C 288 30.20 -10.12 39.18
C VAL C 288 28.78 -10.01 39.73
N HIS C 289 28.55 -10.48 40.95
CA HIS C 289 27.19 -10.51 41.51
C HIS C 289 26.68 -9.14 42.00
N SER C 290 27.59 -8.20 42.23
CA SER C 290 27.26 -6.86 42.70
C SER C 290 26.53 -6.03 41.64
N PRO C 291 25.74 -5.02 42.07
CA PRO C 291 25.04 -4.15 41.10
C PRO C 291 25.99 -3.24 40.30
N ALA C 292 27.10 -2.81 40.91
CA ALA C 292 28.18 -2.10 40.23
C ALA C 292 28.67 -2.79 38.93
N PHE C 293 28.75 -4.12 38.93
CA PHE C 293 29.24 -4.83 37.76
C PHE C 293 28.14 -4.94 36.72
N LYS C 294 26.89 -5.03 37.14
CA LYS C 294 25.76 -4.99 36.20
C LYS C 294 25.74 -3.64 35.46
N GLU C 295 26.04 -2.56 36.18
CA GLU C 295 26.20 -1.24 35.57
C GLU C 295 27.35 -1.18 34.56
N TYR C 296 28.49 -1.78 34.90
CA TYR C 296 29.61 -1.94 33.98
C TYR C 296 29.13 -2.63 32.73
N THR C 297 28.47 -3.77 32.91
CA THR C 297 28.01 -4.59 31.77
C THR C 297 26.98 -3.86 30.90
N GLN C 298 26.15 -3.04 31.53
CA GLN C 298 25.23 -2.13 30.83
C GLN C 298 25.99 -1.12 30.03
N GLN C 299 27.02 -0.53 30.63
CA GLN C 299 27.82 0.45 29.93
C GLN C 299 28.48 -0.17 28.67
N VAL C 300 28.91 -1.45 28.75
CA VAL C 300 29.51 -2.18 27.62
C VAL C 300 28.53 -2.26 26.44
N LEU C 301 27.28 -2.59 26.75
CA LEU C 301 26.28 -2.65 25.72
C LEU C 301 25.96 -1.24 25.17
N LEU C 302 25.83 -0.24 26.05
CA LEU C 302 25.48 1.10 25.60
C LEU C 302 26.60 1.61 24.68
N ASN C 303 27.87 1.43 25.07
CA ASN C 303 29.03 1.84 24.24
C ASN C 303 29.06 1.12 22.91
N SER C 304 28.72 -0.15 22.93
CA SER C 304 28.73 -0.95 21.72
C SER C 304 27.66 -0.46 20.74
N LYS C 305 26.46 -0.18 21.25
CA LYS C 305 25.38 0.35 20.41
C LYS C 305 25.78 1.73 19.83
N ALA C 306 26.29 2.60 20.70
CA ALA C 306 26.74 3.92 20.28
C ALA C 306 27.87 3.86 19.23
N LEU C 307 28.83 2.97 19.43
CA LEU C 307 29.91 2.76 18.43
C LEU C 307 29.42 2.25 17.09
N ALA C 308 28.44 1.35 17.13
CA ALA C 308 27.84 0.81 15.90
C ALA C 308 27.18 1.95 15.11
N LYS C 309 26.42 2.73 15.88
CA LYS C 309 25.64 3.83 15.33
C LYS C 309 26.55 4.92 14.73
N ALA C 310 27.64 5.23 15.42
CA ALA C 310 28.61 6.24 14.93
C ALA C 310 29.30 5.73 13.65
N LEU C 311 29.62 4.45 13.59
CA LEU C 311 30.22 3.87 12.38
C LEU C 311 29.27 3.90 11.19
N ILE C 312 28.00 3.59 11.42
CA ILE C 312 26.96 3.67 10.39
C ILE C 312 26.79 5.11 9.90
N SER C 313 26.70 6.07 10.83
CA SER C 313 26.65 7.49 10.49
C SER C 313 27.82 7.98 9.59
N LYS C 314 28.97 7.31 9.68
CA LYS C 314 30.12 7.56 8.78
C LYS C 314 30.14 6.60 7.59
N GLN C 315 28.99 6.03 7.26
CA GLN C 315 28.83 5.15 6.10
C GLN C 315 29.73 3.91 6.09
N ILE C 316 30.03 3.37 7.27
CA ILE C 316 30.72 2.11 7.37
C ILE C 316 29.70 0.99 7.64
N ASP C 317 29.80 -0.07 6.85
CA ASP C 317 28.94 -1.25 6.97
C ASP C 317 29.37 -2.23 8.08
N LEU C 318 28.36 -2.81 8.77
CA LEU C 318 28.55 -3.74 9.87
C LEU C 318 27.85 -5.06 9.54
N VAL C 319 28.50 -6.18 9.86
CA VAL C 319 27.87 -7.48 9.62
C VAL C 319 26.62 -7.60 10.54
N THR C 320 25.51 -7.98 9.91
CA THR C 320 24.17 -7.93 10.49
C THR C 320 23.61 -6.53 10.68
N ASN C 321 24.30 -5.50 10.17
CA ASN C 321 23.93 -4.08 10.29
C ASN C 321 23.75 -3.53 11.70
N GLY C 322 24.43 -4.12 12.66
CA GLY C 322 24.31 -3.69 14.05
C GLY C 322 24.83 -4.75 15.00
N THR C 323 24.57 -4.53 16.28
CA THR C 323 24.93 -5.46 17.32
C THR C 323 23.89 -5.56 18.45
N ASP C 324 23.76 -6.74 19.06
CA ASP C 324 23.00 -6.95 20.30
C ASP C 324 23.88 -7.01 21.53
N ASN C 325 25.20 -7.08 21.33
CA ASN C 325 26.13 -7.33 22.40
C ASN C 325 27.30 -6.35 22.35
N HIS C 326 28.41 -6.79 22.91
CA HIS C 326 29.66 -6.04 23.10
C HIS C 326 30.59 -5.90 21.87
N LEU C 327 30.22 -6.52 20.75
CA LEU C 327 31.11 -6.63 19.63
C LEU C 327 30.44 -6.28 18.30
N ILE C 328 31.26 -5.71 17.43
CA ILE C 328 30.86 -5.31 16.09
C ILE C 328 31.75 -6.03 15.14
N VAL C 329 31.27 -6.37 13.97
CA VAL C 329 32.16 -6.82 12.90
C VAL C 329 31.97 -5.86 11.72
N VAL C 330 33.02 -5.15 11.36
CA VAL C 330 33.01 -4.17 10.25
C VAL C 330 33.27 -4.89 8.95
N ASP C 331 32.38 -4.69 7.97
CA ASP C 331 32.54 -5.19 6.58
C ASP C 331 33.27 -4.15 5.71
N LEU C 332 34.47 -4.47 5.24
CA LEU C 332 35.35 -3.47 4.56
C LEU C 332 35.37 -3.53 3.02
N ARG C 333 34.42 -4.24 2.39
CA ARG C 333 34.44 -4.42 0.93
C ARG C 333 34.23 -3.16 0.11
N LYS C 334 33.46 -2.19 0.61
CA LYS C 334 33.19 -0.94 -0.13
C LYS C 334 34.42 -0.02 -0.27
N PHE C 335 35.44 -0.26 0.55
CA PHE C 335 36.66 0.50 0.50
C PHE C 335 37.77 -0.30 -0.20
N SER C 336 37.49 -1.55 -0.59
CA SER C 336 38.42 -2.40 -1.30
C SER C 336 39.76 -2.50 -0.55
N ILE C 337 39.67 -2.70 0.76
CA ILE C 337 40.81 -3.03 1.60
C ILE C 337 40.47 -4.24 2.45
N THR C 338 41.47 -5.03 2.78
CA THR C 338 41.29 -6.21 3.62
C THR C 338 41.45 -5.84 5.09
N GLY C 339 40.90 -6.68 5.97
CA GLY C 339 41.04 -6.50 7.40
C GLY C 339 42.50 -6.57 7.81
N SER C 340 43.21 -7.46 7.13
CA SER C 340 44.66 -7.61 7.27
C SER C 340 45.40 -6.27 7.17
N LYS C 341 45.09 -5.48 6.14
CA LYS C 341 45.70 -4.14 6.01
C LYS C 341 45.28 -3.15 7.10
N LEU C 342 44.00 -3.19 7.48
CA LEU C 342 43.46 -2.26 8.50
C LEU C 342 43.99 -2.58 9.91
N GLN C 343 44.17 -3.85 10.22
CA GLN C 343 44.85 -4.25 11.47
C GLN C 343 46.27 -3.68 11.50
N GLU C 344 47.02 -3.82 10.40
CA GLU C 344 48.39 -3.24 10.32
C GLU C 344 48.35 -1.74 10.55
N THR C 345 47.50 -1.04 9.81
CA THR C 345 47.32 0.40 10.00
C THR C 345 46.94 0.76 11.44
N CYS C 346 46.02 -0.01 12.02
CA CYS C 346 45.53 0.28 13.37
C CYS C 346 46.62 0.02 14.39
N ASN C 347 47.41 -1.03 14.17
CA ASN C 347 48.63 -1.27 14.98
C ASN C 347 49.56 -0.06 15.03
N ALA C 348 49.82 0.55 13.87
CA ALA C 348 50.68 1.75 13.80
C ALA C 348 50.15 2.98 14.56
N ILE C 349 48.84 3.00 14.86
CA ILE C 349 48.26 4.09 15.65
C ILE C 349 47.87 3.72 17.08
N ASN C 350 48.41 2.61 17.58
CA ASN C 350 48.06 2.05 18.88
C ASN C 350 46.56 1.73 19.08
N VAL C 351 45.95 1.16 18.03
CA VAL C 351 44.57 0.69 18.08
C VAL C 351 44.68 -0.80 17.85
N SER C 352 44.30 -1.58 18.86
CA SER C 352 44.28 -3.03 18.76
C SER C 352 42.91 -3.49 18.38
N LEU C 353 42.85 -4.19 17.26
CA LEU C 353 41.65 -4.84 16.79
C LEU C 353 42.15 -6.04 15.98
N ASN C 354 41.25 -6.92 15.56
CA ASN C 354 41.71 -8.06 14.78
C ASN C 354 40.91 -8.23 13.53
N LYS C 355 41.57 -8.77 12.51
CA LYS C 355 40.94 -9.10 11.27
C LYS C 355 39.99 -10.25 11.49
N ASN C 356 38.92 -10.26 10.72
CA ASN C 356 37.85 -11.20 10.91
C ASN C 356 37.13 -11.46 9.59
N THR C 357 36.81 -12.70 9.33
CA THR C 357 36.07 -13.05 8.11
C THR C 357 34.62 -12.53 8.11
N ILE C 358 34.07 -12.32 6.91
CA ILE C 358 32.65 -11.96 6.71
C ILE C 358 32.06 -13.04 5.81
N PRO C 359 30.71 -13.10 5.65
CA PRO C 359 30.07 -14.21 4.93
C PRO C 359 30.54 -14.49 3.50
N SER C 360 30.87 -13.44 2.77
CA SER C 360 31.34 -13.54 1.39
C SER C 360 32.82 -13.98 1.25
N ASP C 361 33.57 -14.08 2.35
CA ASP C 361 34.92 -14.63 2.30
C ASP C 361 34.80 -16.12 2.17
N VAL C 362 35.37 -16.68 1.12
CA VAL C 362 35.33 -18.13 0.90
C VAL C 362 36.58 -18.78 1.48
N ASP C 363 37.75 -18.29 1.11
CA ASP C 363 39.02 -18.96 1.44
C ASP C 363 39.38 -18.97 2.92
N ALA C 364 39.03 -17.90 3.64
CA ALA C 364 39.49 -17.66 5.03
C ALA C 364 40.96 -17.18 5.13
N VAL C 365 41.62 -17.04 3.98
CA VAL C 365 43.05 -16.72 3.94
C VAL C 365 43.22 -15.21 4.07
N SER C 366 42.30 -14.46 3.44
CA SER C 366 42.29 -13.02 3.54
C SER C 366 40.87 -12.57 3.93
N PRO C 367 40.64 -12.26 5.21
CA PRO C 367 39.33 -11.78 5.64
C PRO C 367 39.03 -10.33 5.24
N SER C 368 37.76 -10.03 5.04
CA SER C 368 37.35 -8.73 4.57
C SER C 368 36.73 -7.87 5.66
N GLY C 369 36.91 -8.27 6.92
CA GLY C 369 36.39 -7.49 8.05
C GLY C 369 37.39 -7.32 9.14
N VAL C 370 37.00 -6.52 10.11
CA VAL C 370 37.66 -6.51 11.40
C VAL C 370 36.60 -6.60 12.50
N ARG C 371 37.02 -7.16 13.63
CA ARG C 371 36.17 -7.27 14.77
C ARG C 371 36.64 -6.28 15.83
N ILE C 372 35.69 -5.57 16.41
CA ILE C 372 35.97 -4.68 17.51
C ILE C 372 34.99 -4.99 18.64
N GLY C 373 35.38 -4.62 19.84
CA GLY C 373 34.52 -4.76 20.99
C GLY C 373 34.85 -3.73 22.03
N THR C 374 33.91 -3.50 22.93
CA THR C 374 33.98 -2.47 23.94
C THR C 374 34.30 -2.83 25.39
N PRO C 375 34.45 -4.13 25.77
CA PRO C 375 34.66 -4.32 27.21
C PRO C 375 35.92 -3.66 27.81
N ALA C 376 37.05 -3.77 27.13
CA ALA C 376 38.30 -3.19 27.61
C ALA C 376 38.21 -1.65 27.80
N MET C 377 37.75 -0.93 26.78
CA MET C 377 37.63 0.52 26.87
C MET C 377 36.54 0.98 27.84
N THR C 378 35.50 0.18 28.02
CA THR C 378 34.50 0.45 29.06
C THR C 378 35.06 0.29 30.45
N THR C 379 35.92 -0.71 30.65
CA THR C 379 36.66 -0.82 31.91
C THR C 379 37.55 0.43 32.19
N ARG C 380 38.11 1.01 31.14
CA ARG C 380 38.91 2.23 31.26
C ARG C 380 38.07 3.54 31.38
N GLY C 381 36.75 3.43 31.47
CA GLY C 381 35.89 4.57 31.78
C GLY C 381 35.31 5.31 30.58
N ALA C 382 35.53 4.77 29.37
CA ALA C 382 34.90 5.32 28.18
C ALA C 382 33.36 5.24 28.27
N LYS C 383 32.72 6.31 27.84
CA LYS C 383 31.29 6.47 27.90
C LYS C 383 30.75 6.59 26.48
N GLU C 384 29.42 6.68 26.32
CA GLU C 384 28.81 6.68 24.98
C GLU C 384 29.39 7.73 24.06
N LYS C 385 29.60 8.91 24.62
CA LYS C 385 30.10 10.06 23.89
C LYS C 385 31.52 9.88 23.38
N ASP C 386 32.30 9.04 24.05
CA ASP C 386 33.67 8.73 23.62
C ASP C 386 33.71 7.80 22.42
N MET C 387 32.57 7.19 22.06
CA MET C 387 32.50 6.26 20.94
C MET C 387 32.59 6.98 19.60
N GLU C 388 32.12 8.24 19.54
CA GLU C 388 32.28 9.05 18.32
C GLU C 388 33.77 9.21 17.97
N PHE C 389 34.58 9.48 18.99
CA PHE C 389 36.02 9.62 18.79
C PHE C 389 36.63 8.32 18.30
N ILE C 390 36.21 7.20 18.88
CA ILE C 390 36.70 5.88 18.44
C ILE C 390 36.27 5.61 17.00
N ALA C 391 35.01 5.89 16.68
CA ALA C 391 34.52 5.80 15.31
C ALA C 391 35.33 6.67 14.36
N ASP C 392 35.55 7.94 14.77
CA ASP C 392 36.38 8.86 13.96
C ASP C 392 37.82 8.35 13.74
N VAL C 393 38.45 7.80 14.77
CA VAL C 393 39.80 7.25 14.61
C VAL C 393 39.81 6.08 13.65
N LEU C 394 38.81 5.20 13.78
CA LEU C 394 38.71 4.06 12.85
C LEU C 394 38.42 4.47 11.41
N ALA C 395 37.57 5.48 11.20
CA ALA C 395 37.31 6.01 9.85
C ALA C 395 38.59 6.65 9.24
N ARG C 396 39.30 7.42 10.05
CA ARG C 396 40.58 8.02 9.63
C ARG C 396 41.60 6.94 9.24
N ALA C 397 41.63 5.81 9.97
CA ALA C 397 42.49 4.67 9.63
C ALA C 397 42.08 3.98 8.36
N ILE C 398 40.78 3.81 8.18
CA ILE C 398 40.28 3.20 6.94
C ILE C 398 40.73 4.06 5.76
N LYS C 399 40.61 5.38 5.89
CA LYS C 399 40.97 6.30 4.79
C LYS C 399 42.49 6.34 4.54
N ILE C 400 43.29 6.35 5.60
CA ILE C 400 44.76 6.27 5.46
C ILE C 400 45.16 4.96 4.79
N THR C 401 44.47 3.87 5.16
CA THR C 401 44.70 2.58 4.55
C THR C 401 44.41 2.61 3.07
N VAL C 402 43.32 3.26 2.66
CA VAL C 402 42.97 3.38 1.23
C VAL C 402 44.06 4.17 0.47
N ASP C 403 44.52 5.28 1.07
CA ASP C 403 45.60 6.14 0.53
C ASP C 403 46.90 5.35 0.28
N LEU C 404 47.32 4.62 1.30
CA LEU C 404 48.52 3.78 1.24
C LEU C 404 48.45 2.66 0.24
N GLN C 405 47.28 2.05 0.10
CA GLN C 405 47.10 1.00 -0.89
C GLN C 405 47.24 1.53 -2.33
N GLU C 406 46.80 2.76 -2.56
CA GLU C 406 46.92 3.40 -3.85
C GLU C 406 48.39 3.69 -4.18
N GLN C 407 49.11 4.23 -3.20
CA GLN C 407 50.52 4.57 -3.38
C GLN C 407 51.45 3.36 -3.52
N TYR C 408 51.18 2.29 -2.78
CA TYR C 408 52.15 1.20 -2.63
C TYR C 408 51.74 -0.15 -3.18
N GLY C 409 50.46 -0.33 -3.52
CA GLY C 409 49.95 -1.61 -4.02
C GLY C 409 49.07 -2.36 -3.04
N LYS C 410 48.42 -3.42 -3.55
CA LYS C 410 47.51 -4.31 -2.81
C LYS C 410 48.20 -5.56 -2.19
N LYS C 411 49.53 -5.62 -2.27
CA LYS C 411 50.29 -6.73 -1.73
C LYS C 411 50.76 -6.29 -0.35
N LEU C 412 50.51 -7.14 0.66
CA LEU C 412 50.77 -6.78 2.06
C LEU C 412 52.22 -6.41 2.33
N VAL C 413 53.16 -7.08 1.66
CA VAL C 413 54.61 -6.79 1.79
C VAL C 413 54.88 -5.33 1.43
N ASP C 414 54.31 -4.92 0.30
CA ASP C 414 54.44 -3.56 -0.21
C ASP C 414 53.69 -2.53 0.65
N PHE C 415 52.44 -2.86 1.02
CA PHE C 415 51.60 -1.97 1.84
C PHE C 415 52.32 -1.56 3.10
N LYS C 416 52.78 -2.55 3.85
CA LYS C 416 53.49 -2.31 5.12
C LYS C 416 54.57 -1.26 4.95
N LYS C 417 55.30 -1.30 3.85
CA LYS C 417 56.40 -0.35 3.59
C LYS C 417 55.96 1.11 3.69
N GLY C 418 54.69 1.40 3.36
CA GLY C 418 54.12 2.73 3.52
C GLY C 418 53.91 3.22 4.95
N LEU C 419 53.78 2.27 5.88
CA LEU C 419 53.34 2.55 7.26
C LEU C 419 54.34 3.33 8.12
N PRO C 420 55.60 2.85 8.19
CA PRO C 420 56.55 3.59 9.01
C PRO C 420 56.85 4.94 8.37
N GLY C 421 56.82 5.98 9.20
CA GLY C 421 57.11 7.34 8.76
C GLY C 421 55.91 8.18 8.34
N ASN C 422 54.85 7.55 7.81
CA ASN C 422 53.66 8.27 7.32
C ASN C 422 53.22 9.31 8.36
N ALA C 423 53.25 10.57 7.94
CA ALA C 423 52.89 11.71 8.79
C ALA C 423 51.49 11.58 9.39
N GLN C 424 50.54 11.11 8.60
CA GLN C 424 49.13 11.07 9.05
C GLN C 424 48.96 10.11 10.23
N LEU C 425 49.57 8.93 10.10
CA LEU C 425 49.58 7.93 11.15
C LEU C 425 50.29 8.40 12.40
N GLN C 426 51.43 9.09 12.25
CA GLN C 426 52.17 9.65 13.41
C GLN C 426 51.30 10.65 14.12
N GLN C 427 50.62 11.48 13.33
CA GLN C 427 49.67 12.45 13.84
C GLN C 427 48.53 11.73 14.61
N LEU C 428 47.99 10.67 14.00
CA LEU C 428 46.85 9.97 14.57
C LEU C 428 47.25 9.18 15.81
N LYS C 429 48.36 8.44 15.71
CA LYS C 429 48.96 7.75 16.86
C LYS C 429 49.09 8.66 18.08
N GLN C 430 49.63 9.86 17.85
CA GLN C 430 49.84 10.84 18.90
C GLN C 430 48.54 11.20 19.60
N GLU C 431 47.46 11.39 18.83
CA GLU C 431 46.13 11.66 19.39
C GLU C 431 45.59 10.45 20.17
N VAL C 432 45.75 9.25 19.63
CA VAL C 432 45.38 8.02 20.35
C VAL C 432 46.10 7.94 21.68
N VAL C 433 47.43 8.07 21.64
CA VAL C 433 48.28 8.00 22.84
C VAL C 433 47.81 9.00 23.91
N THR C 434 47.49 10.23 23.53
CA THR C 434 47.11 11.29 24.49
C THR C 434 45.79 10.99 25.16
N TRP C 435 44.84 10.50 24.38
CA TRP C 435 43.54 10.21 24.92
C TRP C 435 43.60 8.95 25.78
N ALA C 436 44.12 7.86 25.20
CA ALA C 436 44.27 6.56 25.90
C ALA C 436 45.08 6.67 27.18
N GLY C 437 46.24 7.31 27.05
CA GLY C 437 47.19 7.53 28.14
C GLY C 437 46.61 8.06 29.42
N ALA C 438 45.62 8.95 29.33
CA ALA C 438 45.05 9.63 30.52
C ALA C 438 43.80 8.99 31.14
N LEU C 439 43.27 7.97 30.50
CA LEU C 439 42.09 7.27 31.01
C LEU C 439 42.47 6.43 32.20
N PRO C 440 41.51 6.19 33.14
CA PRO C 440 41.75 5.28 34.26
C PRO C 440 42.40 3.98 33.81
N PHE C 441 43.19 3.37 34.68
CA PHE C 441 43.91 2.15 34.35
C PHE C 441 44.05 1.32 35.62
N PRO C 442 43.44 0.11 35.66
CA PRO C 442 43.77 -0.78 36.76
C PRO C 442 45.16 -1.42 36.59
N1 PLG D . -25.59 19.40 -14.76
C2 PLG D . -26.24 19.85 -15.86
C2A PLG D . -26.59 21.30 -16.05
C3 PLG D . -26.58 18.88 -16.94
O3 PLG D . -27.22 19.27 -18.04
C4 PLG D . -26.23 17.46 -16.76
C4A PLG D . -26.60 16.42 -17.81
C5 PLG D . -25.53 17.09 -15.51
C6 PLG D . -25.26 18.10 -14.56
C5A PLG D . -25.16 15.66 -15.21
OP4 PLG D . -24.11 15.09 -15.99
P PLG D . -23.96 13.46 -15.89
OP1 PLG D . -24.32 13.00 -14.51
OP2 PLG D . -24.95 13.07 -16.95
OP3 PLG D . -22.54 13.27 -16.34
C PLG D . -28.46 16.48 -21.00
O PLG D . -28.68 15.78 -22.00
OXT PLG D . -28.48 17.71 -21.07
CA PLG D . -28.10 15.80 -19.69
N PLG D . -27.71 16.74 -18.66
C5 8A6 E . -33.61 15.85 -18.66
C4 8A6 E . -34.73 16.38 -19.52
C6 8A6 E . -32.81 16.68 -17.77
C3 8A6 E . -35.04 17.86 -19.23
C2 8A6 E . -34.25 18.60 -18.40
O36 8A6 E . -39.71 11.93 -12.15
S30 8A6 E . -38.91 11.11 -13.03
O35 8A6 E . -37.73 10.70 -12.33
N34 8A6 E . -39.71 9.72 -13.37
C38 8A6 E . -38.76 8.65 -13.86
C37 8A6 E . -40.98 9.90 -14.16
C39 8A6 E . -41.40 8.75 -15.06
C44 8A6 E . -41.05 8.80 -16.43
C43 8A6 E . -41.42 7.74 -17.28
C42 8A6 E . -42.14 6.67 -16.76
C41 8A6 E . -42.48 6.63 -15.41
C40 8A6 E . -42.12 7.68 -14.56
C27 8A6 E . -38.49 11.96 -14.33
C26 8A6 E . -39.40 12.86 -14.90
C25 8A6 E . -39.07 13.59 -16.02
C28 8A6 E . -37.21 11.82 -14.91
C29 8A6 E . -36.88 12.55 -16.05
C22 8A6 E . -37.80 13.44 -16.61
C20 8A6 E . -37.47 14.22 -17.83
C19 8A6 E . -38.46 14.23 -18.80
C18 8A6 E . -38.26 14.92 -19.99
C23 8A6 E . -39.38 14.92 -20.98
F33 8A6 E . -39.82 13.68 -21.18
F32 8A6 E . -38.99 15.48 -22.10
F31 8A6 E . -40.35 15.66 -20.47
C17 8A6 E . -37.07 15.60 -20.20
C21 8A6 E . -36.26 14.88 -18.04
C16 8A6 E . -36.03 15.59 -19.24
C14 8A6 E . -34.28 16.40 -21.00
C24 8A6 E . -33.04 17.25 -21.31
C15 8A6 E . -34.14 14.99 -21.52
C8 8A6 E . -36.04 18.41 -19.82
N9 8A6 E . -36.96 18.91 -20.34
N7 8A6 E . -34.48 19.90 -18.12
C10 8A6 E . -32.99 14.50 -18.39
C13 8A6 E . -33.31 13.14 -18.95
N11 8A6 E . -32.01 14.70 -17.49
N12 8A6 E . -31.86 16.05 -17.06
O1 8A6 E . -33.08 18.02 -17.72
CL CL F . -13.92 5.43 -18.10
N1 PLG G . -16.53 -2.26 -1.40
C2 PLG G . -15.45 -2.90 -0.88
C2A PLG G . -15.59 -4.15 -0.02
C3 PLG G . -14.10 -2.36 -1.16
O3 PLG G . -13.00 -2.95 -0.67
C4 PLG G . -13.99 -1.15 -1.99
C4A PLG G . -12.63 -0.55 -2.31
C5 PLG G . -15.24 -0.53 -2.51
C6 PLG G . -16.46 -1.14 -2.16
C5A PLG G . -15.26 0.74 -3.36
OP4 PLG G . -14.73 0.67 -4.69
P PLG G . -14.37 2.07 -5.50
OP1 PLG G . -12.97 2.31 -5.05
OP2 PLG G . -15.34 3.15 -5.04
OP3 PLG G . -14.45 1.63 -6.92
C PLG G . -9.16 -1.32 -1.47
O PLG G . -9.45 -2.43 -1.01
OXT PLG G . -8.00 -1.05 -1.79
CA PLG G . -10.23 -0.29 -1.69
N PLG G . -11.55 -0.81 -1.38
C5 8A6 H . -9.20 1.64 3.39
C4 8A6 H . -8.13 1.12 4.34
C6 8A6 H . -10.53 1.02 3.26
C3 8A6 H . -8.66 -0.04 5.22
C2 8A6 H . -9.91 -0.58 5.03
O36 8A6 H . -11.56 9.24 8.99
S30 8A6 H . -10.86 9.40 7.74
O35 8A6 H . -11.82 9.68 6.72
N34 8A6 H . -9.92 10.75 7.78
C38 8A6 H . -9.25 11.01 6.47
C37 8A6 H . -9.09 10.96 9.03
C39 8A6 H . -7.57 10.75 8.97
C44 8A6 H . -6.74 11.70 8.35
C43 8A6 H . -5.35 11.49 8.29
C42 8A6 H . -4.78 10.36 8.88
C41 8A6 H . -5.61 9.41 9.51
C40 8A6 H . -7.00 9.61 9.56
C27 8A6 H . -10.08 8.03 7.36
C26 8A6 H . -9.47 7.29 8.38
C25 8A6 H . -8.80 6.11 8.07
C28 8A6 H . -10.00 7.57 6.04
C29 8A6 H . -9.30 6.39 5.73
C22 8A6 H . -8.70 5.66 6.75
C20 8A6 H . -7.96 4.39 6.46
C19 8A6 H . -6.77 4.17 7.14
C18 8A6 H . -6.03 3.01 6.92
C23 8A6 H . -4.78 2.79 7.69
F33 8A6 H . -4.05 3.91 7.72
F32 8A6 H . -4.08 1.78 7.21
F31 8A6 H . -5.16 2.43 8.90
C17 8A6 H . -6.50 2.06 6.02
C21 8A6 H . -8.42 3.43 5.55
C16 8A6 H . -7.69 2.24 5.31
C14 8A6 H . -6.98 0.50 3.53
C24 8A6 H . -7.40 -0.67 2.59
C15 8A6 H . -6.18 1.56 2.81
C8 8A6 H . -7.90 -0.54 6.14
N9 8A6 H . -7.20 -1.00 6.96
N7 8A6 H . -10.40 -1.59 5.78
C10 8A6 H . -9.33 2.78 2.41
C13 8A6 H . -8.35 3.87 2.03
N11 8A6 H . -10.57 2.68 1.88
N12 8A6 H . -11.35 1.62 2.38
O1 8A6 H . -10.82 -0.08 4.01
N1 PLG I . 35.33 -20.33 23.43
C2 PLG I . 35.04 -19.19 22.76
C2A PLG I . 33.65 -18.85 22.26
C3 PLG I . 36.14 -18.24 22.49
O3 PLG I . 35.90 -17.12 21.82
C4 PLG I . 37.50 -18.58 22.96
C4A PLG I . 38.67 -17.65 22.71
C5 PLG I . 37.68 -19.86 23.69
C6 PLG I . 36.56 -20.67 23.87
C5A PLG I . 39.04 -20.32 24.20
OP4 PLG I . 39.60 -19.58 25.27
P PLG I . 41.16 -19.83 25.68
OP1 PLG I . 41.55 -21.26 25.42
OP2 PLG I . 41.82 -18.84 24.74
OP3 PLG I . 41.20 -19.39 27.12
C PLG I . 39.08 -14.50 20.87
O PLG I . 39.85 -13.56 20.71
OXT PLG I . 37.86 -14.37 20.73
CA PLG I . 39.63 -15.84 21.30
N PLG I . 38.57 -16.80 21.56
C5 8A6 J . 39.86 -16.99 15.80
C4 8A6 J . 39.57 -16.03 14.68
C6 8A6 J . 38.84 -17.80 16.47
C3 8A6 J . 38.09 -16.09 14.25
C2 8A6 J . 37.16 -16.85 14.91
O36 8A6 J . 43.81 -23.72 10.00
S30 8A6 J . 44.66 -22.91 10.83
O35 8A6 J . 44.95 -23.63 12.04
N34 8A6 J . 46.13 -22.71 10.11
C38 8A6 J . 47.09 -22.05 11.05
C37 8A6 J . 46.08 -22.21 8.69
C39 8A6 J . 46.79 -20.89 8.39
C44 8A6 J . 48.19 -20.81 8.40
C43 8A6 J . 48.83 -19.60 8.14
C42 8A6 J . 48.08 -18.47 7.85
C41 8A6 J . 46.69 -18.53 7.83
C40 8A6 J . 46.04 -19.74 8.09
C27 8A6 J . 43.92 -21.54 11.20
C26 8A6 J . 43.09 -20.93 10.25
C25 8A6 J . 42.45 -19.74 10.56
C28 8A6 J . 44.09 -20.95 12.45
C29 8A6 J . 43.44 -19.74 12.77
C22 8A6 J . 42.62 -19.14 11.83
C20 8A6 J . 41.91 -17.86 12.10
C19 8A6 J . 42.04 -16.87 11.14
C18 8A6 J . 41.40 -15.65 11.30
C23 8A6 J . 41.53 -14.59 10.25
F33 8A6 J . 42.62 -14.76 9.51
F32 8A6 J . 41.58 -13.43 10.85
F31 8A6 J . 40.43 -14.64 9.52
C17 8A6 J . 40.63 -15.42 12.44
C21 8A6 J . 41.12 -17.62 13.26
C16 8A6 J . 40.46 -16.38 13.45
C14 8A6 J . 39.78 -14.59 15.22
C24 8A6 J . 39.00 -14.26 16.52
C15 8A6 J . 41.25 -14.19 15.36
C8 8A6 J . 37.72 -15.40 13.24
N9 8A6 J . 37.38 -14.76 12.32
N7 8A6 J . 35.87 -16.93 14.54
C10 8A6 J . 41.10 -17.43 16.55
C13 8A6 J . 42.53 -17.02 16.35
N11 8A6 J . 40.68 -18.35 17.45
N12 8A6 J . 39.29 -18.61 17.44
O1 8A6 J . 37.53 -17.67 16.08
CL CL K . 48.47 -18.43 36.46
#